data_7AYR
#
_entry.id   7AYR
#
_cell.length_a   149.563
_cell.length_b   149.563
_cell.length_c   269.633
_cell.angle_alpha   90.000
_cell.angle_beta   90.000
_cell.angle_gamma   120.000
#
_symmetry.space_group_name_H-M   'P 61'
#
loop_
_entity.id
_entity.type
_entity.pdbx_description
1 polymer 'Dipeptidyl peptidase 8'
2 non-polymer 'trimethylamine oxide'
3 non-polymer 'PHOSPHATE ION'
4 non-polymer ~{N}-[3-[[4-[(4-bromophenyl)methyl]piperazin-1-yl]methyl]phenyl]-4-methanoyl-oxane-4-carboxamide
5 water water
#
_entity_poly.entity_id   1
_entity_poly.type   'polypeptide(L)'
_entity_poly.pdbx_seq_one_letter_code
;MWKRSEQMKIKSGKCNMAAAMETEQLGVEIFETADCEENIESQDRPKLEPFYVERYSWSQLKKLLADTRKYHGYMMAKAP
HDFMFVKRNDPDGPHSDRIYYLAMSGENRENTLFYSEIPKTINRAAVLMLSWKPLLDLFQATLDYGMYSREEELLRERKR
IGTVGIASYDYHQGSGTFLFQAGSGIYHVKDGGPQGFTQQPLRPNLVETSCPNIRMDPKLCPADPDWIAFIHSNDIWISN
IVTREERRLTYVHNELANMEEDARSAGVATFVLQEEFDRYSGYWWCPKAETTPSGGKILRILYEENDESEVEIIHVTSPM
LETRRADSFRYPKTGTANPKVTFKMSEIMIDAEGRIIDVIDKELIQPFEILFEGVEYIARAGWTPEGKYAWSILLDRSQT
RLQIVLISPELFIPVEDDVMERQRLIESVPDSVTPLIIYEETTDIWINIHDIFHVFPQSHEEEIEFIFASECKTGFRHLY
KITSILKESKYKRSSGGLPAPSDFKCPIKEEIAITSGEWEVLGRHGSNIQVDEVRRLVYFEGTKDSPLEHHLYVVSYVNP
GEVTRLTDRGYSHSCCISQHCDFFISKYSNQKNPHCVSLYKLSSPEDDPTCKTKEFWATILDSAGPLPDYTPPEIFSFES
TTGFTLYGMLYKPHDLQPGKKYPTVLFIYGGPQVQLVNNRFKGVKYFRLNTLASLGYVVVVIDNRGSCHRGLKFEGAFKY
KMGQIEIDDQVEGLQYLASRYDFIDLDRVGIHGWSYGGYLSLMALMQRSDIFRVAIAGAPVTLWIFYDTGYTERYMGHPD
QNEQGYYLGSVAMQAEKFPSEPNRLLLLHGFLDENVHFAHTSILLSFLVRAGKPYDLQIYPQERHSIRVPESGEHYELHL
LHYLQENLGSRIAALKVI
;
_entity_poly.pdbx_strand_id   A,B
#
# COMPACT_ATOMS: atom_id res chain seq x y z
N LEU A 48 -41.88 -29.13 4.69
CA LEU A 48 -40.40 -29.32 4.81
C LEU A 48 -39.81 -28.43 5.91
N GLU A 49 -39.23 -29.03 6.95
CA GLU A 49 -38.76 -28.29 8.16
C GLU A 49 -37.26 -27.99 8.00
N PRO A 50 -36.84 -26.70 8.11
CA PRO A 50 -35.45 -26.34 7.82
C PRO A 50 -34.41 -26.81 8.84
N PHE A 51 -33.32 -27.43 8.36
CA PHE A 51 -32.12 -27.80 9.16
C PHE A 51 -31.32 -26.54 9.53
N TYR A 52 -30.86 -26.46 10.78
CA TYR A 52 -29.99 -25.38 11.31
C TYR A 52 -28.69 -26.01 11.81
N VAL A 53 -27.55 -25.52 11.33
CA VAL A 53 -26.23 -26.12 11.64
C VAL A 53 -25.94 -25.84 13.11
N GLU A 54 -25.24 -26.76 13.77
CA GLU A 54 -24.90 -26.57 15.20
C GLU A 54 -24.10 -25.28 15.28
N ARG A 55 -24.57 -24.34 16.10
CA ARG A 55 -23.88 -23.04 16.26
C ARG A 55 -22.66 -23.27 17.13
N TYR A 56 -21.48 -23.40 16.52
CA TYR A 56 -20.21 -23.55 17.27
C TYR A 56 -19.64 -22.17 17.63
N SER A 57 -18.86 -22.14 18.70
CA SER A 57 -18.03 -20.98 19.04
C SER A 57 -16.81 -20.97 18.12
N TRP A 58 -16.21 -19.81 17.96
CA TRP A 58 -14.93 -19.61 17.25
C TRP A 58 -13.93 -20.66 17.70
N SER A 59 -13.70 -20.79 19.01
CA SER A 59 -12.67 -21.72 19.58
C SER A 59 -13.02 -23.17 19.26
N GLN A 60 -14.31 -23.52 19.26
CA GLN A 60 -14.80 -24.87 18.89
C GLN A 60 -14.50 -25.12 17.42
N LEU A 61 -14.98 -24.23 16.54
CA LEU A 61 -14.73 -24.31 15.07
C LEU A 61 -13.23 -24.42 14.80
N LYS A 62 -12.41 -23.58 15.45
CA LYS A 62 -10.95 -23.59 15.19
C LYS A 62 -10.42 -25.00 15.45
N LYS A 63 -10.85 -25.60 16.57
CA LYS A 63 -10.46 -26.96 17.05
C LYS A 63 -10.96 -27.99 16.03
N LEU A 64 -12.24 -27.93 15.64
CA LEU A 64 -12.79 -28.83 14.59
C LEU A 64 -11.88 -28.82 13.36
N LEU A 65 -11.60 -27.64 12.79
CA LEU A 65 -10.72 -27.51 11.60
C LEU A 65 -9.38 -28.18 11.89
N ALA A 66 -8.78 -27.94 13.05
CA ALA A 66 -7.43 -28.47 13.35
C ALA A 66 -7.46 -30.01 13.40
N ASP A 67 -8.47 -30.59 14.04
CA ASP A 67 -8.57 -32.07 14.17
C ASP A 67 -8.66 -32.68 12.77
N THR A 68 -9.56 -32.17 11.93
CA THR A 68 -9.82 -32.67 10.56
C THR A 68 -8.60 -32.47 9.66
N ARG A 69 -7.79 -31.42 9.88
CA ARG A 69 -6.59 -31.12 9.06
C ARG A 69 -5.60 -32.29 9.17
N LYS A 70 -5.37 -32.79 10.39
CA LYS A 70 -4.51 -33.99 10.65
C LYS A 70 -5.03 -35.16 9.80
N ALA A 77 2.72 -32.78 -1.00
CA ALA A 77 3.99 -33.39 -1.50
C ALA A 77 3.87 -33.71 -3.01
N LYS A 78 4.68 -33.04 -3.84
CA LYS A 78 4.67 -33.18 -5.33
C LYS A 78 4.95 -34.63 -5.76
N ALA A 79 4.00 -35.20 -6.52
CA ALA A 79 4.08 -36.51 -7.19
C ALA A 79 5.23 -36.50 -8.19
N PRO A 80 5.90 -37.65 -8.39
CA PRO A 80 6.91 -37.74 -9.44
C PRO A 80 6.51 -37.02 -10.74
N HIS A 81 7.39 -36.19 -11.30
CA HIS A 81 7.14 -35.41 -12.54
C HIS A 81 8.45 -35.17 -13.32
N ASP A 82 8.35 -34.66 -14.53
CA ASP A 82 9.52 -34.38 -15.41
C ASP A 82 10.34 -35.66 -15.55
N PHE A 83 9.67 -36.73 -15.96
CA PHE A 83 10.31 -38.05 -16.20
C PHE A 83 11.21 -38.00 -17.42
N MET A 84 12.25 -38.82 -17.41
CA MET A 84 13.08 -39.03 -18.61
C MET A 84 13.56 -40.47 -18.60
N PHE A 85 13.59 -41.12 -19.77
CA PHE A 85 13.99 -42.53 -19.90
C PHE A 85 15.35 -42.61 -20.60
N VAL A 86 16.32 -43.21 -19.92
CA VAL A 86 17.66 -43.47 -20.51
C VAL A 86 17.82 -44.98 -20.62
N LYS A 87 18.21 -45.42 -21.82
CA LYS A 87 18.46 -46.86 -22.10
C LYS A 87 19.73 -47.27 -21.38
N ARG A 88 19.75 -48.46 -20.80
CA ARG A 88 20.96 -49.06 -20.17
C ARG A 88 21.94 -49.57 -21.24
N ASN A 89 21.45 -50.17 -22.34
CA ASN A 89 22.31 -50.77 -23.40
C ASN A 89 23.34 -51.76 -22.82
N ASP A 90 22.90 -52.70 -21.99
CA ASP A 90 23.75 -53.69 -21.28
C ASP A 90 23.11 -55.08 -21.35
N PRO A 91 23.46 -55.94 -22.35
CA PRO A 91 22.83 -57.26 -22.50
C PRO A 91 22.84 -58.18 -21.27
N ASP A 92 23.85 -58.12 -20.42
CA ASP A 92 24.02 -59.11 -19.32
C ASP A 92 23.21 -58.67 -18.12
N GLY A 93 22.78 -57.41 -18.07
CA GLY A 93 22.16 -56.80 -16.87
C GLY A 93 20.64 -56.95 -16.88
N PRO A 94 19.97 -56.76 -15.73
CA PRO A 94 18.52 -56.96 -15.65
C PRO A 94 17.57 -55.82 -16.09
N HIS A 95 18.08 -54.63 -16.37
CA HIS A 95 17.26 -53.39 -16.50
C HIS A 95 17.36 -52.86 -17.93
N SER A 96 16.23 -52.41 -18.50
CA SER A 96 16.14 -51.89 -19.90
C SER A 96 16.44 -50.38 -19.92
N ASP A 97 16.07 -49.71 -18.82
CA ASP A 97 15.94 -48.23 -18.73
C ASP A 97 16.21 -47.84 -17.29
N ARG A 98 16.80 -46.66 -17.14
CA ARG A 98 16.71 -45.90 -15.86
C ARG A 98 15.75 -44.74 -16.11
N ILE A 99 14.86 -44.47 -15.17
CA ILE A 99 13.98 -43.26 -15.28
C ILE A 99 14.45 -42.24 -14.24
N TYR A 100 14.69 -41.02 -14.68
CA TYR A 100 14.96 -39.88 -13.77
C TYR A 100 13.68 -39.06 -13.63
N TYR A 101 13.42 -38.53 -12.45
CA TYR A 101 12.30 -37.63 -12.20
C TYR A 101 12.58 -36.77 -10.97
N LEU A 102 11.78 -35.73 -10.85
CA LEU A 102 11.70 -34.80 -9.71
C LEU A 102 10.52 -35.23 -8.85
N ALA A 103 10.67 -35.13 -7.53
CA ALA A 103 9.64 -35.48 -6.51
C ALA A 103 10.14 -35.06 -5.12
N MET A 104 9.21 -34.99 -4.17
CA MET A 104 9.40 -34.89 -2.71
C MET A 104 8.93 -36.22 -2.10
N SER A 105 9.64 -36.82 -1.12
CA SER A 105 9.09 -37.95 -0.30
C SER A 105 8.77 -37.50 1.14
N ASN A 108 6.63 -32.57 3.41
CA ASN A 108 7.58 -31.66 4.09
C ASN A 108 9.03 -32.00 3.67
N ARG A 109 9.52 -31.43 2.56
CA ARG A 109 10.87 -31.77 2.01
C ARG A 109 11.15 -30.98 0.72
N GLU A 110 12.45 -30.83 0.41
CA GLU A 110 12.95 -30.23 -0.86
C GLU A 110 12.55 -31.13 -2.05
N ASN A 111 11.97 -30.55 -3.09
CA ASN A 111 11.75 -31.19 -4.40
C ASN A 111 13.12 -31.48 -5.05
N THR A 112 13.45 -32.73 -5.37
CA THR A 112 14.80 -33.12 -5.89
C THR A 112 14.71 -34.28 -6.89
N LEU A 113 15.83 -34.56 -7.56
CA LEU A 113 16.01 -35.59 -8.60
C LEU A 113 16.16 -37.00 -7.99
N PHE A 114 15.42 -37.94 -8.54
CA PHE A 114 15.41 -39.36 -8.13
C PHE A 114 15.51 -40.19 -9.38
N TYR A 115 15.92 -41.45 -9.25
CA TYR A 115 15.91 -42.39 -10.40
C TYR A 115 15.34 -43.71 -9.92
N SER A 116 14.85 -44.49 -10.89
CA SER A 116 14.29 -45.83 -10.64
C SER A 116 14.76 -46.73 -11.75
N GLU A 117 14.85 -48.02 -11.42
CA GLU A 117 15.38 -49.07 -12.31
C GLU A 117 14.21 -49.80 -13.00
N ILE A 118 14.12 -49.71 -14.33
CA ILE A 118 13.09 -50.46 -15.10
C ILE A 118 13.66 -51.83 -15.48
N PRO A 119 13.10 -52.91 -14.90
CA PRO A 119 13.53 -54.27 -15.22
C PRO A 119 13.03 -54.75 -16.61
N LYS A 120 13.93 -55.43 -17.34
CA LYS A 120 13.69 -56.18 -18.60
C LYS A 120 12.49 -57.15 -18.50
N THR A 121 12.22 -57.69 -17.32
CA THR A 121 11.11 -58.64 -17.07
C THR A 121 10.54 -58.42 -15.66
N ILE A 122 9.31 -58.87 -15.43
CA ILE A 122 8.59 -58.71 -14.14
C ILE A 122 7.91 -60.04 -13.85
N ASN A 123 7.60 -60.28 -12.58
CA ASN A 123 6.75 -61.45 -12.24
C ASN A 123 5.31 -60.94 -12.36
N ARG A 124 4.63 -61.32 -13.46
CA ARG A 124 3.26 -60.86 -13.82
C ARG A 124 2.17 -61.33 -12.85
N ALA A 125 2.50 -62.22 -11.90
CA ALA A 125 1.65 -62.61 -10.75
C ALA A 125 1.64 -61.51 -9.68
N ALA A 126 2.78 -60.86 -9.43
CA ALA A 126 2.97 -59.84 -8.37
C ALA A 126 2.86 -58.40 -8.94
N VAL A 127 2.96 -57.41 -8.06
CA VAL A 127 2.98 -55.95 -8.36
C VAL A 127 4.33 -55.39 -7.89
N LEU A 128 5.13 -54.87 -8.83
CA LEU A 128 6.44 -54.24 -8.56
C LEU A 128 6.23 -52.76 -8.18
N MET A 129 6.57 -52.40 -6.93
CA MET A 129 6.76 -50.99 -6.47
C MET A 129 8.20 -50.53 -6.77
N LEU A 130 8.43 -49.64 -7.73
CA LEU A 130 9.82 -49.13 -8.01
C LEU A 130 10.31 -48.40 -6.75
N SER A 131 11.58 -48.59 -6.37
CA SER A 131 12.13 -47.81 -5.24
C SER A 131 12.79 -46.54 -5.80
N TRP A 132 12.65 -45.45 -5.05
CA TRP A 132 13.22 -44.14 -5.43
C TRP A 132 14.66 -44.02 -4.94
N LYS A 133 15.61 -43.91 -5.85
CA LYS A 133 17.04 -43.73 -5.50
C LYS A 133 17.36 -42.25 -5.63
N PRO A 134 17.80 -41.57 -4.55
CA PRO A 134 18.17 -40.16 -4.66
C PRO A 134 19.40 -40.06 -5.55
N LEU A 135 19.35 -39.16 -6.53
CA LEU A 135 20.42 -39.02 -7.55
C LEU A 135 21.46 -38.06 -7.01
N LEU A 136 21.06 -37.15 -6.13
CA LEU A 136 21.97 -36.10 -5.62
C LEU A 136 22.29 -36.35 -4.14
N ASP A 137 23.47 -35.91 -3.75
CA ASP A 137 23.97 -35.89 -2.36
C ASP A 137 23.56 -34.55 -1.76
N LEU A 138 23.12 -34.55 -0.50
CA LEU A 138 22.67 -33.29 0.16
C LEU A 138 23.80 -32.26 0.02
N PHE A 139 23.43 -31.02 -0.28
CA PHE A 139 24.35 -29.85 -0.41
C PHE A 139 24.84 -29.48 0.99
N GLN A 140 26.07 -28.97 1.07
CA GLN A 140 26.73 -28.57 2.35
C GLN A 140 25.79 -27.68 3.20
N ILE A 166 14.92 -27.74 -6.36
CA ILE A 166 14.97 -28.01 -7.84
C ILE A 166 13.54 -28.03 -8.40
N ALA A 167 13.21 -27.14 -9.32
CA ALA A 167 11.86 -27.05 -9.93
C ALA A 167 11.89 -27.56 -11.37
N SER A 168 13.04 -27.64 -11.99
CA SER A 168 13.19 -28.10 -13.38
C SER A 168 14.65 -28.54 -13.61
N TYR A 169 14.91 -29.23 -14.70
CA TYR A 169 16.28 -29.65 -15.02
C TYR A 169 16.43 -29.85 -16.52
N ASP A 170 17.66 -29.76 -16.97
CA ASP A 170 18.02 -29.86 -18.40
C ASP A 170 18.90 -31.12 -18.48
N TYR A 171 19.02 -31.74 -19.66
CA TYR A 171 19.80 -32.99 -19.81
C TYR A 171 20.34 -33.07 -21.24
N HIS A 172 21.48 -33.74 -21.38
CA HIS A 172 22.20 -33.87 -22.67
C HIS A 172 22.61 -35.32 -22.80
N GLN A 173 21.76 -36.06 -23.54
CA GLN A 173 21.75 -37.52 -23.79
C GLN A 173 23.18 -38.01 -24.07
N GLY A 174 23.85 -37.38 -25.04
CA GLY A 174 25.18 -37.77 -25.56
C GLY A 174 26.28 -37.78 -24.52
N SER A 175 26.23 -36.88 -23.53
CA SER A 175 27.26 -36.68 -22.48
C SER A 175 26.76 -37.15 -21.12
N GLY A 176 25.43 -37.24 -20.97
CA GLY A 176 24.77 -37.53 -19.69
C GLY A 176 24.87 -36.41 -18.65
N THR A 177 25.04 -35.14 -19.08
CA THR A 177 25.10 -33.98 -18.15
C THR A 177 23.68 -33.57 -17.71
N PHE A 178 23.39 -33.55 -16.41
CA PHE A 178 22.26 -32.78 -15.82
C PHE A 178 22.69 -31.36 -15.43
N LEU A 179 21.88 -30.35 -15.72
CA LEU A 179 22.06 -28.95 -15.29
C LEU A 179 20.80 -28.53 -14.53
N PHE A 180 20.94 -27.83 -13.43
CA PHE A 180 19.74 -27.40 -12.67
C PHE A 180 20.10 -26.33 -11.64
N GLN A 181 19.11 -25.49 -11.34
CA GLN A 181 19.18 -24.47 -10.29
C GLN A 181 18.59 -25.07 -9.02
N ALA A 182 19.31 -24.89 -7.92
CA ALA A 182 18.97 -25.26 -6.53
C ALA A 182 19.33 -24.08 -5.63
N GLY A 183 18.35 -23.36 -5.10
CA GLY A 183 18.59 -22.08 -4.41
C GLY A 183 19.34 -21.10 -5.31
N SER A 184 20.40 -20.48 -4.78
CA SER A 184 21.17 -19.42 -5.48
C SER A 184 22.07 -20.02 -6.56
N GLY A 185 22.29 -21.33 -6.51
CA GLY A 185 23.35 -21.99 -7.29
C GLY A 185 22.83 -22.70 -8.51
N ILE A 186 23.68 -22.76 -9.52
CA ILE A 186 23.52 -23.66 -10.68
C ILE A 186 24.52 -24.81 -10.50
N TYR A 187 24.04 -26.03 -10.46
CA TYR A 187 24.89 -27.23 -10.30
C TYR A 187 24.75 -28.15 -11.52
N HIS A 188 25.67 -29.10 -11.66
CA HIS A 188 25.59 -30.12 -12.73
C HIS A 188 26.16 -31.45 -12.22
N VAL A 189 25.70 -32.56 -12.82
CA VAL A 189 26.21 -33.94 -12.53
C VAL A 189 26.18 -34.72 -13.84
N LYS A 190 26.75 -35.92 -13.85
CA LYS A 190 26.73 -36.81 -15.04
C LYS A 190 26.09 -38.11 -14.61
N ASP A 191 25.17 -38.62 -15.41
CA ASP A 191 24.65 -40.00 -15.31
C ASP A 191 24.10 -40.43 -16.66
N GLY A 192 24.39 -41.66 -17.04
CA GLY A 192 23.75 -42.36 -18.19
C GLY A 192 24.39 -42.01 -19.51
N GLY A 193 25.42 -41.16 -19.49
CA GLY A 193 26.25 -40.90 -20.68
C GLY A 193 27.21 -42.05 -20.91
N PRO A 194 28.28 -41.85 -21.71
CA PRO A 194 29.39 -42.80 -21.78
C PRO A 194 29.97 -43.15 -20.39
N GLN A 195 29.96 -42.22 -19.44
CA GLN A 195 30.63 -42.43 -18.14
C GLN A 195 29.86 -43.48 -17.34
N GLY A 196 28.65 -43.85 -17.76
CA GLY A 196 27.92 -44.99 -17.16
C GLY A 196 26.93 -44.56 -16.10
N PHE A 197 26.51 -45.50 -15.25
CA PHE A 197 25.38 -45.34 -14.30
C PHE A 197 25.89 -45.48 -12.86
N THR A 198 25.56 -44.50 -12.02
CA THR A 198 26.02 -44.45 -10.61
C THR A 198 25.16 -45.47 -9.89
N GLN A 199 25.67 -46.03 -8.80
CA GLN A 199 24.87 -46.83 -7.85
C GLN A 199 24.77 -46.06 -6.54
N GLN A 200 25.19 -44.81 -6.50
CA GLN A 200 25.04 -44.02 -5.25
C GLN A 200 24.85 -42.55 -5.60
N PRO A 201 24.37 -41.74 -4.64
CA PRO A 201 24.11 -40.33 -4.88
C PRO A 201 25.38 -39.63 -5.37
N LEU A 202 25.22 -38.73 -6.34
CA LEU A 202 26.30 -37.93 -6.92
C LEU A 202 26.40 -36.61 -6.18
N ARG A 203 27.59 -35.99 -6.19
CA ARG A 203 27.79 -34.69 -5.52
C ARG A 203 27.55 -33.59 -6.56
N PRO A 204 26.58 -32.68 -6.33
CA PRO A 204 26.32 -31.60 -7.26
C PRO A 204 27.56 -30.72 -7.38
N ASN A 205 27.97 -30.40 -8.62
CA ASN A 205 29.16 -29.56 -8.88
C ASN A 205 28.69 -28.15 -9.21
N LEU A 206 29.10 -27.18 -8.42
CA LEU A 206 28.66 -25.78 -8.58
C LEU A 206 29.32 -25.18 -9.81
N VAL A 207 28.55 -24.44 -10.61
CA VAL A 207 29.05 -23.60 -11.72
C VAL A 207 29.46 -22.26 -11.10
N GLU A 208 30.77 -22.03 -11.02
CA GLU A 208 31.36 -20.87 -10.31
C GLU A 208 31.05 -19.64 -11.14
N THR A 209 30.85 -18.53 -10.48
CA THR A 209 30.47 -17.27 -11.13
C THR A 209 31.23 -16.12 -10.48
N SER A 210 31.28 -14.98 -11.17
CA SER A 210 31.70 -13.65 -10.63
C SER A 210 30.48 -12.74 -10.50
N CYS A 211 29.29 -13.23 -10.85
CA CYS A 211 28.08 -12.39 -10.94
C CYS A 211 27.58 -12.11 -9.53
N PRO A 212 27.32 -10.84 -9.18
CA PRO A 212 26.86 -10.52 -7.83
C PRO A 212 25.51 -11.14 -7.49
N ASN A 213 24.51 -10.95 -8.35
CA ASN A 213 23.10 -11.33 -8.09
C ASN A 213 22.82 -12.76 -8.58
N ILE A 214 21.61 -13.24 -8.27
CA ILE A 214 21.15 -14.63 -8.53
C ILE A 214 20.98 -14.85 -10.03
N ARG A 215 21.48 -16.00 -10.47
CA ARG A 215 21.38 -16.50 -11.87
C ARG A 215 20.04 -17.25 -12.03
N MET A 216 19.35 -17.05 -13.18
CA MET A 216 18.02 -17.64 -13.44
C MET A 216 18.08 -18.40 -14.77
N ASP A 217 17.24 -19.43 -14.94
CA ASP A 217 16.91 -20.01 -16.28
C ASP A 217 18.19 -20.52 -16.93
N PRO A 218 18.95 -21.37 -16.21
CA PRO A 218 20.12 -22.03 -16.80
C PRO A 218 19.67 -23.05 -17.86
N LYS A 219 20.41 -23.13 -18.98
CA LYS A 219 20.18 -24.14 -20.04
C LYS A 219 21.50 -24.60 -20.66
N LEU A 220 21.66 -25.92 -20.86
CA LEU A 220 22.77 -26.52 -21.62
C LEU A 220 22.66 -26.20 -23.10
N CYS A 221 23.81 -25.91 -23.72
CA CYS A 221 23.94 -25.86 -25.20
C CYS A 221 23.83 -27.29 -25.72
N PRO A 222 22.73 -27.66 -26.41
CA PRO A 222 22.60 -29.02 -26.93
C PRO A 222 23.75 -29.46 -27.86
N ALA A 223 24.43 -28.48 -28.48
CA ALA A 223 25.54 -28.70 -29.45
C ALA A 223 26.84 -29.06 -28.72
N ASP A 224 27.00 -28.64 -27.46
CA ASP A 224 28.26 -28.74 -26.70
C ASP A 224 27.92 -28.59 -25.21
N PRO A 225 27.90 -29.69 -24.44
CA PRO A 225 27.42 -29.65 -23.06
C PRO A 225 28.48 -29.15 -22.06
N ASP A 226 29.51 -28.47 -22.56
CA ASP A 226 30.48 -27.73 -21.72
C ASP A 226 29.90 -26.34 -21.44
N TRP A 227 29.10 -25.81 -22.36
CA TRP A 227 28.56 -24.43 -22.33
C TRP A 227 27.13 -24.42 -21.77
N ILE A 228 26.86 -23.55 -20.78
CA ILE A 228 25.48 -23.20 -20.38
C ILE A 228 25.22 -21.71 -20.67
N ALA A 229 23.93 -21.33 -20.72
CA ALA A 229 23.47 -19.93 -20.72
C ALA A 229 22.63 -19.75 -19.47
N PHE A 230 22.50 -18.51 -19.05
CA PHE A 230 21.65 -18.14 -17.89
C PHE A 230 21.41 -16.63 -17.95
N ILE A 231 20.46 -16.21 -17.13
CA ILE A 231 20.08 -14.79 -17.03
C ILE A 231 20.60 -14.27 -15.69
N HIS A 232 21.12 -13.04 -15.74
CA HIS A 232 21.63 -12.28 -14.57
C HIS A 232 21.26 -10.81 -14.79
N SER A 233 20.50 -10.21 -13.87
CA SER A 233 20.08 -8.79 -13.97
C SER A 233 19.60 -8.49 -15.39
N ASN A 234 18.73 -9.36 -15.91
CA ASN A 234 17.91 -9.16 -17.13
C ASN A 234 18.81 -9.13 -18.36
N ASP A 235 19.98 -9.78 -18.29
CA ASP A 235 20.86 -9.92 -19.47
C ASP A 235 21.28 -11.38 -19.60
N ILE A 236 21.62 -11.78 -20.82
CA ILE A 236 22.07 -13.17 -21.09
C ILE A 236 23.57 -13.26 -20.80
N TRP A 237 23.97 -14.32 -20.11
CA TRP A 237 25.37 -14.67 -19.84
C TRP A 237 25.62 -16.10 -20.33
N ILE A 238 26.88 -16.45 -20.62
CA ILE A 238 27.28 -17.87 -20.84
C ILE A 238 28.46 -18.21 -19.93
N SER A 239 28.65 -19.50 -19.70
CA SER A 239 29.64 -20.06 -18.75
C SER A 239 30.02 -21.46 -19.22
N ASN A 240 31.31 -21.72 -19.36
CA ASN A 240 31.86 -23.06 -19.68
C ASN A 240 32.12 -23.79 -18.36
N ILE A 241 31.58 -24.98 -18.16
CA ILE A 241 31.62 -25.70 -16.85
C ILE A 241 32.89 -26.55 -16.76
N VAL A 242 33.77 -26.47 -17.76
CA VAL A 242 35.08 -27.20 -17.80
C VAL A 242 36.18 -26.15 -17.63
N THR A 243 36.29 -25.19 -18.56
CA THR A 243 37.23 -24.03 -18.56
C THR A 243 36.92 -23.01 -17.44
N ARG A 244 35.67 -22.89 -16.99
CA ARG A 244 35.16 -21.88 -16.01
C ARG A 244 35.15 -20.47 -16.61
N GLU A 245 35.33 -20.37 -17.92
CA GLU A 245 35.21 -19.06 -18.59
C GLU A 245 33.74 -18.59 -18.46
N GLU A 246 33.55 -17.30 -18.22
CA GLU A 246 32.20 -16.72 -18.04
C GLU A 246 32.11 -15.47 -18.90
N ARG A 247 31.05 -15.26 -19.66
CA ARG A 247 30.94 -14.01 -20.44
C ARG A 247 29.48 -13.55 -20.55
N ARG A 248 29.27 -12.24 -20.43
CA ARG A 248 27.98 -11.56 -20.63
C ARG A 248 27.79 -11.34 -22.13
N LEU A 249 26.63 -11.69 -22.71
CA LEU A 249 26.42 -11.60 -24.17
C LEU A 249 25.64 -10.34 -24.55
N THR A 250 24.86 -9.78 -23.63
CA THR A 250 23.96 -8.61 -23.88
C THR A 250 24.14 -7.53 -22.81
N TYR A 251 24.01 -6.25 -23.19
CA TYR A 251 24.35 -5.10 -22.30
C TYR A 251 23.20 -4.10 -22.24
N VAL A 252 22.01 -4.63 -22.00
CA VAL A 252 20.69 -3.98 -22.22
C VAL A 252 20.18 -3.40 -20.89
N HIS A 253 20.63 -3.96 -19.77
CA HIS A 253 20.14 -3.53 -18.42
C HIS A 253 21.30 -3.11 -17.51
N ASN A 254 21.17 -1.97 -16.85
CA ASN A 254 22.10 -1.50 -15.79
C ASN A 254 21.48 -1.86 -14.45
N GLU A 255 21.96 -2.91 -13.79
CA GLU A 255 21.41 -3.35 -12.49
C GLU A 255 21.27 -2.14 -11.56
N LEU A 256 22.33 -1.35 -11.42
CA LEU A 256 22.37 -0.20 -10.49
C LEU A 256 21.67 0.97 -11.17
N ALA A 257 20.36 0.90 -11.35
CA ALA A 257 19.59 1.99 -12.00
C ALA A 257 18.13 1.94 -11.53
N ASN A 258 17.45 3.08 -11.55
CA ASN A 258 16.03 3.19 -11.17
C ASN A 258 15.22 2.29 -12.13
N MET A 259 14.31 1.46 -11.59
CA MET A 259 13.43 0.54 -12.37
C MET A 259 12.63 1.30 -13.43
N GLU A 260 12.20 2.53 -13.13
CA GLU A 260 11.51 3.43 -14.09
C GLU A 260 12.48 3.89 -15.20
N GLU A 261 13.73 4.14 -14.84
CA GLU A 261 14.78 4.61 -15.77
C GLU A 261 15.15 3.50 -16.78
N ASP A 262 15.45 2.29 -16.30
CA ASP A 262 15.96 1.17 -17.15
C ASP A 262 14.88 0.10 -17.31
N ALA A 263 14.28 -0.02 -18.51
CA ALA A 263 13.16 -0.96 -18.74
C ALA A 263 13.47 -1.95 -19.87
N ARG A 264 14.75 -2.15 -20.19
CA ARG A 264 15.14 -3.12 -21.24
C ARG A 264 15.54 -4.43 -20.56
N SER A 265 15.30 -5.55 -21.23
CA SER A 265 15.71 -6.89 -20.77
C SER A 265 15.91 -7.77 -22.00
N ALA A 266 16.72 -8.81 -21.85
CA ALA A 266 17.08 -9.74 -22.94
C ALA A 266 16.98 -11.16 -22.42
N GLY A 267 16.37 -12.06 -23.21
CA GLY A 267 16.21 -13.49 -22.87
C GLY A 267 15.22 -13.75 -21.74
N VAL A 268 14.45 -12.75 -21.32
CA VAL A 268 13.47 -12.87 -20.20
C VAL A 268 12.08 -12.56 -20.73
N ALA A 269 11.15 -13.47 -20.48
CA ALA A 269 9.71 -13.33 -20.74
C ALA A 269 9.09 -12.38 -19.71
N THR A 270 8.38 -11.38 -20.20
CA THR A 270 7.75 -10.30 -19.40
C THR A 270 6.50 -10.85 -18.71
N PHE A 271 5.94 -10.02 -17.82
CA PHE A 271 4.83 -10.42 -16.94
C PHE A 271 3.71 -11.10 -17.76
N VAL A 272 3.14 -10.42 -18.74
CA VAL A 272 1.94 -10.96 -19.45
C VAL A 272 2.26 -12.31 -20.09
N LEU A 273 3.46 -12.53 -20.60
CA LEU A 273 3.78 -13.83 -21.24
C LEU A 273 3.93 -14.96 -20.25
N GLN A 274 4.45 -14.71 -19.08
CA GLN A 274 4.54 -15.75 -18.05
C GLN A 274 3.11 -16.06 -17.56
N GLU A 275 2.38 -15.00 -17.27
CA GLU A 275 1.12 -15.02 -16.50
C GLU A 275 -0.08 -15.40 -17.40
N GLU A 276 -0.13 -15.03 -18.69
CA GLU A 276 -1.35 -15.22 -19.51
C GLU A 276 -1.10 -16.18 -20.70
N PHE A 277 0.14 -16.55 -21.00
CA PHE A 277 0.51 -17.47 -22.12
C PHE A 277 1.52 -18.54 -21.67
N ASP A 278 1.83 -18.61 -20.36
CA ASP A 278 2.73 -19.64 -19.76
C ASP A 278 3.99 -19.83 -20.61
N ARG A 279 4.62 -18.77 -21.10
CA ARG A 279 6.02 -18.82 -21.63
C ARG A 279 6.96 -18.25 -20.55
N TYR A 280 7.94 -19.02 -20.12
CA TYR A 280 8.76 -18.69 -18.92
C TYR A 280 10.19 -18.30 -19.33
N SER A 281 10.67 -18.88 -20.43
CA SER A 281 11.99 -18.60 -21.04
C SER A 281 11.88 -17.55 -22.16
N GLY A 282 12.93 -16.76 -22.37
CA GLY A 282 13.03 -15.76 -23.44
C GLY A 282 14.22 -15.93 -24.37
N TYR A 283 14.89 -17.07 -24.34
CA TYR A 283 16.06 -17.34 -25.21
C TYR A 283 16.09 -18.85 -25.52
N TRP A 284 16.68 -19.22 -26.66
CA TRP A 284 16.72 -20.63 -27.14
C TRP A 284 18.06 -20.90 -27.82
N TRP A 285 18.84 -21.82 -27.26
CA TRP A 285 20.07 -22.34 -27.90
C TRP A 285 19.71 -22.88 -29.29
N CYS A 286 20.40 -22.47 -30.33
CA CYS A 286 20.50 -23.26 -31.60
C CYS A 286 21.06 -24.63 -31.24
N PRO A 287 20.40 -25.76 -31.61
CA PRO A 287 20.87 -27.08 -31.19
C PRO A 287 22.07 -27.60 -31.99
N LYS A 288 22.61 -26.78 -32.88
CA LYS A 288 23.74 -27.18 -33.74
C LYS A 288 24.78 -26.07 -33.82
N ALA A 289 26.04 -26.50 -33.85
CA ALA A 289 27.22 -25.63 -33.99
C ALA A 289 27.65 -25.69 -35.44
N GLU A 290 27.95 -24.55 -36.05
CA GLU A 290 28.52 -24.46 -37.42
C GLU A 290 30.04 -24.45 -37.27
N THR A 291 30.73 -25.43 -37.86
CA THR A 291 32.22 -25.54 -37.78
C THR A 291 32.88 -24.44 -38.60
N THR A 292 33.99 -23.88 -38.11
CA THR A 292 34.78 -22.84 -38.82
C THR A 292 35.99 -23.47 -39.52
N PRO A 293 36.70 -22.71 -40.37
CA PRO A 293 37.89 -23.20 -41.06
C PRO A 293 38.97 -23.60 -40.05
N SER A 294 39.11 -22.79 -38.99
CA SER A 294 40.16 -22.85 -37.93
C SER A 294 40.07 -24.15 -37.10
N GLY A 295 38.99 -24.93 -37.19
CA GLY A 295 38.76 -26.05 -36.27
C GLY A 295 38.01 -25.63 -35.01
N GLY A 296 37.52 -24.38 -35.00
CA GLY A 296 36.61 -23.86 -33.97
C GLY A 296 35.17 -24.04 -34.40
N LYS A 297 34.23 -23.38 -33.71
CA LYS A 297 32.80 -23.48 -34.05
C LYS A 297 32.08 -22.18 -33.71
N ILE A 298 30.83 -22.10 -34.15
CA ILE A 298 29.92 -20.95 -33.87
C ILE A 298 28.68 -21.51 -33.18
N LEU A 299 28.42 -21.05 -31.96
CA LEU A 299 27.21 -21.36 -31.17
C LEU A 299 26.22 -20.20 -31.31
N ARG A 300 24.92 -20.51 -31.35
CA ARG A 300 23.89 -19.47 -31.56
C ARG A 300 22.84 -19.53 -30.46
N ILE A 301 22.41 -18.36 -30.01
CA ILE A 301 21.26 -18.15 -29.09
C ILE A 301 20.31 -17.14 -29.75
N LEU A 302 19.11 -17.60 -30.13
CA LEU A 302 17.98 -16.71 -30.46
C LEU A 302 17.46 -16.22 -29.12
N TYR A 303 17.18 -14.92 -29.01
CA TYR A 303 16.56 -14.34 -27.79
C TYR A 303 15.58 -13.23 -28.16
N GLU A 304 14.59 -13.09 -27.31
CA GLU A 304 13.67 -11.94 -27.32
C GLU A 304 14.38 -10.81 -26.56
N GLU A 305 14.23 -9.57 -27.02
CA GLU A 305 14.65 -8.33 -26.32
C GLU A 305 13.40 -7.44 -26.15
N ASN A 306 13.12 -7.03 -24.92
CA ASN A 306 11.92 -6.26 -24.54
C ASN A 306 12.30 -4.86 -24.05
N ASP A 307 11.54 -3.86 -24.48
CA ASP A 307 11.56 -2.46 -23.96
C ASP A 307 10.19 -2.20 -23.33
N GLU A 308 10.15 -2.09 -22.01
CA GLU A 308 8.93 -1.90 -21.18
C GLU A 308 8.81 -0.42 -20.79
N SER A 309 9.42 0.50 -21.52
CA SER A 309 9.48 1.94 -21.12
C SER A 309 8.08 2.55 -21.08
N GLU A 310 7.25 2.30 -22.10
CA GLU A 310 5.89 2.90 -22.25
C GLU A 310 4.86 2.11 -21.43
N VAL A 311 5.26 1.06 -20.72
CA VAL A 311 4.30 0.20 -19.98
C VAL A 311 4.01 0.85 -18.63
N GLU A 312 2.75 0.79 -18.20
CA GLU A 312 2.27 1.34 -16.90
C GLU A 312 3.11 0.72 -15.77
N ILE A 313 3.23 1.43 -14.67
CA ILE A 313 4.00 0.95 -13.49
C ILE A 313 3.04 0.90 -12.31
N ILE A 314 3.10 -0.17 -11.51
CA ILE A 314 2.29 -0.28 -10.27
C ILE A 314 3.24 -0.61 -9.13
N HIS A 315 2.91 -0.19 -7.90
CA HIS A 315 3.77 -0.38 -6.70
C HIS A 315 3.03 -1.27 -5.70
N VAL A 316 3.76 -2.20 -5.06
CA VAL A 316 3.21 -3.11 -4.01
C VAL A 316 4.13 -3.03 -2.77
N THR A 317 3.65 -3.49 -1.60
CA THR A 317 4.37 -3.49 -0.29
C THR A 317 5.35 -4.68 -0.23
N ASP A 327 8.60 -4.25 -4.62
CA ASP A 327 8.90 -2.89 -5.17
C ASP A 327 7.78 -2.45 -6.11
N SER A 328 8.12 -2.25 -7.39
CA SER A 328 7.21 -1.84 -8.49
C SER A 328 7.46 -2.79 -9.66
N PHE A 329 6.54 -2.87 -10.63
CA PHE A 329 6.78 -3.67 -11.85
C PHE A 329 5.89 -3.18 -12.98
N ARG A 330 6.23 -3.61 -14.20
CA ARG A 330 5.58 -3.20 -15.46
C ARG A 330 4.35 -4.09 -15.74
N TYR A 331 3.15 -3.53 -15.55
CA TYR A 331 1.86 -4.23 -15.78
C TYR A 331 1.10 -3.58 -16.92
N PRO A 332 1.04 -4.18 -18.11
CA PRO A 332 0.18 -3.68 -19.19
C PRO A 332 -1.32 -3.76 -18.86
N LYS A 333 -1.92 -2.66 -18.38
CA LYS A 333 -3.38 -2.54 -18.14
C LYS A 333 -4.07 -2.67 -19.50
N THR A 334 -5.20 -3.37 -19.55
CA THR A 334 -6.00 -3.59 -20.77
C THR A 334 -6.17 -2.24 -21.48
N GLY A 335 -5.98 -2.23 -22.80
CA GLY A 335 -6.08 -1.04 -23.66
C GLY A 335 -4.85 -0.14 -23.61
N THR A 336 -3.84 -0.47 -22.82
CA THR A 336 -2.58 0.33 -22.72
C THR A 336 -1.47 -0.42 -23.43
N ALA A 337 -0.24 0.06 -23.33
CA ALA A 337 0.87 -0.46 -24.14
C ALA A 337 1.44 -1.73 -23.50
N ASN A 338 1.61 -2.74 -24.35
CA ASN A 338 2.42 -3.95 -24.15
C ASN A 338 3.86 -3.56 -24.44
N PRO A 339 4.85 -4.34 -23.97
CA PRO A 339 6.25 -4.08 -24.26
C PRO A 339 6.58 -3.96 -25.76
N LYS A 340 7.61 -3.19 -26.14
CA LYS A 340 8.18 -3.18 -27.53
C LYS A 340 9.10 -4.40 -27.64
N VAL A 341 8.89 -5.24 -28.65
CA VAL A 341 9.55 -6.57 -28.70
C VAL A 341 10.31 -6.72 -30.01
N THR A 342 11.43 -7.43 -29.98
CA THR A 342 12.11 -7.85 -31.23
C THR A 342 12.83 -9.18 -31.00
N PHE A 343 13.32 -9.77 -32.09
CA PHE A 343 14.24 -10.92 -32.07
C PHE A 343 15.68 -10.41 -32.29
N LYS A 344 16.60 -11.03 -31.56
CA LYS A 344 18.07 -10.86 -31.64
C LYS A 344 18.70 -12.24 -31.71
N MET A 345 19.99 -12.30 -31.98
CA MET A 345 20.76 -13.56 -32.16
C MET A 345 22.21 -13.30 -31.70
N SER A 346 22.73 -14.03 -30.69
CA SER A 346 24.17 -13.99 -30.28
C SER A 346 24.90 -15.05 -31.11
N GLU A 347 25.91 -14.62 -31.87
CA GLU A 347 26.90 -15.51 -32.53
C GLU A 347 28.14 -15.57 -31.64
N ILE A 348 28.49 -16.77 -31.19
CA ILE A 348 29.59 -16.99 -30.23
C ILE A 348 30.66 -17.83 -30.94
N MET A 349 31.74 -17.20 -31.44
CA MET A 349 32.88 -17.92 -32.08
C MET A 349 33.71 -18.54 -30.96
N ILE A 350 33.89 -19.86 -30.98
CA ILE A 350 34.69 -20.66 -30.00
C ILE A 350 35.89 -21.25 -30.75
N ASP A 351 37.07 -21.31 -30.14
CA ASP A 351 38.27 -21.84 -30.86
C ASP A 351 38.31 -23.36 -30.63
N ALA A 352 39.36 -24.02 -31.13
CA ALA A 352 39.45 -25.50 -31.11
C ALA A 352 39.65 -26.01 -29.67
N GLU A 353 39.97 -25.16 -28.67
CA GLU A 353 40.15 -25.63 -27.26
C GLU A 353 38.97 -25.20 -26.37
N GLY A 354 37.98 -24.47 -26.92
CA GLY A 354 36.75 -24.11 -26.19
C GLY A 354 36.86 -22.78 -25.47
N ARG A 355 37.76 -21.91 -25.96
CA ARG A 355 37.89 -20.51 -25.51
C ARG A 355 36.99 -19.68 -26.40
N ILE A 356 36.35 -18.67 -25.83
CA ILE A 356 35.59 -17.69 -26.65
C ILE A 356 36.61 -16.85 -27.44
N ILE A 357 36.58 -16.91 -28.76
CA ILE A 357 37.28 -15.93 -29.64
C ILE A 357 36.51 -14.61 -29.58
N ASP A 358 35.19 -14.66 -29.80
CA ASP A 358 34.41 -13.42 -30.00
C ASP A 358 32.91 -13.69 -29.87
N VAL A 359 32.15 -12.63 -29.60
CA VAL A 359 30.67 -12.63 -29.47
C VAL A 359 30.15 -11.48 -30.32
N ILE A 360 29.29 -11.78 -31.28
CA ILE A 360 28.71 -10.74 -32.18
C ILE A 360 27.21 -10.69 -31.91
N ASP A 361 26.72 -9.56 -31.43
CA ASP A 361 25.26 -9.34 -31.28
C ASP A 361 24.66 -8.99 -32.63
N LYS A 362 23.60 -9.70 -33.04
CA LYS A 362 22.96 -9.49 -34.37
C LYS A 362 21.50 -9.10 -34.19
N GLU A 363 21.02 -8.18 -35.04
CA GLU A 363 19.64 -7.61 -35.00
C GLU A 363 18.95 -7.96 -36.32
N LEU A 364 17.63 -7.86 -36.39
CA LEU A 364 16.91 -8.21 -37.62
C LEU A 364 17.31 -7.18 -38.67
N ILE A 365 17.45 -7.62 -39.92
CA ILE A 365 17.85 -6.76 -41.07
C ILE A 365 16.87 -5.60 -41.23
N GLN A 366 15.57 -5.83 -41.00
CA GLN A 366 14.54 -4.76 -40.97
C GLN A 366 13.87 -4.89 -39.61
N PRO A 367 13.22 -3.84 -39.09
CA PRO A 367 12.62 -3.93 -37.76
C PRO A 367 11.54 -5.02 -37.70
N PHE A 368 11.29 -5.49 -36.47
CA PHE A 368 10.24 -6.50 -36.15
C PHE A 368 8.89 -6.06 -36.73
N GLU A 369 8.49 -4.81 -36.51
CA GLU A 369 7.16 -4.27 -36.95
C GLU A 369 7.03 -4.39 -38.48
N ILE A 370 8.13 -4.19 -39.25
CA ILE A 370 8.15 -4.26 -40.75
C ILE A 370 8.05 -5.73 -41.20
N LEU A 371 8.91 -6.61 -40.65
CA LEU A 371 8.98 -8.06 -41.03
C LEU A 371 7.75 -8.86 -40.60
N PHE A 372 7.16 -8.56 -39.44
CA PHE A 372 5.98 -9.30 -38.91
C PHE A 372 4.80 -8.35 -38.64
N GLU A 373 4.20 -7.83 -39.72
CA GLU A 373 3.10 -6.83 -39.66
C GLU A 373 2.02 -7.33 -38.68
N GLY A 374 1.61 -6.51 -37.71
CA GLY A 374 0.41 -6.72 -36.88
C GLY A 374 0.57 -7.67 -35.70
N VAL A 375 1.75 -8.30 -35.56
CA VAL A 375 2.13 -9.20 -34.45
C VAL A 375 2.30 -8.39 -33.17
N GLU A 376 1.67 -8.76 -32.06
CA GLU A 376 1.92 -8.12 -30.73
C GLU A 376 2.71 -9.02 -29.79
N TYR A 377 2.46 -10.33 -29.83
CA TYR A 377 2.94 -11.28 -28.79
C TYR A 377 3.81 -12.33 -29.46
N ILE A 378 4.99 -12.61 -28.91
CA ILE A 378 5.79 -13.81 -29.31
C ILE A 378 5.33 -14.93 -28.39
N ALA A 379 4.41 -15.79 -28.81
CA ALA A 379 3.77 -16.76 -27.91
C ALA A 379 4.76 -17.90 -27.59
N ARG A 380 5.45 -18.41 -28.60
CA ARG A 380 6.37 -19.58 -28.51
C ARG A 380 7.51 -19.35 -29.51
N ALA A 381 8.68 -19.96 -29.28
CA ALA A 381 9.81 -19.93 -30.22
C ALA A 381 10.75 -21.11 -29.93
N GLY A 382 11.52 -21.51 -30.94
CA GLY A 382 12.57 -22.51 -30.79
C GLY A 382 13.32 -22.65 -32.08
N TRP A 383 13.80 -23.87 -32.37
CA TRP A 383 14.59 -24.16 -33.59
C TRP A 383 14.05 -25.40 -34.28
N THR A 384 14.31 -25.53 -35.58
CA THR A 384 14.16 -26.79 -36.32
C THR A 384 15.20 -27.75 -35.77
N PRO A 385 14.91 -29.06 -35.74
CA PRO A 385 15.80 -30.04 -35.12
C PRO A 385 17.28 -29.97 -35.55
N GLU A 386 17.57 -29.47 -36.76
CA GLU A 386 18.95 -29.36 -37.32
C GLU A 386 19.49 -27.93 -37.16
N GLY A 387 18.68 -26.99 -36.68
CA GLY A 387 19.17 -25.62 -36.40
C GLY A 387 19.23 -24.76 -37.65
N LYS A 388 18.61 -25.17 -38.74
CA LYS A 388 18.61 -24.38 -40.00
C LYS A 388 17.75 -23.13 -39.82
N TYR A 389 16.62 -23.24 -39.11
CA TYR A 389 15.71 -22.09 -38.85
C TYR A 389 15.37 -22.00 -37.37
N ALA A 390 15.31 -20.78 -36.85
CA ALA A 390 14.47 -20.49 -35.67
C ALA A 390 13.00 -20.58 -36.11
N TRP A 391 12.10 -20.88 -35.18
CA TRP A 391 10.65 -20.80 -35.49
C TRP A 391 9.98 -19.97 -34.42
N SER A 392 8.76 -19.54 -34.69
CA SER A 392 7.99 -18.71 -33.74
C SER A 392 6.50 -18.86 -34.01
N ILE A 393 5.69 -18.80 -32.96
CA ILE A 393 4.22 -18.64 -33.05
C ILE A 393 3.88 -17.23 -32.58
N LEU A 394 3.46 -16.40 -33.52
CA LEU A 394 3.17 -14.96 -33.33
C LEU A 394 1.65 -14.72 -33.41
N LEU A 395 1.17 -13.90 -32.47
CA LEU A 395 -0.24 -13.48 -32.31
C LEU A 395 -0.35 -11.99 -32.61
N ASP A 396 -1.48 -11.60 -33.18
CA ASP A 396 -1.95 -10.19 -33.29
C ASP A 396 -2.51 -9.72 -31.93
N ARG A 397 -2.65 -8.42 -31.74
CA ARG A 397 -3.12 -7.88 -30.45
C ARG A 397 -4.47 -8.45 -30.02
N SER A 398 -5.33 -8.81 -30.97
CA SER A 398 -6.71 -9.25 -30.69
C SER A 398 -6.73 -10.77 -30.50
N GLN A 399 -5.58 -11.40 -30.70
CA GLN A 399 -5.40 -12.85 -30.46
C GLN A 399 -6.43 -13.61 -31.29
N THR A 400 -6.69 -13.17 -32.53
CA THR A 400 -7.59 -13.88 -33.48
C THR A 400 -6.84 -14.32 -34.75
N ARG A 401 -5.57 -13.93 -34.88
CA ARG A 401 -4.66 -14.36 -35.97
C ARG A 401 -3.43 -14.98 -35.33
N LEU A 402 -3.14 -16.23 -35.69
CA LEU A 402 -1.90 -16.93 -35.30
C LEU A 402 -1.09 -17.17 -36.57
N GLN A 403 0.21 -16.99 -36.49
CA GLN A 403 1.13 -17.32 -37.61
C GLN A 403 2.26 -18.18 -37.04
N ILE A 404 2.71 -19.15 -37.81
CA ILE A 404 3.96 -19.88 -37.49
C ILE A 404 4.99 -19.39 -38.50
N VAL A 405 6.10 -18.84 -38.03
CA VAL A 405 7.09 -18.23 -38.94
C VAL A 405 8.45 -18.86 -38.75
N LEU A 406 9.12 -19.21 -39.85
CA LEU A 406 10.54 -19.63 -39.89
C LEU A 406 11.42 -18.40 -40.06
N ILE A 407 12.46 -18.30 -39.25
CA ILE A 407 13.40 -17.15 -39.25
C ILE A 407 14.78 -17.76 -39.40
N SER A 408 15.36 -17.64 -40.60
CA SER A 408 16.75 -18.05 -40.90
C SER A 408 17.73 -17.16 -40.12
N PRO A 409 18.85 -17.69 -39.57
CA PRO A 409 19.88 -16.84 -39.02
C PRO A 409 20.41 -15.81 -40.03
N GLU A 410 20.35 -16.12 -41.34
CA GLU A 410 20.83 -15.22 -42.43
C GLU A 410 20.08 -13.89 -42.36
N LEU A 411 18.94 -13.84 -41.66
CA LEU A 411 18.11 -12.62 -41.50
C LEU A 411 18.69 -11.63 -40.48
N PHE A 412 19.73 -12.00 -39.72
CA PHE A 412 20.29 -11.11 -38.67
C PHE A 412 21.63 -10.57 -39.16
N ILE A 413 21.98 -9.34 -38.80
CA ILE A 413 23.25 -8.66 -39.15
C ILE A 413 23.89 -8.15 -37.87
N PRO A 414 25.23 -8.03 -37.81
CA PRO A 414 25.87 -7.45 -36.62
C PRO A 414 25.24 -6.08 -36.37
N VAL A 415 25.13 -5.71 -35.10
CA VAL A 415 24.67 -4.35 -34.70
C VAL A 415 25.81 -3.40 -35.07
N GLU A 416 25.56 -2.47 -35.99
CA GLU A 416 26.57 -1.46 -36.39
C GLU A 416 25.93 -0.07 -36.32
N ASP A 417 26.44 0.76 -35.41
CA ASP A 417 26.02 2.17 -35.26
C ASP A 417 26.63 3.01 -36.39
N ASP A 418 27.63 2.46 -37.11
CA ASP A 418 28.28 3.10 -38.28
C ASP A 418 27.36 2.98 -39.50
N VAL A 419 26.86 4.10 -40.03
CA VAL A 419 25.84 4.10 -41.12
C VAL A 419 26.40 3.45 -42.38
N MET A 420 27.65 3.78 -42.75
CA MET A 420 28.26 3.24 -43.98
C MET A 420 28.35 1.71 -43.85
N GLU A 421 28.94 1.24 -42.75
CA GLU A 421 29.18 -0.21 -42.51
C GLU A 421 27.84 -0.95 -42.58
N ARG A 422 26.82 -0.43 -41.88
CA ARG A 422 25.48 -1.07 -41.74
C ARG A 422 24.86 -1.23 -43.12
N GLN A 423 24.83 -0.16 -43.90
CA GLN A 423 24.22 -0.16 -45.26
C GLN A 423 24.87 -1.27 -46.08
N ARG A 424 26.19 -1.34 -46.01
CA ARG A 424 27.02 -2.36 -46.72
C ARG A 424 26.58 -3.76 -46.29
N LEU A 425 26.38 -3.98 -44.97
CA LEU A 425 25.91 -5.26 -44.37
C LEU A 425 24.50 -5.59 -44.88
N ILE A 426 23.58 -4.62 -44.89
CA ILE A 426 22.20 -4.80 -45.43
C ILE A 426 22.26 -5.26 -46.89
N GLU A 427 23.21 -4.74 -47.68
CA GLU A 427 23.34 -5.04 -49.13
C GLU A 427 23.87 -6.48 -49.27
N SER A 428 24.69 -6.94 -48.32
CA SER A 428 25.40 -8.25 -48.37
C SER A 428 24.43 -9.42 -48.12
N VAL A 429 23.22 -9.14 -47.62
CA VAL A 429 22.20 -10.20 -47.31
C VAL A 429 21.22 -10.30 -48.48
N PRO A 430 21.19 -11.46 -49.18
CA PRO A 430 20.40 -11.59 -50.41
C PRO A 430 18.88 -11.45 -50.21
N ASP A 431 18.20 -10.83 -51.18
CA ASP A 431 16.73 -10.66 -51.18
C ASP A 431 16.04 -12.02 -51.06
N SER A 432 16.70 -13.10 -51.47
CA SER A 432 16.12 -14.47 -51.43
C SER A 432 15.84 -14.91 -49.99
N VAL A 433 16.31 -14.15 -48.99
CA VAL A 433 16.27 -14.55 -47.55
C VAL A 433 15.18 -13.74 -46.83
N THR A 434 14.09 -14.43 -46.52
CA THR A 434 12.81 -13.81 -46.15
C THR A 434 12.23 -14.62 -45.00
N PRO A 435 11.45 -14.00 -44.10
CA PRO A 435 10.70 -14.75 -43.11
C PRO A 435 9.74 -15.68 -43.87
N LEU A 436 9.57 -16.91 -43.41
CA LEU A 436 8.65 -17.84 -44.08
C LEU A 436 7.46 -18.12 -43.17
N ILE A 437 6.28 -17.63 -43.51
CA ILE A 437 5.04 -17.93 -42.76
C ILE A 437 4.54 -19.28 -43.24
N ILE A 438 4.89 -20.35 -42.52
CA ILE A 438 4.52 -21.73 -42.97
C ILE A 438 3.09 -22.02 -42.55
N TYR A 439 2.50 -21.21 -41.69
CA TYR A 439 1.11 -21.46 -41.26
C TYR A 439 0.48 -20.16 -40.80
N GLU A 440 -0.80 -19.95 -41.12
CA GLU A 440 -1.58 -18.75 -40.70
C GLU A 440 -3.04 -19.17 -40.54
N GLU A 441 -3.70 -18.73 -39.48
CA GLU A 441 -5.08 -19.16 -39.16
C GLU A 441 -5.79 -18.00 -38.47
N THR A 442 -7.13 -17.98 -38.50
CA THR A 442 -7.96 -16.88 -37.94
C THR A 442 -9.20 -17.45 -37.25
N THR A 443 -9.81 -16.69 -36.36
CA THR A 443 -11.04 -17.13 -35.66
C THR A 443 -11.80 -15.86 -35.24
N ASP A 444 -13.09 -16.00 -35.08
CA ASP A 444 -13.93 -14.88 -34.60
C ASP A 444 -14.11 -15.11 -33.12
N ILE A 445 -13.51 -16.17 -32.56
CA ILE A 445 -13.59 -16.40 -31.09
C ILE A 445 -12.26 -15.99 -30.48
N TRP A 446 -11.32 -16.92 -30.29
CA TRP A 446 -9.93 -16.53 -29.91
C TRP A 446 -8.99 -17.71 -30.14
N ILE A 447 -7.74 -17.39 -30.40
CA ILE A 447 -6.62 -18.35 -30.42
C ILE A 447 -6.28 -18.77 -28.98
N ASN A 448 -6.18 -20.07 -28.74
CA ASN A 448 -5.68 -20.64 -27.49
C ASN A 448 -4.30 -21.19 -27.78
N ILE A 449 -3.28 -20.52 -27.24
CA ILE A 449 -1.86 -20.94 -27.42
C ILE A 449 -1.66 -22.28 -26.70
N HIS A 450 -0.90 -23.19 -27.28
CA HIS A 450 -0.59 -24.49 -26.64
C HIS A 450 0.87 -24.85 -26.91
N ASP A 451 1.33 -25.99 -26.40
CA ASP A 451 2.75 -26.37 -26.45
C ASP A 451 3.01 -27.43 -27.52
N ILE A 452 2.04 -27.69 -28.39
CA ILE A 452 2.18 -28.77 -29.43
C ILE A 452 2.77 -28.17 -30.72
N PHE A 453 3.95 -28.60 -31.11
CA PHE A 453 4.55 -28.21 -32.40
C PHE A 453 5.71 -29.16 -32.67
N HIS A 454 5.56 -30.05 -33.65
CA HIS A 454 6.59 -31.06 -33.97
C HIS A 454 7.05 -30.86 -35.41
N VAL A 455 8.36 -30.73 -35.62
CA VAL A 455 8.94 -30.53 -36.99
C VAL A 455 9.66 -31.80 -37.38
N PHE A 456 9.41 -32.33 -38.57
CA PHE A 456 10.03 -33.59 -39.03
C PHE A 456 11.36 -33.22 -39.65
N PRO A 457 12.34 -34.15 -39.67
CA PRO A 457 13.59 -33.91 -40.40
C PRO A 457 13.28 -33.40 -41.82
N GLN A 458 13.99 -32.37 -42.29
CA GLN A 458 13.80 -31.80 -43.65
C GLN A 458 14.31 -32.84 -44.65
N SER A 459 13.50 -33.24 -45.63
CA SER A 459 13.95 -34.18 -46.71
C SER A 459 14.16 -33.43 -48.02
N HIS A 460 13.62 -32.22 -48.15
CA HIS A 460 13.75 -31.36 -49.37
C HIS A 460 13.94 -29.93 -48.87
N GLU A 461 14.69 -29.09 -49.60
CA GLU A 461 15.13 -27.74 -49.18
C GLU A 461 13.99 -26.72 -49.30
N GLU A 462 12.99 -27.03 -50.12
CA GLU A 462 11.83 -26.15 -50.46
C GLU A 462 10.56 -26.64 -49.76
N GLU A 463 10.67 -27.55 -48.79
CA GLU A 463 9.51 -28.15 -48.07
C GLU A 463 9.83 -28.36 -46.59
N ILE A 464 8.89 -28.02 -45.71
CA ILE A 464 8.92 -28.32 -44.26
C ILE A 464 7.63 -29.05 -43.89
N GLU A 465 7.79 -30.14 -43.15
CA GLU A 465 6.72 -31.08 -42.80
C GLU A 465 6.55 -31.05 -41.28
N PHE A 466 5.36 -30.74 -40.78
CA PHE A 466 5.19 -30.59 -39.31
C PHE A 466 3.80 -30.96 -38.86
N ILE A 467 3.66 -31.13 -37.54
CA ILE A 467 2.36 -31.44 -36.92
C ILE A 467 2.01 -30.26 -36.03
N PHE A 468 0.82 -29.71 -36.19
CA PHE A 468 0.35 -28.59 -35.36
C PHE A 468 -1.04 -28.97 -34.85
N ALA A 469 -1.57 -28.18 -33.93
CA ALA A 469 -2.92 -28.39 -33.35
C ALA A 469 -3.71 -27.08 -33.48
N SER A 470 -5.01 -27.17 -33.70
CA SER A 470 -5.88 -26.00 -34.00
C SER A 470 -7.34 -26.31 -33.71
N GLU A 471 -8.05 -25.29 -33.24
CA GLU A 471 -9.52 -25.27 -33.04
C GLU A 471 -10.17 -24.50 -34.20
N CYS A 472 -9.38 -23.81 -35.01
CA CYS A 472 -9.85 -22.86 -36.05
C CYS A 472 -10.60 -23.53 -37.22
N LYS A 473 -10.46 -24.83 -37.49
CA LYS A 473 -11.19 -25.51 -38.59
C LYS A 473 -12.58 -26.00 -38.14
N THR A 474 -12.71 -26.69 -37.01
CA THR A 474 -13.97 -27.36 -36.55
C THR A 474 -14.47 -26.82 -35.21
N GLY A 475 -13.62 -26.11 -34.47
CA GLY A 475 -13.95 -25.56 -33.13
C GLY A 475 -13.60 -26.50 -31.99
N PHE A 476 -13.01 -27.65 -32.30
CA PHE A 476 -12.34 -28.54 -31.31
C PHE A 476 -10.87 -28.65 -31.71
N ARG A 477 -9.98 -28.80 -30.73
CA ARG A 477 -8.51 -28.85 -30.99
C ARG A 477 -8.14 -30.22 -31.53
N HIS A 478 -7.72 -30.30 -32.79
CA HIS A 478 -7.25 -31.57 -33.42
C HIS A 478 -5.85 -31.37 -33.98
N LEU A 479 -5.18 -32.48 -34.20
CA LEU A 479 -3.83 -32.54 -34.79
C LEU A 479 -3.96 -32.53 -36.31
N TYR A 480 -3.18 -31.70 -36.97
CA TYR A 480 -3.04 -31.65 -38.44
C TYR A 480 -1.58 -31.83 -38.82
N LYS A 481 -1.30 -32.74 -39.76
CA LYS A 481 0.00 -32.84 -40.48
C LYS A 481 -0.02 -31.93 -41.70
N ILE A 482 0.93 -31.00 -41.76
CA ILE A 482 1.02 -29.93 -42.80
C ILE A 482 2.37 -30.06 -43.47
N THR A 483 2.39 -29.87 -44.79
CA THR A 483 3.60 -29.63 -45.61
C THR A 483 3.44 -28.26 -46.27
N SER A 484 4.37 -27.35 -46.00
CA SER A 484 4.36 -25.97 -46.51
C SER A 484 5.49 -25.83 -47.51
N ILE A 485 5.29 -25.05 -48.58
CA ILE A 485 6.33 -24.87 -49.63
C ILE A 485 7.08 -23.58 -49.30
N LEU A 486 8.41 -23.66 -49.25
CA LEU A 486 9.27 -22.51 -48.90
C LEU A 486 9.67 -21.75 -50.18
N LYS A 487 8.74 -21.10 -50.86
CA LYS A 487 9.11 -20.44 -52.14
C LYS A 487 9.95 -19.21 -51.84
N GLU A 488 10.70 -18.75 -52.83
CA GLU A 488 11.30 -17.40 -52.83
C GLU A 488 10.15 -16.39 -52.82
N SER A 489 10.29 -15.28 -52.11
CA SER A 489 9.22 -14.26 -51.94
C SER A 489 9.18 -13.30 -53.13
N LYS A 490 7.98 -12.79 -53.44
CA LYS A 490 7.73 -11.68 -54.41
C LYS A 490 8.41 -10.39 -53.90
N TYR A 491 8.38 -10.11 -52.60
CA TYR A 491 9.05 -8.92 -52.01
C TYR A 491 10.55 -9.05 -52.19
N LYS A 492 11.19 -7.96 -52.62
CA LYS A 492 12.67 -7.86 -52.79
C LYS A 492 13.14 -6.61 -52.04
N ARG A 493 13.93 -6.82 -51.00
CA ARG A 493 14.33 -5.79 -50.00
C ARG A 493 15.00 -4.60 -50.72
N SER A 494 15.87 -4.91 -51.69
CA SER A 494 16.74 -3.94 -52.42
C SER A 494 15.91 -2.85 -53.14
N SER A 495 14.69 -3.14 -53.62
CA SER A 495 13.77 -2.16 -54.28
C SER A 495 13.31 -1.07 -53.28
N GLY A 496 13.77 -1.12 -52.04
CA GLY A 496 13.55 -0.05 -51.04
C GLY A 496 12.09 0.10 -50.63
N GLY A 497 11.23 -0.86 -50.99
CA GLY A 497 9.82 -0.86 -50.55
C GLY A 497 9.61 -1.49 -49.18
N LEU A 498 8.37 -1.46 -48.68
CA LEU A 498 7.92 -2.21 -47.49
C LEU A 498 7.11 -3.41 -47.97
N PRO A 499 7.25 -4.62 -47.36
CA PRO A 499 6.54 -5.80 -47.82
C PRO A 499 5.03 -5.67 -47.58
N ALA A 500 4.22 -6.22 -48.49
CA ALA A 500 2.74 -6.29 -48.42
C ALA A 500 2.35 -7.39 -47.45
N PRO A 501 1.12 -7.35 -46.87
CA PRO A 501 0.76 -8.27 -45.80
C PRO A 501 0.87 -9.78 -46.10
N SER A 502 0.89 -10.23 -47.36
CA SER A 502 0.92 -11.68 -47.71
C SER A 502 2.21 -12.08 -48.48
N ASP A 503 3.21 -11.21 -48.54
CA ASP A 503 4.47 -11.44 -49.29
C ASP A 503 5.26 -12.59 -48.67
N PHE A 504 5.11 -12.89 -47.38
CA PHE A 504 5.96 -13.91 -46.73
C PHE A 504 5.18 -15.22 -46.55
N LYS A 505 3.92 -15.27 -47.00
CA LYS A 505 3.05 -16.45 -46.79
C LYS A 505 3.46 -17.57 -47.74
N CYS A 506 3.54 -18.78 -47.22
CA CYS A 506 3.95 -20.00 -47.95
C CYS A 506 2.70 -20.73 -48.41
N PRO A 507 2.72 -21.32 -49.61
CA PRO A 507 1.60 -22.14 -50.05
C PRO A 507 1.54 -23.40 -49.18
N ILE A 508 0.34 -23.91 -48.93
CA ILE A 508 0.19 -25.20 -48.22
C ILE A 508 0.13 -26.31 -49.27
N LYS A 509 1.16 -27.14 -49.34
CA LYS A 509 1.16 -28.28 -50.28
C LYS A 509 0.13 -29.31 -49.82
N GLU A 510 -0.05 -29.46 -48.51
CA GLU A 510 -0.94 -30.49 -47.92
C GLU A 510 -1.27 -30.15 -46.46
N GLU A 511 -2.51 -30.46 -46.08
CA GLU A 511 -3.09 -30.27 -44.73
C GLU A 511 -4.04 -31.45 -44.45
N ILE A 512 -3.63 -32.35 -43.57
CA ILE A 512 -4.33 -33.64 -43.32
C ILE A 512 -4.74 -33.65 -41.85
N ALA A 513 -6.02 -33.87 -41.57
CA ALA A 513 -6.49 -34.08 -40.20
C ALA A 513 -6.03 -35.45 -39.71
N ILE A 514 -5.43 -35.50 -38.52
CA ILE A 514 -5.00 -36.75 -37.85
C ILE A 514 -6.10 -37.17 -36.89
N THR A 515 -6.78 -36.22 -36.29
CA THR A 515 -7.92 -36.50 -35.37
C THR A 515 -9.08 -35.57 -35.73
N SER A 516 -10.30 -35.95 -35.36
CA SER A 516 -11.54 -35.16 -35.58
C SER A 516 -12.63 -35.73 -34.69
N GLY A 517 -13.67 -34.96 -34.43
CA GLY A 517 -14.71 -35.36 -33.47
C GLY A 517 -15.12 -34.24 -32.56
N GLU A 518 -16.16 -34.50 -31.75
CA GLU A 518 -16.77 -33.55 -30.79
C GLU A 518 -16.02 -33.70 -29.46
N TRP A 519 -14.70 -33.51 -29.49
CA TRP A 519 -13.75 -33.74 -28.38
C TRP A 519 -12.42 -33.09 -28.76
N GLU A 520 -11.52 -32.87 -27.79
CA GLU A 520 -10.27 -32.08 -28.02
C GLU A 520 -9.00 -32.84 -27.58
N VAL A 521 -7.94 -32.57 -28.32
CA VAL A 521 -6.54 -32.87 -27.94
C VAL A 521 -6.09 -31.83 -26.91
N LEU A 522 -5.51 -32.26 -25.81
CA LEU A 522 -4.99 -31.36 -24.73
C LEU A 522 -3.57 -30.90 -25.09
N GLY A 523 -3.28 -29.63 -24.86
CA GLY A 523 -1.97 -29.09 -25.28
C GLY A 523 -1.36 -28.12 -24.28
N ARG A 524 -1.93 -27.97 -23.08
CA ARG A 524 -1.42 -27.08 -22.03
C ARG A 524 -1.13 -27.84 -20.73
N HIS A 525 -0.51 -27.17 -19.75
CA HIS A 525 -0.31 -27.69 -18.38
C HIS A 525 0.42 -29.03 -18.39
N GLY A 526 1.30 -29.30 -19.36
CA GLY A 526 2.06 -30.57 -19.42
C GLY A 526 1.64 -31.47 -20.58
N SER A 527 0.37 -31.44 -20.95
CA SER A 527 -0.17 -32.19 -22.09
C SER A 527 0.55 -31.77 -23.37
N ASN A 528 1.11 -32.74 -24.09
CA ASN A 528 1.78 -32.56 -25.39
C ASN A 528 1.68 -33.87 -26.19
N ILE A 529 2.31 -33.92 -27.35
CA ILE A 529 2.33 -35.16 -28.17
C ILE A 529 3.75 -35.75 -28.07
N GLN A 530 3.84 -37.05 -28.30
CA GLN A 530 5.11 -37.76 -28.54
C GLN A 530 4.93 -38.43 -29.91
N VAL A 531 5.78 -38.08 -30.85
CA VAL A 531 5.75 -38.62 -32.23
C VAL A 531 6.76 -39.77 -32.35
N ASP A 532 6.30 -40.95 -32.73
CA ASP A 532 7.16 -42.11 -33.07
C ASP A 532 7.46 -42.04 -34.57
N GLU A 533 8.66 -41.60 -34.98
CA GLU A 533 8.98 -41.39 -36.43
C GLU A 533 9.32 -42.73 -37.11
N VAL A 534 9.56 -43.81 -36.38
CA VAL A 534 9.82 -45.16 -36.99
C VAL A 534 8.47 -45.76 -37.37
N ARG A 535 7.60 -45.95 -36.38
CA ARG A 535 6.29 -46.62 -36.54
CA ARG A 535 6.29 -46.63 -36.57
C ARG A 535 5.28 -45.62 -37.12
N ARG A 536 5.69 -44.36 -37.27
CA ARG A 536 4.86 -43.23 -37.81
C ARG A 536 3.55 -43.12 -37.03
N LEU A 537 3.66 -43.02 -35.70
CA LEU A 537 2.49 -42.83 -34.80
C LEU A 537 2.65 -41.54 -34.00
N VAL A 538 1.56 -41.00 -33.47
CA VAL A 538 1.61 -39.88 -32.49
C VAL A 538 0.75 -40.24 -31.28
N TYR A 539 1.39 -40.23 -30.11
CA TYR A 539 0.73 -40.33 -28.79
C TYR A 539 0.28 -38.92 -28.40
N PHE A 540 -0.93 -38.78 -27.83
CA PHE A 540 -1.54 -37.47 -27.45
C PHE A 540 -2.57 -37.71 -26.37
N GLU A 541 -2.99 -36.65 -25.66
CA GLU A 541 -4.02 -36.73 -24.61
C GLU A 541 -5.32 -36.08 -25.09
N GLY A 542 -6.47 -36.59 -24.65
CA GLY A 542 -7.76 -36.18 -25.23
C GLY A 542 -8.96 -36.43 -24.34
N THR A 543 -10.06 -35.72 -24.63
CA THR A 543 -11.41 -35.87 -24.04
C THR A 543 -12.30 -36.79 -24.87
N LYS A 544 -11.76 -37.56 -25.82
CA LYS A 544 -12.60 -38.35 -26.77
C LYS A 544 -13.63 -39.19 -26.00
N ASP A 545 -13.23 -39.90 -24.96
CA ASP A 545 -14.11 -40.85 -24.22
C ASP A 545 -15.10 -40.08 -23.34
N SER A 546 -14.77 -38.88 -22.91
CA SER A 546 -15.61 -38.11 -21.94
C SER A 546 -14.98 -36.77 -21.66
N PRO A 547 -15.79 -35.71 -21.44
CA PRO A 547 -15.24 -34.40 -21.09
C PRO A 547 -14.76 -34.32 -19.63
N LEU A 548 -15.07 -35.36 -18.84
CA LEU A 548 -14.73 -35.52 -17.40
C LEU A 548 -13.49 -36.38 -17.20
N GLU A 549 -12.91 -36.98 -18.27
CA GLU A 549 -11.65 -37.76 -18.15
C GLU A 549 -10.72 -37.40 -19.30
N HIS A 550 -9.44 -37.24 -18.95
CA HIS A 550 -8.32 -37.14 -19.91
C HIS A 550 -7.84 -38.57 -20.07
N HIS A 551 -7.53 -38.99 -21.31
CA HIS A 551 -6.96 -40.33 -21.61
C HIS A 551 -5.81 -40.19 -22.61
N LEU A 552 -4.93 -41.19 -22.65
CA LEU A 552 -3.83 -41.24 -23.63
C LEU A 552 -4.33 -42.04 -24.81
N TYR A 553 -3.98 -41.59 -26.00
CA TYR A 553 -4.45 -42.12 -27.29
C TYR A 553 -3.23 -42.20 -28.22
N VAL A 554 -3.24 -43.13 -29.15
CA VAL A 554 -2.23 -43.19 -30.24
C VAL A 554 -3.00 -43.32 -31.55
N VAL A 555 -2.40 -42.89 -32.65
CA VAL A 555 -3.04 -42.90 -34.00
C VAL A 555 -1.91 -42.73 -35.00
N SER A 556 -2.03 -43.29 -36.20
CA SER A 556 -1.00 -43.07 -37.26
C SER A 556 -1.16 -41.61 -37.73
N TYR A 557 -0.05 -40.96 -38.07
CA TYR A 557 -0.06 -39.61 -38.70
C TYR A 557 0.06 -39.77 -40.22
N VAL A 558 0.04 -41.01 -40.73
CA VAL A 558 0.20 -41.23 -42.20
C VAL A 558 -1.14 -41.59 -42.82
N ASN A 559 -1.79 -42.67 -42.38
CA ASN A 559 -3.16 -42.99 -42.84
C ASN A 559 -3.99 -42.89 -41.59
N PRO A 560 -4.27 -41.65 -41.12
CA PRO A 560 -5.01 -41.45 -39.88
C PRO A 560 -6.32 -42.26 -39.96
N GLY A 561 -6.63 -43.02 -38.91
CA GLY A 561 -7.89 -43.75 -38.81
C GLY A 561 -8.24 -44.11 -37.37
N GLU A 562 -8.16 -45.40 -37.04
CA GLU A 562 -8.27 -45.99 -35.68
C GLU A 562 -7.45 -45.15 -34.68
N VAL A 563 -8.16 -44.47 -33.77
CA VAL A 563 -7.57 -43.91 -32.51
C VAL A 563 -7.68 -44.97 -31.40
N THR A 564 -6.56 -45.49 -30.90
CA THR A 564 -6.50 -46.45 -29.76
C THR A 564 -6.33 -45.71 -28.42
N ARG A 565 -7.29 -45.86 -27.50
CA ARG A 565 -7.18 -45.42 -26.10
C ARG A 565 -6.24 -46.37 -25.36
N LEU A 566 -5.21 -45.84 -24.70
CA LEU A 566 -4.20 -46.65 -23.97
C LEU A 566 -4.46 -46.63 -22.45
N THR A 567 -5.07 -45.58 -21.93
CA THR A 567 -5.33 -45.46 -20.47
C THR A 567 -6.65 -46.15 -20.17
N ASP A 568 -6.96 -46.43 -18.91
CA ASP A 568 -8.21 -47.16 -18.56
C ASP A 568 -9.34 -46.22 -18.15
N ARG A 569 -10.59 -46.56 -18.49
CA ARG A 569 -11.80 -45.78 -18.15
C ARG A 569 -11.97 -45.81 -16.63
N GLY A 570 -12.70 -44.84 -16.08
CA GLY A 570 -12.99 -44.75 -14.63
C GLY A 570 -11.95 -43.94 -13.88
N TYR A 571 -11.04 -43.28 -14.61
CA TYR A 571 -9.95 -42.43 -14.07
C TYR A 571 -9.64 -41.30 -15.05
N SER A 572 -9.28 -40.12 -14.54
CA SER A 572 -8.66 -39.03 -15.35
C SER A 572 -7.17 -39.28 -15.28
N HIS A 573 -6.48 -39.21 -16.43
CA HIS A 573 -5.02 -39.47 -16.54
C HIS A 573 -4.26 -38.20 -16.94
N SER A 574 -3.03 -38.11 -16.47
CA SER A 574 -2.00 -37.18 -16.96
C SER A 574 -0.75 -38.00 -17.25
N CYS A 575 -0.21 -37.92 -18.46
CA CYS A 575 0.76 -38.94 -18.94
C CYS A 575 2.00 -38.30 -19.55
N CYS A 576 3.05 -39.09 -19.58
CA CYS A 576 4.27 -38.73 -20.33
C CYS A 576 4.71 -40.03 -21.01
N ILE A 577 5.14 -39.93 -22.25
CA ILE A 577 5.60 -41.09 -23.05
C ILE A 577 7.14 -41.04 -23.08
N SER A 578 7.79 -42.18 -22.89
CA SER A 578 9.25 -42.29 -23.06
C SER A 578 9.65 -41.82 -24.45
N GLN A 579 10.84 -41.25 -24.59
CA GLN A 579 11.35 -40.76 -25.90
C GLN A 579 11.57 -41.95 -26.84
N HIS A 580 11.84 -43.16 -26.32
CA HIS A 580 12.00 -44.41 -27.12
C HIS A 580 10.64 -45.02 -27.53
N CYS A 581 9.55 -44.51 -26.99
CA CYS A 581 8.15 -44.87 -27.34
C CYS A 581 7.84 -46.33 -27.04
N ASP A 582 8.50 -46.94 -26.06
CA ASP A 582 8.16 -48.32 -25.63
C ASP A 582 7.53 -48.27 -24.24
N PHE A 583 7.33 -47.07 -23.68
CA PHE A 583 6.73 -46.99 -22.32
C PHE A 583 5.96 -45.69 -22.17
N PHE A 584 5.07 -45.69 -21.17
CA PHE A 584 4.38 -44.47 -20.72
C PHE A 584 4.07 -44.58 -19.23
N ILE A 585 4.06 -43.42 -18.58
CA ILE A 585 3.69 -43.25 -17.15
C ILE A 585 2.38 -42.48 -17.13
N SER A 586 1.51 -42.79 -16.20
CA SER A 586 0.21 -42.10 -16.05
C SER A 586 0.03 -41.72 -14.59
N LYS A 587 -0.24 -40.46 -14.32
CA LYS A 587 -0.63 -40.04 -12.97
C LYS A 587 -2.14 -39.95 -13.06
N TYR A 588 -2.86 -40.79 -12.32
CA TYR A 588 -4.31 -40.90 -12.53
C TYR A 588 -5.00 -40.90 -11.18
N SER A 589 -6.30 -40.58 -11.21
CA SER A 589 -7.17 -40.59 -10.01
C SER A 589 -8.63 -40.56 -10.46
N ASN A 590 -9.56 -40.68 -9.50
CA ASN A 590 -11.01 -40.47 -9.72
C ASN A 590 -11.61 -39.92 -8.44
N GLN A 591 -12.89 -39.56 -8.45
CA GLN A 591 -13.55 -38.98 -7.25
C GLN A 591 -13.29 -39.84 -6.01
N LYS A 592 -13.39 -41.17 -6.13
CA LYS A 592 -13.31 -42.11 -4.96
C LYS A 592 -11.84 -42.29 -4.53
N ASN A 593 -10.86 -42.32 -5.45
CA ASN A 593 -9.45 -42.69 -5.09
C ASN A 593 -8.38 -41.59 -5.34
N PRO A 594 -7.48 -41.27 -4.33
CA PRO A 594 -6.32 -40.34 -4.39
C PRO A 594 -5.37 -40.68 -5.54
N HIS A 595 -4.57 -39.71 -6.00
CA HIS A 595 -3.72 -39.87 -7.22
C HIS A 595 -2.73 -41.03 -7.02
N CYS A 596 -2.40 -41.66 -8.14
CA CYS A 596 -1.47 -42.80 -8.24
C CYS A 596 -0.55 -42.56 -9.42
N VAL A 597 0.67 -43.04 -9.41
CA VAL A 597 1.51 -42.93 -10.64
C VAL A 597 1.97 -44.33 -11.00
N SER A 598 1.74 -44.76 -12.25
CA SER A 598 2.10 -46.13 -12.69
C SER A 598 2.78 -46.11 -14.05
N LEU A 599 3.67 -47.08 -14.25
CA LEU A 599 4.47 -47.28 -15.49
C LEU A 599 3.84 -48.41 -16.31
N TYR A 600 3.63 -48.16 -17.60
CA TYR A 600 3.04 -49.15 -18.53
C TYR A 600 4.02 -49.37 -19.67
N LYS A 601 4.25 -50.64 -20.03
CA LYS A 601 5.06 -50.99 -21.22
C LYS A 601 4.16 -51.08 -22.44
N LEU A 602 4.61 -50.53 -23.57
CA LEU A 602 3.84 -50.50 -24.85
C LEU A 602 4.41 -51.60 -25.75
N SER A 603 3.53 -52.37 -26.41
CA SER A 603 4.00 -53.44 -27.34
C SER A 603 3.16 -53.41 -28.59
N SER A 604 3.63 -54.16 -29.58
CA SER A 604 2.99 -54.36 -30.89
C SER A 604 2.86 -55.85 -31.16
N PRO A 605 1.71 -56.33 -31.70
CA PRO A 605 1.66 -57.66 -32.30
C PRO A 605 2.66 -57.73 -33.45
N GLU A 606 3.28 -58.89 -33.62
CA GLU A 606 4.41 -59.11 -34.56
C GLU A 606 3.95 -58.77 -35.99
N ASP A 607 2.65 -58.83 -36.26
CA ASP A 607 2.09 -58.78 -37.65
C ASP A 607 1.76 -57.34 -38.07
N ASP A 608 1.91 -56.38 -37.17
CA ASP A 608 1.48 -54.99 -37.41
C ASP A 608 2.08 -54.06 -36.36
N PRO A 609 3.24 -53.43 -36.63
CA PRO A 609 3.88 -52.54 -35.66
C PRO A 609 3.03 -51.31 -35.28
N THR A 610 2.15 -50.90 -36.20
CA THR A 610 1.28 -49.71 -36.06
C THR A 610 0.17 -49.97 -35.05
N CYS A 611 -0.20 -51.23 -34.84
CA CYS A 611 -1.19 -51.56 -33.78
C CYS A 611 -0.47 -51.54 -32.42
N LYS A 612 -1.10 -50.97 -31.38
CA LYS A 612 -0.39 -50.74 -30.08
C LYS A 612 -1.20 -51.28 -28.91
N THR A 613 -0.52 -51.98 -28.02
CA THR A 613 -1.11 -52.56 -26.79
C THR A 613 -0.27 -52.08 -25.60
N LYS A 614 -0.86 -52.13 -24.40
CA LYS A 614 -0.17 -51.72 -23.16
C LYS A 614 -0.28 -52.82 -22.09
N GLU A 615 0.77 -52.97 -21.30
CA GLU A 615 0.76 -53.91 -20.16
C GLU A 615 1.26 -53.15 -18.93
N PHE A 616 0.59 -53.30 -17.80
CA PHE A 616 1.09 -52.70 -16.54
C PHE A 616 2.46 -53.32 -16.25
N TRP A 617 3.41 -52.50 -15.79
CA TRP A 617 4.82 -52.91 -15.51
C TRP A 617 5.13 -52.73 -14.03
N ALA A 618 4.80 -51.56 -13.47
CA ALA A 618 5.19 -51.18 -12.08
C ALA A 618 4.52 -49.90 -11.59
N THR A 619 4.43 -49.81 -10.27
CA THR A 619 3.98 -48.61 -9.52
C THR A 619 5.19 -47.75 -9.15
N ILE A 620 5.08 -46.45 -9.46
CA ILE A 620 6.08 -45.42 -9.05
C ILE A 620 5.58 -44.82 -7.73
N LEU A 621 4.29 -44.57 -7.58
CA LEU A 621 3.75 -43.99 -6.34
C LEU A 621 2.39 -44.62 -6.03
N ASP A 622 2.32 -45.32 -4.89
CA ASP A 622 1.09 -46.01 -4.44
C ASP A 622 0.07 -44.97 -3.98
N SER A 623 -1.20 -45.20 -4.25
CA SER A 623 -2.28 -44.28 -3.82
C SER A 623 -2.41 -44.37 -2.30
N ALA A 624 -2.63 -43.26 -1.62
CA ALA A 624 -2.84 -43.26 -0.16
C ALA A 624 -3.99 -44.22 0.21
N GLY A 625 -4.88 -44.54 -0.74
CA GLY A 625 -6.10 -45.33 -0.51
C GLY A 625 -7.24 -44.36 -0.17
N PRO A 626 -8.53 -44.79 -0.21
CA PRO A 626 -9.64 -43.87 0.04
C PRO A 626 -9.43 -43.18 1.40
N LEU A 627 -9.53 -41.85 1.41
CA LEU A 627 -9.41 -41.04 2.65
C LEU A 627 -10.50 -41.50 3.61
N PRO A 628 -10.15 -41.82 4.88
CA PRO A 628 -11.12 -42.34 5.84
C PRO A 628 -12.25 -41.36 6.19
N ASP A 629 -11.89 -40.09 6.34
CA ASP A 629 -12.76 -38.99 6.82
C ASP A 629 -13.49 -38.31 5.64
N TYR A 630 -13.08 -38.57 4.40
CA TYR A 630 -13.53 -37.81 3.20
C TYR A 630 -14.65 -38.54 2.46
N THR A 631 -15.73 -37.81 2.15
CA THR A 631 -16.90 -38.34 1.40
C THR A 631 -17.04 -37.63 0.02
N PRO A 632 -16.51 -38.25 -1.09
CA PRO A 632 -16.51 -37.82 -2.52
C PRO A 632 -17.88 -37.28 -2.90
N PRO A 633 -17.99 -36.26 -3.77
CA PRO A 633 -19.31 -35.80 -4.20
C PRO A 633 -19.80 -36.65 -5.38
N GLU A 634 -21.03 -36.38 -5.81
CA GLU A 634 -21.64 -36.99 -7.01
C GLU A 634 -21.54 -36.04 -8.20
N ILE A 635 -21.12 -36.57 -9.34
CA ILE A 635 -21.15 -35.82 -10.62
C ILE A 635 -22.56 -35.97 -11.22
N PHE A 636 -23.21 -34.86 -11.48
CA PHE A 636 -24.51 -34.81 -12.15
C PHE A 636 -24.36 -33.97 -13.40
N SER A 637 -25.41 -33.93 -14.22
CA SER A 637 -25.51 -33.15 -15.48
C SER A 637 -26.99 -32.86 -15.75
N PHE A 638 -27.23 -31.84 -16.54
CA PHE A 638 -28.57 -31.31 -16.83
C PHE A 638 -28.52 -30.66 -18.21
N GLU A 639 -29.60 -30.85 -18.98
CA GLU A 639 -29.66 -30.41 -20.39
C GLU A 639 -30.17 -28.97 -20.33
N SER A 640 -29.27 -27.99 -20.47
CA SER A 640 -29.53 -26.53 -20.35
C SER A 640 -30.38 -26.04 -21.53
N THR A 641 -31.24 -25.08 -21.26
CA THR A 641 -32.04 -24.32 -22.25
C THR A 641 -31.11 -23.72 -23.33
N THR A 642 -29.84 -23.51 -22.99
CA THR A 642 -28.79 -22.99 -23.92
C THR A 642 -28.44 -24.03 -24.99
N GLY A 643 -28.75 -25.32 -24.74
CA GLY A 643 -28.54 -26.42 -25.68
C GLY A 643 -27.22 -27.14 -25.50
N PHE A 644 -26.61 -27.04 -24.31
CA PHE A 644 -25.39 -27.81 -23.91
C PHE A 644 -25.69 -28.67 -22.69
N THR A 645 -25.12 -29.86 -22.61
CA THR A 645 -25.02 -30.57 -21.31
C THR A 645 -24.15 -29.68 -20.41
N LEU A 646 -24.57 -29.41 -19.17
CA LEU A 646 -23.69 -28.75 -18.16
C LEU A 646 -23.43 -29.76 -17.05
N TYR A 647 -22.21 -29.81 -16.53
CA TYR A 647 -21.88 -30.77 -15.46
C TYR A 647 -21.73 -30.04 -14.12
N GLY A 648 -22.00 -30.77 -13.05
CA GLY A 648 -21.88 -30.25 -11.69
C GLY A 648 -21.41 -31.33 -10.75
N MET A 649 -21.10 -30.93 -9.53
CA MET A 649 -20.70 -31.82 -8.43
C MET A 649 -21.65 -31.49 -7.29
N LEU A 650 -22.10 -32.50 -6.56
CA LEU A 650 -23.06 -32.32 -5.45
C LEU A 650 -22.47 -32.99 -4.20
N TYR A 651 -22.24 -32.21 -3.17
CA TYR A 651 -21.97 -32.76 -1.83
C TYR A 651 -23.34 -32.79 -1.11
N LYS A 652 -23.93 -33.97 -0.93
CA LYS A 652 -25.14 -34.14 -0.08
C LYS A 652 -24.71 -33.91 1.36
N PRO A 653 -25.54 -33.24 2.20
CA PRO A 653 -25.22 -33.06 3.62
C PRO A 653 -25.15 -34.42 4.31
N HIS A 654 -24.10 -34.63 5.11
CA HIS A 654 -23.79 -35.91 5.80
C HIS A 654 -24.94 -36.21 6.77
N ASP A 655 -25.22 -37.49 7.04
CA ASP A 655 -26.21 -37.85 8.09
C ASP A 655 -27.53 -37.13 7.72
N LEU A 656 -27.94 -37.27 6.47
CA LEU A 656 -29.11 -36.58 5.88
C LEU A 656 -30.37 -37.01 6.63
N GLN A 657 -31.17 -36.05 7.12
CA GLN A 657 -32.47 -36.27 7.82
C GLN A 657 -33.61 -36.19 6.81
N PRO A 658 -34.61 -37.11 6.87
CA PRO A 658 -35.76 -37.07 5.95
C PRO A 658 -36.74 -35.95 6.35
N GLY A 659 -37.39 -35.33 5.35
CA GLY A 659 -38.41 -34.27 5.54
C GLY A 659 -37.83 -32.91 5.94
N LYS A 660 -36.50 -32.77 6.04
CA LYS A 660 -35.78 -31.50 6.37
C LYS A 660 -35.01 -30.96 5.15
N LYS A 661 -35.04 -29.63 4.96
CA LYS A 661 -34.33 -28.89 3.88
C LYS A 661 -33.13 -28.12 4.46
N TYR A 662 -32.02 -28.08 3.71
CA TYR A 662 -30.68 -27.64 4.22
C TYR A 662 -30.20 -26.38 3.49
N PRO A 663 -29.31 -25.59 4.14
CA PRO A 663 -28.69 -24.44 3.49
C PRO A 663 -27.65 -24.91 2.46
N THR A 664 -27.55 -24.19 1.34
CA THR A 664 -26.75 -24.57 0.15
C THR A 664 -25.61 -23.54 -0.05
N VAL A 665 -24.35 -24.00 -0.10
CA VAL A 665 -23.19 -23.19 -0.57
C VAL A 665 -22.86 -23.58 -2.01
N LEU A 666 -23.04 -22.66 -2.93
CA LEU A 666 -22.50 -22.78 -4.30
C LEU A 666 -21.03 -22.36 -4.28
N PHE A 667 -20.11 -23.23 -4.64
CA PHE A 667 -18.69 -22.84 -4.81
C PHE A 667 -18.37 -22.77 -6.28
N ILE A 668 -17.67 -21.70 -6.69
CA ILE A 668 -17.58 -21.30 -8.12
C ILE A 668 -16.17 -20.81 -8.45
N TYR A 669 -15.73 -21.12 -9.67
CA TYR A 669 -14.67 -20.39 -10.42
C TYR A 669 -15.33 -19.75 -11.65
N GLY A 670 -15.72 -20.56 -12.62
CA GLY A 670 -16.69 -20.17 -13.66
C GLY A 670 -16.05 -19.46 -14.83
N GLY A 671 -14.73 -19.47 -14.88
CA GLY A 671 -13.96 -18.61 -15.79
C GLY A 671 -13.29 -19.44 -16.86
N PRO A 672 -12.75 -18.74 -17.90
CA PRO A 672 -12.03 -19.40 -18.98
C PRO A 672 -10.82 -20.17 -18.46
N GLN A 673 -10.47 -21.26 -19.16
CA GLN A 673 -9.21 -22.02 -19.03
C GLN A 673 -9.26 -22.99 -17.84
N VAL A 674 -10.42 -23.16 -17.19
CA VAL A 674 -10.56 -24.02 -15.98
C VAL A 674 -11.83 -24.86 -16.11
N GLN A 675 -11.76 -26.07 -15.57
CA GLN A 675 -12.90 -27.01 -15.39
C GLN A 675 -12.79 -27.54 -13.97
N LEU A 676 -13.71 -27.18 -13.06
CA LEU A 676 -13.74 -27.74 -11.68
C LEU A 676 -14.38 -29.14 -11.69
N VAL A 677 -15.33 -29.41 -12.59
CA VAL A 677 -16.15 -30.66 -12.55
C VAL A 677 -15.56 -31.68 -13.53
N ASN A 678 -14.95 -32.73 -12.97
CA ASN A 678 -14.32 -33.81 -13.76
C ASN A 678 -14.12 -35.00 -12.84
N ASN A 679 -13.73 -36.14 -13.41
CA ASN A 679 -13.58 -37.38 -12.62
C ASN A 679 -12.18 -37.43 -12.02
N ARG A 680 -11.88 -36.55 -11.07
CA ARG A 680 -10.56 -36.54 -10.40
C ARG A 680 -10.77 -36.50 -8.90
N PHE A 681 -9.77 -36.92 -8.13
CA PHE A 681 -9.86 -36.80 -6.66
C PHE A 681 -9.91 -35.31 -6.27
N LYS A 682 -10.94 -34.91 -5.52
CA LYS A 682 -11.06 -33.50 -5.05
C LYS A 682 -10.83 -33.45 -3.54
N GLY A 683 -10.26 -34.50 -2.96
CA GLY A 683 -10.07 -34.64 -1.53
C GLY A 683 -8.88 -33.85 -0.97
N VAL A 684 -7.95 -33.40 -1.79
CA VAL A 684 -6.85 -32.53 -1.28
C VAL A 684 -7.29 -31.06 -1.37
N LYS A 685 -7.31 -30.49 -2.57
CA LYS A 685 -7.64 -29.06 -2.83
C LYS A 685 -9.02 -28.73 -2.28
N TYR A 686 -10.04 -29.58 -2.46
CA TYR A 686 -11.45 -29.21 -2.15
C TYR A 686 -11.98 -30.07 -1.00
N PHE A 687 -11.09 -30.45 -0.10
CA PHE A 687 -11.46 -31.27 1.08
C PHE A 687 -12.45 -30.47 1.93
N ARG A 688 -12.42 -29.14 1.89
CA ARG A 688 -13.23 -28.36 2.87
C ARG A 688 -14.67 -28.27 2.36
N LEU A 689 -14.90 -28.58 1.08
CA LEU A 689 -16.29 -28.71 0.57
C LEU A 689 -16.95 -29.89 1.29
N ASN A 690 -16.15 -30.89 1.69
CA ASN A 690 -16.57 -32.08 2.47
C ASN A 690 -16.86 -31.64 3.91
N THR A 691 -15.91 -30.95 4.56
CA THR A 691 -16.12 -30.37 5.90
C THR A 691 -17.47 -29.63 5.95
N LEU A 692 -17.78 -28.85 4.90
CA LEU A 692 -19.03 -28.05 4.84
C LEU A 692 -20.23 -29.00 4.95
N ALA A 693 -20.24 -30.02 4.08
CA ALA A 693 -21.28 -31.07 4.03
C ALA A 693 -21.33 -31.79 5.39
N SER A 694 -20.20 -32.07 6.02
CA SER A 694 -20.20 -32.71 7.35
C SER A 694 -20.93 -31.79 8.36
N LEU A 695 -21.00 -30.47 8.14
CA LEU A 695 -21.66 -29.52 9.09
C LEU A 695 -23.13 -29.30 8.71
N GLY A 696 -23.59 -29.86 7.60
CA GLY A 696 -25.02 -29.82 7.20
C GLY A 696 -25.30 -28.82 6.12
N TYR A 697 -24.31 -28.57 5.27
CA TYR A 697 -24.50 -27.68 4.12
C TYR A 697 -24.50 -28.57 2.88
N VAL A 698 -25.50 -28.37 2.03
CA VAL A 698 -25.47 -28.81 0.61
C VAL A 698 -24.42 -27.94 -0.09
N VAL A 699 -23.48 -28.56 -0.81
CA VAL A 699 -22.46 -27.85 -1.63
C VAL A 699 -22.67 -28.21 -3.10
N VAL A 700 -22.68 -27.18 -3.95
CA VAL A 700 -22.86 -27.32 -5.42
C VAL A 700 -21.67 -26.67 -6.13
N VAL A 701 -21.15 -27.35 -7.15
CA VAL A 701 -20.17 -26.78 -8.12
C VAL A 701 -20.71 -27.09 -9.52
N ILE A 702 -20.67 -26.11 -10.43
CA ILE A 702 -21.21 -26.21 -11.81
C ILE A 702 -20.23 -25.56 -12.79
N ASP A 703 -19.84 -26.24 -13.86
CA ASP A 703 -19.02 -25.67 -14.96
C ASP A 703 -19.97 -24.95 -15.93
N ASN A 704 -20.19 -23.66 -15.69
CA ASN A 704 -20.98 -22.78 -16.59
C ASN A 704 -20.27 -22.68 -17.94
N ARG A 705 -20.94 -22.11 -18.94
CA ARG A 705 -20.30 -21.89 -20.26
C ARG A 705 -19.12 -20.95 -20.03
N GLY A 706 -18.12 -21.04 -20.90
CA GLY A 706 -16.81 -20.38 -20.70
C GLY A 706 -15.78 -21.34 -20.13
N SER A 707 -16.19 -22.32 -19.31
CA SER A 707 -15.23 -23.32 -18.76
C SER A 707 -14.63 -24.12 -19.92
N CYS A 708 -13.51 -24.81 -19.72
CA CYS A 708 -12.72 -25.44 -20.80
C CYS A 708 -13.10 -26.92 -20.91
N HIS A 709 -12.56 -27.60 -21.92
CA HIS A 709 -12.64 -29.06 -22.18
C HIS A 709 -13.98 -29.36 -22.86
N ARG A 710 -14.68 -28.33 -23.35
CA ARG A 710 -15.96 -28.51 -24.07
C ARG A 710 -15.91 -27.89 -25.47
N GLY A 711 -14.75 -27.39 -25.89
CA GLY A 711 -14.49 -26.90 -27.26
C GLY A 711 -14.60 -25.38 -27.33
N LEU A 712 -14.23 -24.82 -28.47
CA LEU A 712 -14.17 -23.35 -28.68
C LEU A 712 -15.58 -22.70 -28.70
N LYS A 713 -16.62 -23.37 -29.21
CA LYS A 713 -17.96 -22.74 -29.31
C LYS A 713 -18.51 -22.54 -27.89
N PHE A 714 -18.44 -23.57 -27.07
CA PHE A 714 -18.87 -23.58 -25.64
C PHE A 714 -18.06 -22.56 -24.83
N GLU A 715 -16.77 -22.45 -25.13
CA GLU A 715 -15.89 -21.50 -24.41
C GLU A 715 -16.29 -20.09 -24.80
N GLY A 716 -16.58 -19.88 -26.10
CA GLY A 716 -16.85 -18.59 -26.75
C GLY A 716 -18.15 -17.91 -26.31
N ALA A 717 -18.99 -18.58 -25.52
CA ALA A 717 -20.28 -18.04 -25.04
C ALA A 717 -20.15 -16.60 -24.53
N PHE A 718 -19.15 -16.27 -23.68
CA PHE A 718 -19.12 -14.94 -23.01
C PHE A 718 -18.19 -13.97 -23.75
N LYS A 719 -17.78 -14.26 -24.97
CA LYS A 719 -16.98 -13.30 -25.77
C LYS A 719 -17.69 -11.95 -25.72
N TYR A 720 -17.00 -10.94 -25.17
CA TYR A 720 -17.41 -9.51 -25.03
C TYR A 720 -18.43 -9.34 -23.90
N LYS A 721 -18.83 -10.40 -23.20
CA LYS A 721 -19.99 -10.42 -22.27
C LYS A 721 -19.61 -11.10 -20.95
N MET A 722 -18.34 -11.07 -20.55
CA MET A 722 -17.95 -11.64 -19.23
C MET A 722 -18.87 -11.09 -18.12
N GLY A 723 -19.39 -11.97 -17.26
CA GLY A 723 -20.26 -11.62 -16.13
C GLY A 723 -21.75 -11.63 -16.46
N GLN A 724 -22.13 -11.66 -17.73
CA GLN A 724 -23.55 -11.50 -18.15
C GLN A 724 -24.27 -12.83 -18.35
N ILE A 725 -23.57 -13.98 -18.38
CA ILE A 725 -24.20 -15.32 -18.64
C ILE A 725 -23.83 -16.36 -17.58
N GLU A 726 -22.72 -16.22 -16.89
CA GLU A 726 -22.20 -17.32 -16.05
C GLU A 726 -23.26 -17.66 -15.00
N ILE A 727 -23.85 -16.65 -14.35
CA ILE A 727 -24.75 -16.86 -13.16
C ILE A 727 -26.07 -17.49 -13.58
N ASP A 728 -26.60 -17.15 -14.77
CA ASP A 728 -27.76 -17.88 -15.34
C ASP A 728 -27.51 -19.40 -15.29
N ASP A 729 -26.34 -19.87 -15.75
CA ASP A 729 -26.07 -21.34 -15.80
C ASP A 729 -26.05 -21.86 -14.37
N GLN A 730 -25.47 -21.08 -13.46
CA GLN A 730 -25.32 -21.51 -12.06
C GLN A 730 -26.72 -21.70 -11.48
N VAL A 731 -27.59 -20.72 -11.68
CA VAL A 731 -28.97 -20.70 -11.14
C VAL A 731 -29.79 -21.81 -11.83
N GLU A 732 -29.64 -21.99 -13.15
CA GLU A 732 -30.36 -23.05 -13.90
C GLU A 732 -30.06 -24.41 -13.26
N GLY A 733 -28.79 -24.71 -13.01
CA GLY A 733 -28.37 -25.98 -12.40
C GLY A 733 -28.80 -26.07 -10.95
N LEU A 734 -28.99 -24.93 -10.30
CA LEU A 734 -29.42 -24.91 -8.89
C LEU A 734 -30.90 -25.27 -8.82
N GLN A 735 -31.72 -24.53 -9.57
CA GLN A 735 -33.16 -24.81 -9.78
C GLN A 735 -33.34 -26.28 -10.22
N TYR A 736 -32.54 -26.80 -11.17
CA TYR A 736 -32.61 -28.24 -11.56
C TYR A 736 -32.41 -29.12 -10.32
N LEU A 737 -31.30 -28.98 -9.62
CA LEU A 737 -31.01 -29.84 -8.43
C LEU A 737 -32.18 -29.75 -7.43
N ALA A 738 -32.81 -28.59 -7.29
CA ALA A 738 -33.78 -28.30 -6.21
C ALA A 738 -35.11 -29.00 -6.50
N SER A 739 -35.52 -29.01 -7.77
CA SER A 739 -36.78 -29.60 -8.26
C SER A 739 -36.62 -31.13 -8.39
N ARG A 740 -35.44 -31.66 -8.06
CA ARG A 740 -35.11 -33.11 -8.03
C ARG A 740 -34.86 -33.55 -6.58
N TYR A 741 -34.33 -32.66 -5.74
CA TYR A 741 -34.00 -32.94 -4.32
C TYR A 741 -34.72 -31.91 -3.43
N ASP A 742 -35.63 -32.39 -2.58
CA ASP A 742 -36.45 -31.53 -1.69
C ASP A 742 -35.59 -31.05 -0.51
N PHE A 743 -34.35 -31.56 -0.38
CA PHE A 743 -33.46 -31.29 0.79
C PHE A 743 -32.64 -30.01 0.56
N ILE A 744 -32.75 -29.39 -0.61
CA ILE A 744 -32.09 -28.08 -0.91
C ILE A 744 -33.02 -26.95 -0.49
N ASP A 745 -32.63 -26.17 0.52
CA ASP A 745 -33.37 -24.95 0.93
C ASP A 745 -33.01 -23.79 -0.01
N LEU A 746 -33.84 -23.51 -1.02
CA LEU A 746 -33.61 -22.40 -1.98
C LEU A 746 -33.64 -21.03 -1.29
N ASP A 747 -34.12 -20.92 -0.05
CA ASP A 747 -34.20 -19.61 0.66
C ASP A 747 -32.90 -19.35 1.41
N ARG A 748 -31.96 -20.31 1.43
CA ARG A 748 -30.69 -20.17 2.19
C ARG A 748 -29.49 -20.65 1.35
N VAL A 749 -29.26 -20.00 0.21
CA VAL A 749 -28.10 -20.24 -0.69
C VAL A 749 -27.04 -19.15 -0.49
N GLY A 750 -25.78 -19.57 -0.27
CA GLY A 750 -24.56 -18.73 -0.36
C GLY A 750 -23.71 -19.04 -1.60
N ILE A 751 -22.90 -18.09 -2.05
CA ILE A 751 -21.93 -18.35 -3.14
C ILE A 751 -20.54 -17.85 -2.74
N HIS A 752 -19.51 -18.55 -3.21
CA HIS A 752 -18.11 -18.29 -2.81
C HIS A 752 -17.14 -18.73 -3.90
N GLY A 753 -16.14 -17.91 -4.13
CA GLY A 753 -15.02 -18.29 -5.01
C GLY A 753 -13.87 -17.31 -4.89
N TRP A 754 -12.81 -17.60 -5.63
CA TRP A 754 -11.56 -16.80 -5.69
C TRP A 754 -11.32 -16.37 -7.14
N SER A 755 -10.85 -15.16 -7.33
CA SER A 755 -10.40 -14.68 -8.66
C SER A 755 -11.63 -14.58 -9.57
N TYR A 756 -11.64 -15.18 -10.75
CA TYR A 756 -12.88 -15.16 -11.57
C TYR A 756 -14.06 -15.56 -10.67
N GLY A 757 -13.87 -16.52 -9.76
CA GLY A 757 -14.92 -17.00 -8.83
C GLY A 757 -15.36 -15.94 -7.82
N GLY A 758 -14.43 -15.10 -7.39
CA GLY A 758 -14.75 -13.95 -6.54
C GLY A 758 -15.54 -12.91 -7.32
N TYR A 759 -15.17 -12.71 -8.59
CA TYR A 759 -15.91 -11.82 -9.52
C TYR A 759 -17.35 -12.30 -9.60
N LEU A 760 -17.56 -13.56 -10.01
CA LEU A 760 -18.91 -14.13 -10.16
C LEU A 760 -19.64 -14.13 -8.82
N SER A 761 -18.96 -14.33 -7.69
CA SER A 761 -19.66 -14.25 -6.37
C SER A 761 -20.27 -12.85 -6.21
N LEU A 762 -19.59 -11.79 -6.66
CA LEU A 762 -20.08 -10.39 -6.57
C LEU A 762 -21.22 -10.20 -7.59
N MET A 763 -20.97 -10.56 -8.85
CA MET A 763 -21.98 -10.54 -9.95
C MET A 763 -23.26 -11.23 -9.48
N ALA A 764 -23.15 -12.32 -8.73
CA ALA A 764 -24.29 -13.16 -8.31
C ALA A 764 -25.23 -12.36 -7.40
N LEU A 765 -24.70 -11.80 -6.31
CA LEU A 765 -25.51 -11.07 -5.31
C LEU A 765 -26.03 -9.76 -5.90
N MET A 766 -25.46 -9.35 -7.02
CA MET A 766 -25.69 -8.01 -7.60
C MET A 766 -26.85 -8.11 -8.60
N GLN A 767 -26.87 -9.21 -9.35
CA GLN A 767 -27.89 -9.52 -10.38
C GLN A 767 -29.00 -10.41 -9.80
N ARG A 768 -28.65 -11.39 -8.97
CA ARG A 768 -29.62 -12.40 -8.49
C ARG A 768 -29.67 -12.36 -6.97
N SER A 769 -30.01 -11.17 -6.47
CA SER A 769 -30.23 -10.88 -5.04
C SER A 769 -31.27 -11.87 -4.45
N ASP A 770 -32.32 -12.18 -5.19
CA ASP A 770 -33.40 -13.12 -4.77
C ASP A 770 -32.86 -14.52 -4.47
N ILE A 771 -32.00 -15.04 -5.34
CA ILE A 771 -31.43 -16.40 -5.19
C ILE A 771 -30.38 -16.46 -4.07
N PHE A 772 -29.49 -15.46 -3.95
CA PHE A 772 -28.27 -15.59 -3.10
C PHE A 772 -28.34 -14.71 -1.87
N ARG A 773 -28.28 -15.34 -0.70
CA ARG A 773 -28.32 -14.63 0.60
C ARG A 773 -26.98 -13.92 0.81
N VAL A 774 -25.89 -14.66 0.66
CA VAL A 774 -24.53 -14.16 0.94
C VAL A 774 -23.60 -14.54 -0.22
N ALA A 775 -22.74 -13.59 -0.58
CA ALA A 775 -21.60 -13.78 -1.49
C ALA A 775 -20.34 -13.56 -0.67
N ILE A 776 -19.40 -14.51 -0.69
CA ILE A 776 -18.01 -14.32 -0.19
C ILE A 776 -17.08 -14.28 -1.40
N ALA A 777 -16.54 -13.10 -1.69
CA ALA A 777 -15.69 -12.83 -2.86
C ALA A 777 -14.24 -12.71 -2.41
N GLY A 778 -13.44 -13.68 -2.83
CA GLY A 778 -11.99 -13.73 -2.61
C GLY A 778 -11.21 -13.28 -3.84
N ALA A 779 -10.37 -12.26 -3.67
CA ALA A 779 -9.50 -11.70 -4.71
C ALA A 779 -10.29 -11.47 -5.98
N PRO A 780 -11.44 -10.76 -5.89
CA PRO A 780 -12.26 -10.52 -7.06
C PRO A 780 -11.63 -9.50 -8.01
N VAL A 781 -11.63 -9.80 -9.31
CA VAL A 781 -11.60 -8.76 -10.38
C VAL A 781 -12.87 -7.91 -10.28
N THR A 782 -12.75 -6.60 -10.12
CA THR A 782 -13.90 -5.68 -9.98
C THR A 782 -13.94 -4.64 -11.11
N LEU A 783 -12.90 -4.54 -11.94
CA LEU A 783 -12.76 -3.48 -12.97
C LEU A 783 -11.90 -4.05 -14.10
N TRP A 784 -12.51 -4.41 -15.23
CA TRP A 784 -11.74 -5.06 -16.32
C TRP A 784 -10.63 -4.13 -16.86
N ILE A 785 -10.71 -2.81 -16.74
CA ILE A 785 -9.60 -1.90 -17.20
C ILE A 785 -8.38 -1.98 -16.26
N PHE A 786 -8.48 -2.61 -15.09
CA PHE A 786 -7.39 -2.75 -14.07
C PHE A 786 -6.68 -4.10 -14.21
N TYR A 787 -7.11 -4.93 -15.14
CA TYR A 787 -6.52 -6.26 -15.40
C TYR A 787 -5.70 -6.13 -16.69
N ASP A 788 -4.99 -7.19 -17.08
CA ASP A 788 -3.90 -7.11 -18.09
C ASP A 788 -4.45 -7.28 -19.53
N THR A 789 -3.61 -6.95 -20.49
CA THR A 789 -3.85 -7.02 -21.96
C THR A 789 -4.13 -8.46 -22.41
N GLY A 790 -3.17 -9.36 -22.21
CA GLY A 790 -3.20 -10.75 -22.74
C GLY A 790 -4.48 -11.50 -22.41
N TYR A 791 -4.94 -11.39 -21.17
CA TYR A 791 -6.18 -12.05 -20.72
C TYR A 791 -7.40 -11.24 -21.21
N THR A 792 -7.54 -10.01 -20.73
CA THR A 792 -8.78 -9.22 -20.87
C THR A 792 -9.13 -9.02 -22.36
N GLU A 793 -8.20 -8.61 -23.21
CA GLU A 793 -8.54 -8.32 -24.63
C GLU A 793 -8.87 -9.63 -25.39
N ARG A 794 -8.32 -10.75 -24.96
CA ARG A 794 -8.62 -12.07 -25.59
C ARG A 794 -10.15 -12.24 -25.56
N TYR A 795 -10.74 -12.04 -24.40
CA TYR A 795 -12.12 -12.46 -24.08
C TYR A 795 -13.12 -11.30 -24.27
N MET A 796 -12.67 -10.04 -24.14
CA MET A 796 -13.52 -8.83 -24.05
C MET A 796 -13.12 -7.80 -25.13
N GLY A 797 -12.15 -8.08 -25.99
CA GLY A 797 -11.59 -7.11 -26.95
C GLY A 797 -11.03 -5.85 -26.29
N HIS A 798 -10.63 -4.87 -27.10
CA HIS A 798 -10.15 -3.52 -26.66
C HIS A 798 -11.34 -2.82 -26.01
N PRO A 799 -11.16 -2.04 -24.91
CA PRO A 799 -12.29 -1.32 -24.31
C PRO A 799 -13.12 -0.38 -25.22
N ASP A 800 -12.53 0.17 -26.29
CA ASP A 800 -13.17 1.12 -27.26
C ASP A 800 -14.23 0.40 -28.12
N GLN A 801 -14.00 -0.88 -28.36
CA GLN A 801 -14.83 -1.79 -29.19
C GLN A 801 -15.93 -2.41 -28.32
N ASN A 802 -15.96 -2.13 -27.01
CA ASN A 802 -16.84 -2.85 -26.06
C ASN A 802 -17.15 -1.98 -24.82
N GLU A 803 -17.65 -0.76 -25.04
CA GLU A 803 -18.03 0.15 -23.93
C GLU A 803 -18.99 -0.58 -23.00
N GLN A 804 -19.97 -1.30 -23.56
CA GLN A 804 -21.11 -1.81 -22.79
C GLN A 804 -20.67 -3.06 -22.00
N GLY A 805 -19.91 -3.97 -22.62
CA GLY A 805 -19.41 -5.20 -21.96
C GLY A 805 -18.48 -4.87 -20.81
N TYR A 806 -17.59 -3.91 -21.02
CA TYR A 806 -16.68 -3.42 -19.97
C TYR A 806 -17.50 -2.82 -18.85
N TYR A 807 -18.53 -2.03 -19.15
CA TYR A 807 -19.34 -1.42 -18.07
C TYR A 807 -20.08 -2.54 -17.32
N LEU A 808 -20.82 -3.35 -18.07
CA LEU A 808 -21.73 -4.35 -17.47
C LEU A 808 -20.94 -5.44 -16.74
N GLY A 809 -19.73 -5.73 -17.21
CA GLY A 809 -18.84 -6.78 -16.68
C GLY A 809 -17.99 -6.28 -15.51
N SER A 810 -17.90 -4.97 -15.30
CA SER A 810 -17.07 -4.37 -14.21
C SER A 810 -17.97 -4.09 -12.99
N VAL A 811 -17.89 -4.91 -11.94
CA VAL A 811 -18.84 -4.81 -10.79
C VAL A 811 -18.63 -3.46 -10.08
N ALA A 812 -17.41 -2.91 -10.05
CA ALA A 812 -17.09 -1.68 -9.30
C ALA A 812 -17.81 -0.47 -9.92
N MET A 813 -18.08 -0.52 -11.22
CA MET A 813 -18.91 0.50 -11.92
C MET A 813 -20.41 0.43 -11.50
N GLN A 814 -20.84 -0.57 -10.71
CA GLN A 814 -22.27 -0.91 -10.47
C GLN A 814 -22.52 -1.10 -8.98
N ALA A 815 -21.78 -0.40 -8.13
CA ALA A 815 -21.83 -0.58 -6.66
C ALA A 815 -23.25 -0.34 -6.14
N GLU A 816 -24.03 0.53 -6.79
CA GLU A 816 -25.40 0.91 -6.32
C GLU A 816 -26.40 -0.26 -6.46
N LYS A 817 -26.08 -1.31 -7.23
CA LYS A 817 -26.92 -2.53 -7.41
C LYS A 817 -26.70 -3.54 -6.28
N PHE A 818 -25.89 -3.20 -5.27
CA PHE A 818 -25.61 -4.16 -4.17
C PHE A 818 -26.68 -3.99 -3.10
N PRO A 819 -26.85 -4.97 -2.20
CA PRO A 819 -27.87 -4.89 -1.15
C PRO A 819 -27.64 -3.75 -0.16
N SER A 820 -28.72 -3.15 0.33
CA SER A 820 -28.65 -2.19 1.46
C SER A 820 -28.76 -2.90 2.81
N GLU A 821 -28.90 -4.23 2.86
CA GLU A 821 -28.86 -4.94 4.16
C GLU A 821 -27.51 -5.63 4.36
N PRO A 822 -26.88 -5.47 5.53
CA PRO A 822 -25.54 -5.98 5.79
C PRO A 822 -25.52 -7.49 6.01
N ASN A 823 -24.34 -8.09 6.21
CA ASN A 823 -24.12 -9.54 6.45
C ASN A 823 -24.57 -10.37 5.23
N ARG A 824 -24.31 -9.85 4.04
CA ARG A 824 -24.57 -10.55 2.77
C ARG A 824 -23.33 -10.50 1.88
N LEU A 825 -22.49 -9.49 2.06
CA LEU A 825 -21.30 -9.27 1.22
C LEU A 825 -20.07 -9.30 2.11
N LEU A 826 -19.16 -10.23 1.82
CA LEU A 826 -17.85 -10.37 2.50
C LEU A 826 -16.78 -10.40 1.42
N LEU A 827 -15.77 -9.53 1.52
CA LEU A 827 -14.62 -9.47 0.58
C LEU A 827 -13.37 -9.96 1.29
N LEU A 828 -12.59 -10.80 0.60
CA LEU A 828 -11.33 -11.37 1.14
C LEU A 828 -10.24 -11.06 0.13
N HIS A 829 -9.11 -10.51 0.56
CA HIS A 829 -8.05 -10.17 -0.41
C HIS A 829 -6.71 -10.26 0.29
N GLY A 830 -5.66 -10.57 -0.47
CA GLY A 830 -4.24 -10.39 -0.07
C GLY A 830 -3.73 -9.04 -0.55
N PHE A 831 -3.10 -8.27 0.34
CA PHE A 831 -2.64 -6.89 0.07
C PHE A 831 -1.49 -6.88 -0.99
N LEU A 832 -0.87 -8.03 -1.24
CA LEU A 832 0.41 -8.14 -2.02
C LEU A 832 0.19 -8.90 -3.32
N ASP A 833 -1.07 -9.25 -3.63
CA ASP A 833 -1.47 -9.94 -4.88
C ASP A 833 -0.93 -9.13 -6.05
N GLU A 834 -0.18 -9.78 -6.95
CA GLU A 834 0.42 -9.15 -8.15
C GLU A 834 -0.29 -9.65 -9.41
N ASN A 835 -1.29 -10.53 -9.27
CA ASN A 835 -2.19 -10.93 -10.37
C ASN A 835 -3.52 -10.13 -10.28
N VAL A 836 -4.38 -10.42 -9.29
CA VAL A 836 -5.56 -9.56 -8.96
C VAL A 836 -5.14 -8.56 -7.87
N HIS A 837 -4.63 -7.40 -8.29
CA HIS A 837 -4.22 -6.31 -7.39
C HIS A 837 -5.33 -6.06 -6.37
N PHE A 838 -4.90 -5.61 -5.20
CA PHE A 838 -5.78 -5.23 -4.08
C PHE A 838 -6.60 -4.01 -4.54
N ALA A 839 -6.01 -3.27 -5.47
CA ALA A 839 -6.66 -2.13 -6.16
C ALA A 839 -8.10 -2.51 -6.57
N HIS A 840 -8.37 -3.72 -7.10
CA HIS A 840 -9.74 -4.16 -7.44
C HIS A 840 -10.62 -4.07 -6.19
N THR A 841 -10.13 -4.52 -5.06
CA THR A 841 -10.95 -4.52 -3.83
C THR A 841 -11.07 -3.07 -3.35
N SER A 842 -9.98 -2.33 -3.41
CA SER A 842 -9.88 -0.93 -2.92
C SER A 842 -10.89 -0.04 -3.66
N ILE A 843 -10.90 -0.09 -5.00
CA ILE A 843 -11.81 0.74 -5.83
C ILE A 843 -13.26 0.34 -5.56
N LEU A 844 -13.54 -0.96 -5.45
CA LEU A 844 -14.90 -1.44 -5.10
C LEU A 844 -15.34 -0.79 -3.79
N LEU A 845 -14.48 -0.81 -2.78
CA LEU A 845 -14.82 -0.26 -1.45
C LEU A 845 -15.15 1.22 -1.61
N SER A 846 -14.41 1.93 -2.45
CA SER A 846 -14.70 3.37 -2.63
C SER A 846 -16.14 3.54 -3.12
N PHE A 847 -16.57 2.73 -4.08
CA PHE A 847 -17.90 2.89 -4.72
C PHE A 847 -18.98 2.38 -3.76
N LEU A 848 -18.76 1.24 -3.09
CA LEU A 848 -19.67 0.76 -2.02
C LEU A 848 -19.89 1.89 -1.00
N VAL A 849 -18.82 2.55 -0.55
CA VAL A 849 -18.92 3.62 0.48
C VAL A 849 -19.79 4.73 -0.11
N ARG A 850 -19.37 5.26 -1.25
CA ARG A 850 -20.01 6.38 -1.99
C ARG A 850 -21.51 6.09 -2.22
N ALA A 851 -21.89 4.83 -2.37
CA ALA A 851 -23.26 4.38 -2.65
C ALA A 851 -23.98 3.99 -1.34
N GLY A 852 -23.34 4.28 -0.21
CA GLY A 852 -23.89 3.93 1.11
C GLY A 852 -24.22 2.45 1.29
N LYS A 853 -23.42 1.54 0.73
CA LYS A 853 -23.69 0.07 0.84
C LYS A 853 -22.85 -0.58 1.95
N PRO A 854 -23.41 -1.56 2.67
CA PRO A 854 -22.65 -2.28 3.68
C PRO A 854 -21.76 -3.36 3.04
N TYR A 855 -20.62 -3.64 3.69
CA TYR A 855 -19.72 -4.75 3.31
C TYR A 855 -18.91 -5.22 4.52
N ASP A 856 -18.45 -6.46 4.44
CA ASP A 856 -17.50 -7.06 5.42
C ASP A 856 -16.15 -7.27 4.70
N LEU A 857 -15.05 -7.12 5.43
CA LEU A 857 -13.70 -7.24 4.82
C LEU A 857 -12.78 -8.05 5.72
N GLN A 858 -12.06 -9.02 5.13
CA GLN A 858 -10.97 -9.76 5.80
C GLN A 858 -9.73 -9.56 4.94
N ILE A 859 -8.59 -9.31 5.56
CA ILE A 859 -7.35 -9.08 4.79
C ILE A 859 -6.28 -10.02 5.31
N TYR A 860 -5.53 -10.65 4.39
CA TYR A 860 -4.32 -11.46 4.67
C TYR A 860 -3.09 -10.67 4.23
N PRO A 861 -2.45 -9.88 5.13
CA PRO A 861 -1.38 -8.93 4.73
C PRO A 861 -0.09 -9.49 4.10
N GLN A 862 0.35 -10.71 4.41
CA GLN A 862 1.59 -11.27 3.78
C GLN A 862 1.40 -12.76 3.50
N VAL A 869 2.86 -19.33 4.03
CA VAL A 869 2.38 -18.96 5.40
C VAL A 869 1.08 -19.71 5.64
N PRO A 870 1.10 -20.89 6.32
CA PRO A 870 -0.10 -21.71 6.49
C PRO A 870 -1.14 -21.10 7.43
N GLU A 871 -0.73 -20.17 8.30
CA GLU A 871 -1.58 -19.51 9.35
C GLU A 871 -2.72 -18.74 8.69
N SER A 872 -2.47 -18.12 7.53
CA SER A 872 -3.47 -17.36 6.75
C SER A 872 -4.61 -18.29 6.31
N GLY A 873 -4.28 -19.39 5.61
CA GLY A 873 -5.28 -20.40 5.19
C GLY A 873 -6.18 -20.85 6.34
N GLU A 874 -5.61 -21.12 7.53
CA GLU A 874 -6.36 -21.62 8.70
C GLU A 874 -7.37 -20.56 9.14
N HIS A 875 -6.95 -19.30 9.18
CA HIS A 875 -7.83 -18.17 9.60
C HIS A 875 -8.97 -18.03 8.58
N TYR A 876 -8.63 -18.09 7.30
CA TYR A 876 -9.59 -18.02 6.17
C TYR A 876 -10.68 -19.09 6.37
N GLU A 877 -10.26 -20.35 6.52
CA GLU A 877 -11.18 -21.50 6.72
C GLU A 877 -12.03 -21.22 7.98
N LEU A 878 -11.40 -20.65 9.01
CA LEU A 878 -12.08 -20.41 10.30
C LEU A 878 -13.11 -19.29 10.11
N HIS A 879 -12.72 -18.15 9.54
CA HIS A 879 -13.65 -17.02 9.28
C HIS A 879 -14.77 -17.47 8.35
N LEU A 880 -14.45 -18.17 7.27
CA LEU A 880 -15.46 -18.61 6.27
C LEU A 880 -16.49 -19.54 6.93
N LEU A 881 -16.07 -20.56 7.68
CA LEU A 881 -17.08 -21.49 8.27
C LEU A 881 -17.95 -20.72 9.25
N HIS A 882 -17.32 -19.92 10.10
CA HIS A 882 -18.04 -19.14 11.14
C HIS A 882 -18.96 -18.13 10.47
N TYR A 883 -18.49 -17.44 9.44
CA TYR A 883 -19.32 -16.43 8.73
C TYR A 883 -20.57 -17.12 8.18
N LEU A 884 -20.39 -18.27 7.54
CA LEU A 884 -21.51 -19.00 6.91
C LEU A 884 -22.48 -19.45 8.00
N GLN A 885 -21.93 -19.94 9.10
CA GLN A 885 -22.75 -20.37 10.25
C GLN A 885 -23.56 -19.17 10.73
N GLU A 886 -22.88 -18.08 11.09
CA GLU A 886 -23.58 -16.93 11.72
C GLU A 886 -24.54 -16.31 10.73
N ASN A 887 -24.24 -16.28 9.43
CA ASN A 887 -25.05 -15.44 8.51
C ASN A 887 -25.79 -16.26 7.49
N LEU A 888 -25.70 -17.61 7.49
CA LEU A 888 -26.53 -18.37 6.51
C LEU A 888 -27.24 -19.58 7.11
N GLY A 889 -26.52 -20.51 7.75
CA GLY A 889 -27.11 -21.84 8.04
C GLY A 889 -27.53 -22.06 9.48
N SER A 890 -27.28 -21.15 10.42
CA SER A 890 -27.63 -21.42 11.84
C SER A 890 -29.00 -20.84 12.19
N ARG A 891 -29.49 -21.17 13.38
CA ARG A 891 -30.78 -20.65 13.90
C ARG A 891 -30.68 -19.13 14.04
N ILE A 892 -29.62 -18.65 14.70
CA ILE A 892 -29.44 -17.18 14.89
C ILE A 892 -29.51 -16.48 13.53
N ALA A 893 -28.94 -17.10 12.49
CA ALA A 893 -28.87 -16.51 11.14
C ALA A 893 -30.28 -16.16 10.66
N ALA A 894 -31.22 -17.11 10.80
CA ALA A 894 -32.64 -16.92 10.40
C ALA A 894 -33.25 -15.76 11.21
N LEU A 895 -33.01 -15.76 12.53
CA LEU A 895 -33.48 -14.69 13.44
C LEU A 895 -32.93 -13.32 13.02
N LYS A 896 -31.63 -13.28 12.71
CA LYS A 896 -30.85 -12.05 12.43
C LYS A 896 -31.55 -11.19 11.37
N VAL A 897 -32.12 -11.77 10.31
CA VAL A 897 -32.73 -10.96 9.21
C VAL A 897 -33.76 -9.99 9.81
N LEU B 48 -33.93 -4.71 37.96
CA LEU B 48 -33.58 -3.69 36.90
C LEU B 48 -33.64 -4.33 35.49
N GLU B 49 -34.61 -3.94 34.66
CA GLU B 49 -34.80 -4.45 33.27
C GLU B 49 -33.76 -3.85 32.32
N PRO B 50 -33.18 -4.62 31.37
CA PRO B 50 -32.28 -4.04 30.38
C PRO B 50 -33.10 -3.37 29.28
N PHE B 51 -32.80 -2.11 28.94
CA PHE B 51 -33.36 -1.35 27.78
C PHE B 51 -32.69 -1.83 26.49
N TYR B 52 -33.46 -1.94 25.40
CA TYR B 52 -32.99 -2.46 24.08
C TYR B 52 -33.22 -1.37 23.04
N VAL B 53 -32.16 -0.96 22.34
CA VAL B 53 -32.27 0.17 21.39
C VAL B 53 -33.11 -0.31 20.20
N GLU B 54 -33.86 0.61 19.61
CA GLU B 54 -34.61 0.38 18.35
C GLU B 54 -33.64 -0.25 17.36
N ARG B 55 -34.05 -1.38 16.77
CA ARG B 55 -33.28 -2.12 15.75
C ARG B 55 -33.63 -1.56 14.37
N TYR B 56 -33.07 -0.41 14.00
CA TYR B 56 -33.24 0.19 12.65
C TYR B 56 -32.56 -0.67 11.57
N SER B 57 -33.15 -0.71 10.39
CA SER B 57 -32.52 -1.29 9.17
C SER B 57 -31.35 -0.38 8.82
N TRP B 58 -30.48 -0.84 7.92
CA TRP B 58 -29.37 -0.03 7.38
C TRP B 58 -29.95 1.22 6.69
N SER B 59 -30.98 1.06 5.85
CA SER B 59 -31.61 2.17 5.06
C SER B 59 -32.25 3.19 6.02
N GLN B 60 -32.81 2.72 7.13
CA GLN B 60 -33.52 3.58 8.13
C GLN B 60 -32.48 4.38 8.92
N LEU B 61 -31.45 3.69 9.43
CA LEU B 61 -30.30 4.35 10.12
C LEU B 61 -29.71 5.43 9.22
N LYS B 62 -29.62 5.18 7.91
CA LYS B 62 -28.96 6.16 6.99
C LYS B 62 -29.82 7.43 7.01
N LYS B 63 -31.14 7.27 6.84
CA LYS B 63 -32.12 8.39 6.79
C LYS B 63 -32.06 9.13 8.12
N LEU B 64 -32.22 8.43 9.25
CA LEU B 64 -32.14 9.06 10.60
C LEU B 64 -30.92 9.98 10.67
N LEU B 65 -29.79 9.56 10.10
CA LEU B 65 -28.50 10.30 10.17
C LEU B 65 -28.54 11.52 9.25
N ALA B 66 -29.10 11.40 8.04
CA ALA B 66 -29.19 12.52 7.07
C ALA B 66 -30.13 13.62 7.56
N ASP B 67 -31.23 13.25 8.23
CA ASP B 67 -32.20 14.23 8.77
C ASP B 67 -31.56 15.02 9.91
N THR B 68 -30.93 14.34 10.87
CA THR B 68 -30.35 14.96 12.10
C THR B 68 -29.12 15.82 11.78
N ARG B 69 -28.41 15.50 10.71
CA ARG B 69 -27.23 16.28 10.25
C ARG B 69 -27.67 17.67 9.77
N LYS B 70 -28.85 17.72 9.13
CA LYS B 70 -29.56 18.96 8.69
C LYS B 70 -30.50 19.43 9.81
N MET B 76 -20.08 24.78 10.47
CA MET B 76 -18.67 24.78 10.94
C MET B 76 -17.85 25.70 10.03
N ALA B 77 -17.97 27.02 10.22
CA ALA B 77 -17.15 28.04 9.53
C ALA B 77 -16.07 28.56 10.47
N LYS B 78 -14.85 28.72 9.96
CA LYS B 78 -13.69 29.24 10.73
C LYS B 78 -14.07 30.63 11.29
N ALA B 79 -14.23 30.72 12.62
CA ALA B 79 -14.53 31.96 13.37
C ALA B 79 -13.37 32.94 13.23
N PRO B 80 -13.64 34.25 13.29
CA PRO B 80 -12.61 35.26 13.04
C PRO B 80 -11.38 35.02 13.91
N HIS B 81 -10.20 35.27 13.37
CA HIS B 81 -8.90 34.96 14.00
C HIS B 81 -7.78 35.82 13.41
N ASP B 82 -6.55 35.63 13.87
CA ASP B 82 -5.36 36.41 13.44
C ASP B 82 -5.71 37.90 13.47
N PHE B 83 -6.26 38.35 14.58
CA PHE B 83 -6.65 39.75 14.80
C PHE B 83 -5.41 40.63 14.88
N MET B 84 -5.55 41.83 14.38
CA MET B 84 -4.55 42.90 14.51
C MET B 84 -5.29 44.24 14.59
N PHE B 85 -4.82 45.10 15.49
CA PHE B 85 -5.42 46.42 15.79
C PHE B 85 -4.47 47.50 15.30
N VAL B 86 -4.98 48.41 14.46
CA VAL B 86 -4.19 49.56 13.96
C VAL B 86 -4.97 50.80 14.34
N LYS B 87 -4.25 51.75 14.94
CA LYS B 87 -4.79 53.07 15.37
C LYS B 87 -5.16 53.85 14.12
N ARG B 88 -6.22 54.66 14.22
CA ARG B 88 -6.69 55.57 13.15
C ARG B 88 -5.95 56.91 13.20
N ASN B 89 -5.55 57.35 14.42
CA ASN B 89 -4.85 58.63 14.72
C ASN B 89 -5.52 59.80 13.97
N ASP B 90 -6.86 59.88 14.04
CA ASP B 90 -7.66 60.91 13.34
C ASP B 90 -8.55 61.57 14.39
N PRO B 91 -8.06 62.66 15.03
CA PRO B 91 -8.75 63.25 16.18
C PRO B 91 -10.20 63.68 15.87
N ASP B 92 -10.48 64.11 14.63
CA ASP B 92 -11.82 64.63 14.25
C ASP B 92 -12.79 63.49 13.94
N GLY B 93 -12.30 62.24 13.85
CA GLY B 93 -13.09 61.10 13.37
C GLY B 93 -13.69 60.28 14.52
N PRO B 94 -14.63 59.38 14.21
CA PRO B 94 -15.36 58.64 15.26
C PRO B 94 -14.72 57.34 15.77
N HIS B 95 -13.62 56.89 15.15
CA HIS B 95 -13.04 55.53 15.34
C HIS B 95 -11.62 55.61 15.93
N SER B 96 -11.31 54.82 16.96
CA SER B 96 -9.96 54.80 17.60
C SER B 96 -8.99 53.91 16.82
N ASP B 97 -9.54 52.81 16.25
CA ASP B 97 -8.82 51.62 15.76
C ASP B 97 -9.60 51.05 14.59
N ARG B 98 -8.87 50.47 13.62
CA ARG B 98 -9.37 49.42 12.70
C ARG B 98 -8.79 48.08 13.13
N ILE B 99 -9.60 47.03 13.16
CA ILE B 99 -9.09 45.65 13.36
C ILE B 99 -9.17 44.93 12.03
N TYR B 100 -8.09 44.25 11.66
CA TYR B 100 -8.05 43.29 10.54
C TYR B 100 -8.07 41.88 11.14
N TYR B 101 -8.61 40.93 10.40
CA TYR B 101 -8.73 39.52 10.83
C TYR B 101 -9.06 38.63 9.63
N LEU B 102 -8.91 37.32 9.81
CA LEU B 102 -9.28 36.29 8.81
C LEU B 102 -10.56 35.68 9.31
N ALA B 103 -11.42 35.22 8.42
CA ALA B 103 -12.72 34.61 8.75
C ALA B 103 -13.39 34.08 7.47
N MET B 104 -14.38 33.19 7.63
CA MET B 104 -15.28 32.70 6.56
C MET B 104 -16.61 33.40 6.78
N SER B 105 -17.12 34.14 5.78
CA SER B 105 -18.34 35.00 5.88
C SER B 105 -19.62 34.22 6.30
N ASN B 108 -19.60 27.87 3.20
CA ASN B 108 -18.82 27.17 2.14
C ASN B 108 -18.00 28.21 1.36
N ARG B 109 -17.01 28.85 2.01
CA ARG B 109 -16.45 30.13 1.53
C ARG B 109 -14.92 30.18 1.66
N GLU B 110 -14.30 31.07 0.87
CA GLU B 110 -12.91 31.53 1.06
C GLU B 110 -12.81 32.09 2.50
N ASN B 111 -11.95 31.47 3.33
CA ASN B 111 -11.25 32.13 4.47
C ASN B 111 -10.45 33.31 3.91
N THR B 112 -10.84 34.54 4.23
CA THR B 112 -10.26 35.77 3.64
C THR B 112 -10.11 36.83 4.73
N LEU B 113 -9.55 37.97 4.34
CA LEU B 113 -9.26 39.14 5.19
C LEU B 113 -10.48 40.09 5.27
N PHE B 114 -10.79 40.53 6.47
CA PHE B 114 -11.88 41.47 6.76
C PHE B 114 -11.33 42.57 7.66
N TYR B 115 -12.06 43.68 7.77
CA TYR B 115 -11.79 44.69 8.80
C TYR B 115 -13.12 45.18 9.37
N SER B 116 -13.08 45.66 10.62
CA SER B 116 -14.20 46.30 11.33
C SER B 116 -13.69 47.58 11.97
N GLU B 117 -14.62 48.51 12.23
CA GLU B 117 -14.31 49.84 12.79
C GLU B 117 -14.66 49.82 14.27
N ILE B 118 -13.68 50.12 15.12
CA ILE B 118 -13.80 50.22 16.60
C ILE B 118 -14.12 51.67 16.96
N PRO B 119 -15.36 52.00 17.37
CA PRO B 119 -15.73 53.39 17.64
C PRO B 119 -15.14 53.89 18.97
N LYS B 120 -14.75 55.17 19.00
CA LYS B 120 -14.24 55.94 20.18
C LYS B 120 -15.24 55.89 21.34
N THR B 121 -16.54 55.82 21.05
CA THR B 121 -17.62 55.66 22.07
C THR B 121 -18.73 54.72 21.58
N ILE B 122 -19.50 54.20 22.53
CA ILE B 122 -20.67 53.30 22.26
C ILE B 122 -21.88 53.83 23.02
N ASN B 123 -23.07 53.46 22.58
CA ASN B 123 -24.33 53.61 23.34
C ASN B 123 -24.42 52.42 24.29
N ARG B 124 -24.24 52.65 25.59
CA ARG B 124 -24.13 51.54 26.57
C ARG B 124 -25.48 50.92 26.90
N ALA B 125 -26.57 51.50 26.37
CA ALA B 125 -27.95 50.98 26.47
C ALA B 125 -28.11 49.82 25.50
N ALA B 126 -27.49 49.95 24.31
CA ALA B 126 -27.59 49.02 23.16
C ALA B 126 -26.37 48.09 23.14
N VAL B 127 -26.38 47.10 22.23
CA VAL B 127 -25.24 46.20 21.89
C VAL B 127 -24.78 46.50 20.45
N LEU B 128 -23.52 46.92 20.28
CA LEU B 128 -22.91 47.16 18.94
C LEU B 128 -22.45 45.82 18.31
N MET B 129 -22.91 45.52 17.09
CA MET B 129 -22.46 44.37 16.28
C MET B 129 -21.59 44.95 15.18
N LEU B 130 -20.28 44.72 15.22
CA LEU B 130 -19.39 45.26 14.18
C LEU B 130 -19.78 44.57 12.88
N SER B 131 -19.83 45.31 11.78
CA SER B 131 -20.03 44.72 10.43
C SER B 131 -18.67 44.36 9.86
N TRP B 132 -18.64 43.27 9.10
CA TRP B 132 -17.40 42.76 8.45
C TRP B 132 -17.24 43.42 7.09
N LYS B 133 -16.21 44.23 6.93
CA LYS B 133 -15.91 44.89 5.64
C LYS B 133 -14.87 44.05 4.94
N PRO B 134 -15.13 43.53 3.73
CA PRO B 134 -14.12 42.78 2.98
C PRO B 134 -12.92 43.68 2.69
N LEU B 135 -11.72 43.15 2.84
CA LEU B 135 -10.51 43.96 2.56
C LEU B 135 -10.04 43.72 1.12
N LEU B 136 -10.49 42.64 0.47
CA LEU B 136 -9.97 42.30 -0.87
C LEU B 136 -11.11 42.28 -1.88
N ASP B 137 -10.85 42.76 -3.10
CA ASP B 137 -11.83 42.75 -4.21
C ASP B 137 -11.84 41.36 -4.83
N LEU B 138 -12.77 40.49 -4.46
CA LEU B 138 -12.80 39.08 -4.95
C LEU B 138 -14.08 38.83 -5.73
N PHE B 139 -14.01 37.99 -6.78
CA PHE B 139 -15.14 37.81 -7.74
C PHE B 139 -16.25 36.99 -7.07
N VAL B 164 -10.44 28.90 -2.19
CA VAL B 164 -9.01 28.49 -2.04
C VAL B 164 -8.57 28.71 -0.58
N GLY B 165 -8.59 29.97 -0.12
CA GLY B 165 -8.33 30.36 1.28
C GLY B 165 -7.08 31.21 1.44
N ILE B 166 -6.99 31.86 2.60
CA ILE B 166 -5.80 32.57 3.13
C ILE B 166 -5.59 32.00 4.54
N ALA B 167 -4.55 31.19 4.74
CA ALA B 167 -4.27 30.54 6.04
C ALA B 167 -3.72 31.58 7.03
N SER B 168 -2.88 32.50 6.59
CA SER B 168 -2.19 33.44 7.48
C SER B 168 -1.76 34.67 6.70
N TYR B 169 -1.38 35.73 7.40
CA TYR B 169 -0.91 36.96 6.73
C TYR B 169 0.20 37.58 7.54
N ASP B 170 0.87 38.55 6.93
CA ASP B 170 2.05 39.23 7.48
C ASP B 170 1.74 40.71 7.31
N TYR B 171 2.32 41.57 8.14
CA TYR B 171 2.02 43.02 8.08
C TYR B 171 3.21 43.83 8.61
N HIS B 172 3.42 45.01 8.03
CA HIS B 172 4.52 45.94 8.37
C HIS B 172 3.88 47.28 8.73
N GLN B 173 3.96 47.69 10.00
CA GLN B 173 3.22 48.86 10.55
C GLN B 173 3.56 50.15 9.77
N GLY B 174 4.86 50.40 9.56
CA GLY B 174 5.35 51.68 9.02
C GLY B 174 4.82 51.95 7.62
N SER B 175 4.71 50.88 6.81
CA SER B 175 4.36 50.93 5.36
C SER B 175 2.88 50.64 5.11
N GLY B 176 2.20 49.99 6.08
CA GLY B 176 0.83 49.46 5.92
C GLY B 176 0.76 48.34 4.89
N THR B 177 1.85 47.59 4.70
CA THR B 177 1.95 46.49 3.72
C THR B 177 1.45 45.18 4.36
N PHE B 178 0.37 44.61 3.84
CA PHE B 178 -0.06 43.19 4.00
C PHE B 178 0.67 42.32 2.97
N LEU B 179 0.94 41.05 3.31
CA LEU B 179 1.54 40.01 2.45
C LEU B 179 0.91 38.69 2.82
N PHE B 180 0.43 37.91 1.86
CA PHE B 180 -0.18 36.59 2.14
C PHE B 180 -0.18 35.70 0.90
N GLN B 181 -0.15 34.39 1.13
CA GLN B 181 -0.37 33.35 0.11
C GLN B 181 -1.89 33.13 -0.01
N ALA B 182 -2.35 32.83 -1.22
CA ALA B 182 -3.72 32.38 -1.54
C ALA B 182 -3.64 31.50 -2.80
N GLY B 183 -3.86 30.20 -2.65
CA GLY B 183 -3.52 29.19 -3.67
C GLY B 183 -2.04 29.25 -4.03
N SER B 184 -1.75 29.35 -5.32
CA SER B 184 -0.35 29.33 -5.86
C SER B 184 0.31 30.70 -5.70
N GLY B 185 -0.50 31.76 -5.66
CA GLY B 185 -0.05 33.17 -5.68
C GLY B 185 0.23 33.73 -4.30
N ILE B 186 1.36 34.44 -4.19
CA ILE B 186 1.70 35.41 -3.13
C ILE B 186 1.18 36.78 -3.60
N TYR B 187 0.33 37.43 -2.81
CA TYR B 187 -0.22 38.75 -3.12
C TYR B 187 0.14 39.73 -2.01
N HIS B 188 -0.11 41.03 -2.24
CA HIS B 188 0.09 42.10 -1.22
C HIS B 188 -0.87 43.27 -1.48
N VAL B 189 -1.11 44.07 -0.45
CA VAL B 189 -1.99 45.29 -0.49
C VAL B 189 -1.48 46.25 0.58
N LYS B 190 -1.90 47.50 0.55
CA LYS B 190 -1.56 48.48 1.61
C LYS B 190 -2.87 48.92 2.26
N ASP B 191 -2.86 49.06 3.58
CA ASP B 191 -3.94 49.69 4.39
C ASP B 191 -3.41 50.05 5.79
N GLY B 192 -3.75 51.24 6.29
CA GLY B 192 -3.51 51.66 7.68
C GLY B 192 -2.12 52.25 7.91
N GLY B 193 -1.37 52.49 6.82
CA GLY B 193 -0.02 53.07 6.92
C GLY B 193 -0.10 54.57 6.68
N PRO B 194 1.02 55.20 6.26
CA PRO B 194 0.97 56.58 5.74
C PRO B 194 -0.07 56.75 4.62
N GLN B 195 -0.38 55.70 3.87
CA GLN B 195 -1.32 55.75 2.71
C GLN B 195 -2.74 56.07 3.18
N GLY B 196 -3.06 55.84 4.47
CA GLY B 196 -4.42 56.03 5.03
C GLY B 196 -5.29 54.79 4.93
N PHE B 197 -6.60 54.95 5.07
CA PHE B 197 -7.55 53.82 5.26
C PHE B 197 -8.58 53.81 4.14
N THR B 198 -8.57 52.71 3.38
CA THR B 198 -9.55 52.40 2.32
C THR B 198 -10.96 52.39 2.91
N GLN B 199 -11.96 52.70 2.09
CA GLN B 199 -13.39 52.51 2.43
C GLN B 199 -13.97 51.48 1.46
N GLN B 200 -13.13 50.87 0.63
CA GLN B 200 -13.60 49.87 -0.36
C GLN B 200 -12.56 48.75 -0.47
N PRO B 201 -12.98 47.56 -0.92
CA PRO B 201 -12.06 46.42 -1.11
C PRO B 201 -10.88 46.74 -2.05
N LEU B 202 -9.71 46.21 -1.76
CA LEU B 202 -8.49 46.44 -2.57
C LEU B 202 -8.25 45.27 -3.51
N ARG B 203 -7.67 45.54 -4.68
CA ARG B 203 -7.33 44.45 -5.62
C ARG B 203 -6.02 43.87 -5.11
N PRO B 204 -5.95 42.56 -4.80
CA PRO B 204 -4.68 41.97 -4.41
C PRO B 204 -3.67 42.07 -5.57
N ASN B 205 -2.46 42.50 -5.25
CA ASN B 205 -1.36 42.67 -6.23
C ASN B 205 -0.46 41.44 -6.17
N LEU B 206 -0.45 40.65 -7.24
CA LEU B 206 0.37 39.41 -7.30
C LEU B 206 1.84 39.78 -7.40
N VAL B 207 2.70 39.11 -6.63
CA VAL B 207 4.18 39.25 -6.74
C VAL B 207 4.63 38.37 -7.92
N GLU B 208 5.19 38.98 -8.97
CA GLU B 208 5.57 38.27 -10.23
C GLU B 208 6.75 37.35 -9.90
N THR B 209 6.77 36.15 -10.50
CA THR B 209 7.89 35.18 -10.34
C THR B 209 8.23 34.47 -11.66
N SER B 210 9.48 33.98 -11.73
CA SER B 210 10.01 33.09 -12.79
C SER B 210 10.07 31.63 -12.30
N CYS B 211 9.72 31.38 -11.04
CA CYS B 211 9.80 30.03 -10.38
C CYS B 211 8.71 29.09 -10.95
N PRO B 212 9.06 27.84 -11.40
CA PRO B 212 8.16 26.80 -11.99
C PRO B 212 7.06 26.34 -11.02
N ASN B 213 7.45 26.13 -9.76
CA ASN B 213 6.60 25.48 -8.72
C ASN B 213 6.06 26.52 -7.74
N ILE B 214 5.12 26.06 -6.93
CA ILE B 214 4.36 26.86 -5.92
C ILE B 214 5.36 27.45 -4.91
N ARG B 215 5.24 28.74 -4.62
CA ARG B 215 6.00 29.40 -3.53
C ARG B 215 5.29 29.15 -2.18
N MET B 216 6.06 28.90 -1.13
CA MET B 216 5.53 28.55 0.21
C MET B 216 6.14 29.50 1.24
N ASP B 217 5.35 29.83 2.28
CA ASP B 217 5.81 30.46 3.55
C ASP B 217 6.42 31.82 3.24
N PRO B 218 5.67 32.75 2.61
CA PRO B 218 6.18 34.09 2.36
C PRO B 218 6.22 34.95 3.63
N LYS B 219 7.18 35.87 3.70
CA LYS B 219 7.35 36.77 4.87
C LYS B 219 7.93 38.12 4.43
N LEU B 220 7.33 39.23 4.85
CA LEU B 220 7.91 40.58 4.69
C LEU B 220 9.19 40.67 5.50
N CYS B 221 10.21 41.29 4.93
CA CYS B 221 11.40 41.76 5.68
C CYS B 221 10.97 42.93 6.55
N PRO B 222 11.02 42.80 7.89
CA PRO B 222 10.55 43.86 8.77
C PRO B 222 11.31 45.18 8.65
N ALA B 223 12.50 45.13 8.08
CA ALA B 223 13.43 46.29 7.98
C ALA B 223 13.29 46.98 6.62
N ASP B 224 12.64 46.33 5.64
CA ASP B 224 12.37 46.89 4.28
C ASP B 224 11.21 46.12 3.65
N PRO B 225 9.98 46.70 3.68
CA PRO B 225 8.80 46.01 3.21
C PRO B 225 8.72 45.90 1.68
N ASP B 226 9.72 46.41 0.96
CA ASP B 226 9.84 46.18 -0.52
C ASP B 226 10.30 44.74 -0.74
N TRP B 227 10.96 44.14 0.27
CA TRP B 227 11.57 42.79 0.20
C TRP B 227 10.74 41.74 0.95
N ILE B 228 10.34 40.69 0.24
CA ILE B 228 9.76 39.46 0.83
C ILE B 228 10.77 38.33 0.62
N ALA B 229 10.57 37.23 1.34
CA ALA B 229 11.26 35.94 1.18
C ALA B 229 10.17 34.90 1.02
N PHE B 230 10.51 33.74 0.46
CA PHE B 230 9.58 32.62 0.28
C PHE B 230 10.38 31.36 0.05
N ILE B 231 9.70 30.23 -0.06
CA ILE B 231 10.38 28.93 -0.24
C ILE B 231 9.93 28.40 -1.60
N HIS B 232 10.88 28.03 -2.46
CA HIS B 232 10.57 27.35 -3.74
C HIS B 232 11.44 26.09 -3.78
N SER B 233 10.83 24.92 -3.98
CA SER B 233 11.57 23.63 -4.11
C SER B 233 12.65 23.52 -3.03
N ASN B 234 12.24 23.71 -1.76
CA ASN B 234 13.07 23.58 -0.53
C ASN B 234 14.29 24.49 -0.57
N ASP B 235 14.21 25.65 -1.22
CA ASP B 235 15.31 26.65 -1.17
C ASP B 235 14.75 28.03 -0.88
N ILE B 236 15.54 28.86 -0.23
CA ILE B 236 15.10 30.22 0.13
C ILE B 236 15.29 31.13 -1.09
N TRP B 237 14.30 31.98 -1.34
CA TRP B 237 14.33 33.01 -2.39
C TRP B 237 13.89 34.33 -1.76
N ILE B 238 14.43 35.43 -2.22
CA ILE B 238 13.89 36.79 -1.92
C ILE B 238 13.43 37.43 -3.24
N SER B 239 12.68 38.51 -3.14
CA SER B 239 11.88 39.08 -4.26
C SER B 239 11.37 40.46 -3.83
N ASN B 240 11.44 41.44 -4.72
CA ASN B 240 11.19 42.88 -4.40
C ASN B 240 9.89 43.26 -5.11
N ILE B 241 8.89 43.75 -4.37
CA ILE B 241 7.50 43.97 -4.88
C ILE B 241 7.44 45.30 -5.67
N VAL B 242 8.46 46.16 -5.51
CA VAL B 242 8.64 47.43 -6.28
C VAL B 242 9.44 47.13 -7.56
N THR B 243 10.69 46.67 -7.44
CA THR B 243 11.69 46.61 -8.56
C THR B 243 11.47 45.38 -9.46
N ARG B 244 10.68 44.41 -9.05
CA ARG B 244 10.43 43.13 -9.77
C ARG B 244 11.65 42.18 -9.67
N GLU B 245 12.66 42.50 -8.84
CA GLU B 245 13.94 41.73 -8.74
C GLU B 245 13.74 40.46 -7.90
N GLU B 246 14.18 39.31 -8.41
CA GLU B 246 13.98 37.97 -7.83
C GLU B 246 15.33 37.24 -7.82
N ARG B 247 15.78 36.76 -6.66
CA ARG B 247 17.04 36.02 -6.55
C ARG B 247 16.89 34.84 -5.59
N ARG B 248 17.31 33.66 -6.04
CA ARG B 248 17.50 32.46 -5.20
C ARG B 248 18.69 32.71 -4.26
N LEU B 249 18.59 32.32 -2.99
CA LEU B 249 19.63 32.55 -1.94
C LEU B 249 20.37 31.26 -1.61
N THR B 250 19.78 30.08 -1.87
CA THR B 250 20.36 28.77 -1.45
C THR B 250 20.22 27.75 -2.58
N TYR B 251 21.24 26.91 -2.77
CA TYR B 251 21.32 26.00 -3.94
C TYR B 251 21.42 24.56 -3.41
N VAL B 252 20.81 24.36 -2.25
CA VAL B 252 20.85 23.08 -1.49
C VAL B 252 20.09 21.94 -2.19
N HIS B 253 19.12 22.21 -3.06
CA HIS B 253 18.27 21.13 -3.64
C HIS B 253 17.92 21.46 -5.09
N ASN B 254 17.86 20.44 -5.95
CA ASN B 254 17.40 20.61 -7.35
C ASN B 254 16.09 19.85 -7.53
N GLU B 255 15.06 20.51 -8.06
CA GLU B 255 13.66 20.01 -8.17
C GLU B 255 13.60 18.72 -9.00
N LEU B 256 14.35 18.62 -10.10
CA LEU B 256 14.33 17.41 -10.96
C LEU B 256 15.24 16.35 -10.37
N ALA B 257 14.85 15.72 -9.27
CA ALA B 257 15.72 14.75 -8.57
C ALA B 257 14.90 13.73 -7.79
N ASN B 258 15.54 12.60 -7.49
CA ASN B 258 14.96 11.51 -6.66
C ASN B 258 15.09 11.93 -5.19
N MET B 259 14.16 11.45 -4.36
CA MET B 259 14.14 11.79 -2.90
C MET B 259 15.28 11.08 -2.17
N GLU B 260 15.70 9.89 -2.60
CA GLU B 260 16.89 9.17 -2.05
C GLU B 260 18.17 9.96 -2.38
N GLU B 261 18.21 10.48 -3.61
CA GLU B 261 19.30 11.33 -4.17
C GLU B 261 19.37 12.67 -3.42
N ASP B 262 18.25 13.39 -3.26
CA ASP B 262 18.24 14.76 -2.67
C ASP B 262 17.40 14.75 -1.39
N ALA B 263 18.04 14.90 -0.24
CA ALA B 263 17.38 14.92 1.07
C ALA B 263 17.75 16.22 1.79
N ARG B 264 18.20 17.22 1.03
CA ARG B 264 18.65 18.51 1.61
C ARG B 264 17.60 19.57 1.29
N SER B 265 17.45 20.51 2.23
CA SER B 265 16.38 21.54 2.27
C SER B 265 16.87 22.69 3.14
N ALA B 266 16.52 23.92 2.77
CA ALA B 266 16.88 25.11 3.57
C ALA B 266 15.62 25.95 3.81
N GLY B 267 15.46 26.41 5.04
CA GLY B 267 14.36 27.31 5.46
C GLY B 267 13.05 26.59 5.77
N VAL B 268 12.99 25.27 5.58
CA VAL B 268 11.76 24.44 5.75
C VAL B 268 11.92 23.59 7.02
N ALA B 269 10.90 23.62 7.88
CA ALA B 269 10.78 22.73 9.04
C ALA B 269 10.42 21.34 8.53
N THR B 270 11.07 20.30 9.05
CA THR B 270 10.93 18.89 8.59
C THR B 270 9.68 18.34 9.25
N PHE B 271 9.32 17.11 8.91
CA PHE B 271 8.05 16.47 9.33
C PHE B 271 7.89 16.51 10.85
N VAL B 272 8.91 16.14 11.60
CA VAL B 272 8.72 15.92 13.05
C VAL B 272 8.48 17.26 13.72
N LEU B 273 9.12 18.31 13.21
CA LEU B 273 8.99 19.65 13.83
C LEU B 273 7.63 20.23 13.54
N GLN B 274 7.07 19.94 12.37
CA GLN B 274 5.68 20.36 12.07
C GLN B 274 4.71 19.51 12.91
N GLU B 275 4.78 18.19 12.82
CA GLU B 275 3.77 17.29 13.45
C GLU B 275 3.88 17.29 14.99
N GLU B 276 5.05 17.45 15.58
CA GLU B 276 5.24 17.07 17.01
C GLU B 276 5.67 18.26 17.87
N PHE B 277 6.13 19.35 17.25
CA PHE B 277 6.59 20.60 17.91
C PHE B 277 5.85 21.83 17.37
N ASP B 278 4.99 21.67 16.35
CA ASP B 278 4.16 22.77 15.77
C ASP B 278 5.08 23.95 15.43
N ARG B 279 6.22 23.70 14.80
CA ARG B 279 7.07 24.76 14.20
C ARG B 279 6.96 24.60 12.69
N TYR B 280 6.46 25.62 11.98
CA TYR B 280 6.01 25.53 10.56
C TYR B 280 7.01 26.24 9.62
N SER B 281 7.73 27.22 10.14
CA SER B 281 8.73 28.04 9.42
C SER B 281 10.15 27.65 9.86
N GLY B 282 11.12 27.74 8.93
CA GLY B 282 12.54 27.46 9.16
C GLY B 282 13.48 28.58 8.74
N TYR B 283 13.00 29.81 8.55
CA TYR B 283 13.84 30.99 8.24
C TYR B 283 13.29 32.22 8.98
N TRP B 284 14.16 33.17 9.30
CA TRP B 284 13.81 34.30 10.19
C TRP B 284 14.50 35.58 9.72
N TRP B 285 13.76 36.45 9.06
CA TRP B 285 14.26 37.79 8.72
C TRP B 285 14.81 38.41 9.99
N CYS B 286 16.02 38.95 9.92
CA CYS B 286 16.60 39.84 10.94
C CYS B 286 15.77 41.11 10.87
N PRO B 287 15.21 41.59 12.00
CA PRO B 287 14.31 42.74 11.99
C PRO B 287 14.94 44.10 11.68
N LYS B 288 16.27 44.21 11.74
CA LYS B 288 17.00 45.50 11.51
C LYS B 288 17.92 45.37 10.30
N ALA B 289 18.03 46.48 9.57
CA ALA B 289 19.08 46.81 8.58
C ALA B 289 20.42 47.02 9.30
N GLU B 290 21.52 46.94 8.55
CA GLU B 290 22.83 47.53 8.93
C GLU B 290 23.29 48.39 7.74
N THR B 291 23.39 49.72 7.95
CA THR B 291 23.83 50.71 6.91
C THR B 291 25.27 50.39 6.47
N THR B 292 25.53 50.30 5.17
CA THR B 292 26.91 50.17 4.60
C THR B 292 27.47 51.58 4.37
N PRO B 293 28.77 51.82 4.63
CA PRO B 293 29.39 53.14 4.42
C PRO B 293 29.11 53.78 3.05
N SER B 294 28.88 52.98 2.00
CA SER B 294 28.55 53.43 0.62
C SER B 294 27.19 54.14 0.57
N GLY B 295 26.33 53.94 1.57
CA GLY B 295 24.94 54.44 1.58
C GLY B 295 23.96 53.39 1.08
N GLY B 296 24.38 52.12 1.04
CA GLY B 296 23.49 50.95 0.88
C GLY B 296 23.16 50.34 2.23
N LYS B 297 22.88 49.03 2.27
CA LYS B 297 22.58 48.30 3.55
C LYS B 297 22.70 46.77 3.41
N ILE B 298 22.81 46.09 4.56
CA ILE B 298 22.80 44.60 4.71
C ILE B 298 21.48 44.13 5.37
N LEU B 299 20.70 43.27 4.68
CA LEU B 299 19.57 42.46 5.21
C LEU B 299 20.06 41.04 5.53
N ARG B 300 19.39 40.34 6.45
CA ARG B 300 19.91 39.05 6.98
C ARG B 300 18.79 38.05 7.19
N ILE B 301 19.07 36.79 6.91
CA ILE B 301 18.15 35.66 7.13
C ILE B 301 18.89 34.56 7.90
N LEU B 302 18.56 34.40 9.18
CA LEU B 302 18.86 33.14 9.93
C LEU B 302 17.95 32.07 9.35
N TYR B 303 18.48 30.87 9.10
CA TYR B 303 17.70 29.74 8.53
C TYR B 303 18.33 28.41 8.93
N GLU B 304 17.46 27.47 9.22
CA GLU B 304 17.79 26.04 9.45
C GLU B 304 18.04 25.41 8.08
N GLU B 305 19.12 24.65 7.95
CA GLU B 305 19.41 23.78 6.78
C GLU B 305 19.41 22.33 7.28
N ASN B 306 18.73 21.42 6.57
CA ASN B 306 18.55 20.04 7.09
C ASN B 306 19.03 19.03 6.06
N ASP B 307 19.74 18.01 6.54
CA ASP B 307 20.14 16.85 5.71
C ASP B 307 19.32 15.63 6.18
N GLU B 308 18.46 15.10 5.32
CA GLU B 308 17.53 13.98 5.65
C GLU B 308 18.04 12.68 5.00
N SER B 309 19.31 12.62 4.62
CA SER B 309 19.89 11.48 3.86
C SER B 309 19.75 10.18 4.65
N GLU B 310 20.02 10.22 5.97
CA GLU B 310 20.12 9.04 6.88
C GLU B 310 18.74 8.71 7.47
N VAL B 311 17.66 9.36 7.00
CA VAL B 311 16.33 9.28 7.65
C VAL B 311 15.51 8.20 6.93
N GLU B 312 14.88 7.31 7.69
CA GLU B 312 13.96 6.29 7.11
C GLU B 312 13.09 6.98 6.05
N ILE B 313 12.86 6.26 4.94
CA ILE B 313 11.91 6.61 3.87
C ILE B 313 10.74 5.64 4.03
N ILE B 314 9.49 6.11 3.94
CA ILE B 314 8.29 5.23 3.93
C ILE B 314 7.42 5.61 2.72
N HIS B 315 6.50 4.71 2.33
CA HIS B 315 5.62 4.81 1.14
C HIS B 315 4.13 4.85 1.55
N VAL B 316 3.30 5.57 0.80
CA VAL B 316 1.81 5.56 0.91
C VAL B 316 1.24 5.61 -0.52
N THR B 317 0.12 4.90 -0.79
CA THR B 317 -0.58 4.92 -2.10
C THR B 317 -0.73 6.38 -2.57
N ASP B 327 2.98 8.75 -2.68
CA ASP B 327 4.41 8.92 -3.06
C ASP B 327 5.28 8.46 -1.87
N SER B 328 6.21 9.29 -1.40
CA SER B 328 7.11 8.93 -0.28
C SER B 328 7.69 10.18 0.37
N PHE B 329 8.14 10.02 1.62
CA PHE B 329 8.70 11.10 2.46
C PHE B 329 9.54 10.53 3.60
N ARG B 330 10.29 11.43 4.23
CA ARG B 330 11.29 11.13 5.28
C ARG B 330 10.64 11.17 6.66
N TYR B 331 10.41 9.99 7.23
CA TYR B 331 9.71 9.76 8.52
C TYR B 331 10.73 9.15 9.47
N PRO B 332 11.23 9.90 10.46
CA PRO B 332 12.10 9.34 11.48
C PRO B 332 11.32 8.45 12.46
N LYS B 333 11.31 7.13 12.22
CA LYS B 333 10.78 6.12 13.19
C LYS B 333 11.51 6.27 14.52
N THR B 334 10.81 6.02 15.63
CA THR B 334 11.41 6.06 16.99
C THR B 334 12.68 5.19 17.05
N GLY B 335 13.73 5.71 17.66
CA GLY B 335 15.01 5.04 17.84
C GLY B 335 15.88 5.11 16.61
N THR B 336 15.41 5.70 15.50
CA THR B 336 16.20 5.86 14.25
C THR B 336 16.70 7.29 14.17
N ALA B 337 17.19 7.70 13.02
CA ALA B 337 17.94 8.97 12.89
C ALA B 337 16.96 10.09 12.55
N ASN B 338 17.15 11.23 13.21
CA ASN B 338 16.49 12.50 12.86
C ASN B 338 17.37 13.20 11.84
N PRO B 339 16.89 14.24 11.15
CA PRO B 339 17.72 14.91 10.16
C PRO B 339 18.97 15.52 10.82
N LYS B 340 20.07 15.61 10.08
CA LYS B 340 21.28 16.36 10.50
C LYS B 340 20.93 17.84 10.34
N VAL B 341 21.14 18.65 11.36
CA VAL B 341 20.61 20.05 11.32
C VAL B 341 21.74 21.03 11.55
N THR B 342 21.56 22.26 11.08
CA THR B 342 22.49 23.36 11.40
C THR B 342 21.82 24.69 11.09
N PHE B 343 22.35 25.76 11.68
CA PHE B 343 22.03 27.17 11.39
C PHE B 343 23.02 27.68 10.32
N LYS B 344 22.49 28.18 9.23
CA LYS B 344 23.19 29.07 8.28
C LYS B 344 22.66 30.48 8.50
N MET B 345 23.24 31.48 7.82
CA MET B 345 22.88 32.91 7.83
C MET B 345 23.14 33.47 6.43
N SER B 346 22.10 33.82 5.68
CA SER B 346 22.23 34.47 4.35
C SER B 346 22.30 35.98 4.58
N GLU B 347 23.42 36.57 4.17
CA GLU B 347 23.73 38.02 4.32
C GLU B 347 23.58 38.68 2.95
N ILE B 348 22.66 39.64 2.81
CA ILE B 348 22.23 40.20 1.50
C ILE B 348 22.64 41.67 1.45
N MET B 349 23.64 42.02 0.61
CA MET B 349 24.10 43.42 0.40
C MET B 349 23.17 44.07 -0.62
N ILE B 350 22.56 45.20 -0.26
CA ILE B 350 21.61 45.99 -1.12
C ILE B 350 22.20 47.39 -1.31
N ASP B 351 22.09 47.98 -2.51
CA ASP B 351 22.67 49.32 -2.75
C ASP B 351 21.58 50.35 -2.48
N ALA B 352 21.92 51.63 -2.64
CA ALA B 352 21.05 52.79 -2.27
C ALA B 352 19.81 52.81 -3.16
N GLU B 353 19.82 52.14 -4.32
CA GLU B 353 18.66 52.15 -5.27
C GLU B 353 17.77 50.93 -4.99
N GLY B 354 18.15 50.05 -4.05
CA GLY B 354 17.41 48.84 -3.67
C GLY B 354 17.66 47.65 -4.59
N ARG B 355 18.75 47.65 -5.38
CA ARG B 355 19.19 46.49 -6.21
C ARG B 355 20.25 45.68 -5.45
N ILE B 356 20.29 44.36 -5.67
CA ILE B 356 21.24 43.44 -4.96
C ILE B 356 22.64 43.68 -5.50
N ILE B 357 23.58 44.09 -4.64
CA ILE B 357 25.05 44.09 -4.91
C ILE B 357 25.48 42.63 -5.01
N ASP B 358 25.45 41.91 -3.89
CA ASP B 358 25.86 40.48 -3.82
C ASP B 358 25.10 39.80 -2.68
N VAL B 359 25.02 38.47 -2.71
CA VAL B 359 24.47 37.59 -1.64
C VAL B 359 25.62 36.72 -1.11
N ILE B 360 25.85 36.69 0.21
CA ILE B 360 26.94 35.89 0.84
C ILE B 360 26.34 34.91 1.84
N ASP B 361 26.19 33.64 1.44
CA ASP B 361 25.80 32.48 2.30
C ASP B 361 26.90 32.22 3.34
N LYS B 362 26.63 32.46 4.62
CA LYS B 362 27.55 32.17 5.76
C LYS B 362 27.16 30.86 6.45
N GLU B 363 28.11 30.20 7.09
CA GLU B 363 27.92 28.93 7.86
C GLU B 363 28.45 29.15 9.27
N LEU B 364 28.17 28.23 10.19
CA LEU B 364 28.68 28.34 11.58
C LEU B 364 30.20 28.22 11.52
N ILE B 365 30.89 28.97 12.38
CA ILE B 365 32.38 28.92 12.48
C ILE B 365 32.84 27.51 12.89
N GLN B 366 32.12 26.82 13.79
CA GLN B 366 32.42 25.41 14.17
C GLN B 366 31.14 24.61 13.98
N PRO B 367 31.20 23.34 13.52
CA PRO B 367 29.98 22.58 13.25
C PRO B 367 28.98 22.60 14.42
N PHE B 368 27.69 22.55 14.09
CA PHE B 368 26.56 22.64 15.04
C PHE B 368 26.85 21.75 16.27
N GLU B 369 27.28 20.50 16.03
CA GLU B 369 27.43 19.43 17.06
C GLU B 369 28.52 19.83 18.08
N ILE B 370 29.48 20.67 17.69
CA ILE B 370 30.55 21.17 18.61
C ILE B 370 29.94 22.24 19.52
N LEU B 371 29.52 23.35 18.92
CA LEU B 371 28.94 24.54 19.60
C LEU B 371 27.74 24.15 20.47
N PHE B 372 26.84 23.29 19.95
CA PHE B 372 25.62 22.87 20.70
C PHE B 372 25.64 21.37 20.98
N GLU B 373 26.43 20.96 21.98
CA GLU B 373 26.61 19.51 22.25
C GLU B 373 25.24 19.01 22.68
N GLY B 374 24.85 17.81 22.23
CA GLY B 374 23.73 17.06 22.81
C GLY B 374 22.38 17.49 22.26
N VAL B 375 22.35 18.50 21.39
CA VAL B 375 21.10 19.13 20.87
C VAL B 375 20.63 18.39 19.61
N GLU B 376 19.51 17.63 19.72
CA GLU B 376 18.83 16.97 18.58
C GLU B 376 17.98 17.99 17.83
N TYR B 377 17.00 18.60 18.47
CA TYR B 377 15.94 19.38 17.78
C TYR B 377 16.12 20.87 18.06
N ILE B 378 15.99 21.68 17.00
CA ILE B 378 15.78 23.16 17.06
C ILE B 378 14.28 23.45 17.21
N ALA B 379 13.78 23.65 18.43
CA ALA B 379 12.34 23.74 18.71
C ALA B 379 11.77 25.09 18.21
N ARG B 380 12.50 26.19 18.41
CA ARG B 380 12.06 27.58 18.15
C ARG B 380 13.29 28.44 17.80
N ALA B 381 13.11 29.47 16.99
CA ALA B 381 14.15 30.49 16.75
C ALA B 381 13.52 31.83 16.32
N GLY B 382 14.26 32.91 16.56
CA GLY B 382 13.93 34.24 16.05
C GLY B 382 15.10 35.17 16.30
N TRP B 383 14.82 36.44 16.55
CA TRP B 383 15.85 37.48 16.82
C TRP B 383 15.46 38.31 18.04
N THR B 384 16.42 38.98 18.65
CA THR B 384 16.15 39.99 19.70
C THR B 384 15.48 41.15 18.98
N PRO B 385 14.70 42.00 19.69
CA PRO B 385 13.91 43.05 19.04
C PRO B 385 14.72 43.97 18.08
N GLU B 386 16.00 44.24 18.38
CA GLU B 386 16.91 45.14 17.61
C GLU B 386 17.81 44.34 16.69
N GLY B 387 17.75 43.01 16.68
CA GLY B 387 18.49 42.17 15.70
C GLY B 387 19.98 42.02 16.03
N LYS B 388 20.39 42.32 17.26
CA LYS B 388 21.81 42.18 17.70
C LYS B 388 22.15 40.68 17.73
N TYR B 389 21.31 39.88 18.37
CA TYR B 389 21.44 38.40 18.46
C TYR B 389 20.24 37.73 17.79
N ALA B 390 20.49 36.60 17.13
CA ALA B 390 19.50 35.53 16.90
C ALA B 390 19.34 34.73 18.20
N TRP B 391 18.17 34.11 18.42
CA TRP B 391 17.95 33.18 19.57
C TRP B 391 17.40 31.85 19.05
N SER B 392 17.54 30.82 19.87
CA SER B 392 16.96 29.49 19.59
C SER B 392 16.62 28.76 20.89
N ILE B 393 15.57 27.97 20.86
CA ILE B 393 15.27 27.04 21.98
C ILE B 393 15.65 25.64 21.49
N LEU B 394 16.59 24.99 22.17
CA LEU B 394 17.29 23.76 21.71
C LEU B 394 16.93 22.61 22.63
N LEU B 395 16.71 21.42 22.10
CA LEU B 395 16.37 20.24 22.94
C LEU B 395 17.39 19.13 22.71
N ASP B 396 17.68 18.40 23.78
CA ASP B 396 18.40 17.10 23.70
C ASP B 396 17.42 16.06 23.12
N ARG B 397 17.94 14.97 22.58
CA ARG B 397 17.12 13.87 22.02
C ARG B 397 16.05 13.36 22.99
N SER B 398 16.30 13.37 24.30
CA SER B 398 15.36 12.75 25.30
C SER B 398 14.31 13.78 25.75
N GLN B 399 14.46 15.02 25.27
CA GLN B 399 13.51 16.15 25.47
C GLN B 399 13.35 16.38 26.97
N THR B 400 14.44 16.23 27.73
CA THR B 400 14.47 16.40 29.22
C THR B 400 15.38 17.57 29.59
N ARG B 401 16.01 18.19 28.59
CA ARG B 401 16.90 19.37 28.75
C ARG B 401 16.63 20.41 27.64
N LEU B 402 16.39 21.65 28.08
CA LEU B 402 16.06 22.80 27.21
C LEU B 402 17.13 23.87 27.44
N GLN B 403 17.56 24.51 26.35
CA GLN B 403 18.54 25.62 26.39
C GLN B 403 18.03 26.74 25.50
N ILE B 404 17.91 27.96 26.06
CA ILE B 404 17.70 29.20 25.26
C ILE B 404 19.08 29.77 24.98
N VAL B 405 19.43 29.94 23.70
CA VAL B 405 20.81 30.29 23.28
C VAL B 405 20.77 31.52 22.39
N LEU B 406 21.68 32.48 22.66
CA LEU B 406 21.94 33.66 21.80
C LEU B 406 23.08 33.36 20.83
N ILE B 407 22.86 33.69 19.56
CA ILE B 407 23.78 33.38 18.43
C ILE B 407 24.07 34.71 17.71
N SER B 408 25.23 35.31 17.94
CA SER B 408 25.64 36.56 17.26
C SER B 408 25.81 36.29 15.77
N PRO B 409 25.42 37.22 14.87
CA PRO B 409 25.74 37.07 13.44
C PRO B 409 27.25 36.85 13.20
N GLU B 410 28.08 37.29 14.15
CA GLU B 410 29.55 37.20 14.06
C GLU B 410 30.02 35.74 14.11
N LEU B 411 29.25 34.83 14.71
CA LEU B 411 29.58 33.39 14.69
C LEU B 411 29.45 32.80 13.28
N PHE B 412 29.16 33.61 12.26
CA PHE B 412 28.99 33.09 10.90
C PHE B 412 30.06 33.71 10.00
N ILE B 413 30.75 32.84 9.26
CA ILE B 413 31.84 33.19 8.30
C ILE B 413 31.40 32.61 6.95
N PRO B 414 31.79 33.23 5.83
CA PRO B 414 31.36 32.74 4.51
C PRO B 414 31.69 31.26 4.23
N VAL B 415 30.85 30.64 3.41
CA VAL B 415 31.07 29.27 2.86
C VAL B 415 32.21 29.42 1.85
N GLU B 416 33.38 28.86 2.19
CA GLU B 416 34.61 29.05 1.39
C GLU B 416 35.19 27.68 1.00
N ASP B 417 35.44 27.49 -0.30
CA ASP B 417 36.02 26.26 -0.91
C ASP B 417 37.48 26.10 -0.48
N ASP B 418 38.32 27.12 -0.73
CA ASP B 418 39.77 27.08 -0.40
C ASP B 418 39.94 26.95 1.12
N VAL B 419 40.74 25.98 1.56
CA VAL B 419 41.11 25.76 2.99
C VAL B 419 41.93 26.94 3.51
N MET B 420 42.93 27.35 2.71
CA MET B 420 43.89 28.45 3.05
C MET B 420 43.09 29.73 3.31
N GLU B 421 42.36 30.21 2.29
CA GLU B 421 41.52 31.43 2.42
C GLU B 421 40.58 31.23 3.62
N ARG B 422 39.88 30.10 3.68
CA ARG B 422 38.91 29.78 4.75
C ARG B 422 39.59 29.86 6.11
N GLN B 423 40.84 29.40 6.20
CA GLN B 423 41.57 29.35 7.50
C GLN B 423 41.79 30.76 8.08
N ARG B 424 42.02 31.78 7.23
CA ARG B 424 42.29 33.16 7.73
C ARG B 424 40.98 33.76 8.27
N LEU B 425 39.83 33.44 7.67
CA LEU B 425 38.49 33.90 8.14
C LEU B 425 38.24 33.46 9.59
N ILE B 426 38.54 32.21 9.89
CA ILE B 426 38.34 31.62 11.25
C ILE B 426 39.22 32.35 12.27
N GLU B 427 40.45 32.74 11.89
CA GLU B 427 41.35 33.55 12.76
C GLU B 427 40.74 34.92 12.98
N SER B 428 40.19 35.51 11.90
CA SER B 428 39.56 36.86 11.93
C SER B 428 38.47 36.92 13.01
N VAL B 429 37.80 35.79 13.28
CA VAL B 429 36.71 35.75 14.31
C VAL B 429 37.33 35.81 15.70
N PRO B 430 37.03 36.86 16.49
CA PRO B 430 37.55 36.99 17.85
C PRO B 430 37.06 35.86 18.76
N ASP B 431 37.78 35.58 19.83
CA ASP B 431 37.42 34.52 20.81
C ASP B 431 36.27 34.96 21.70
N SER B 432 36.05 36.27 21.85
CA SER B 432 34.89 36.81 22.61
C SER B 432 33.57 36.37 21.96
N VAL B 433 33.50 36.42 20.61
CA VAL B 433 32.29 36.00 19.84
C VAL B 433 32.16 34.48 19.90
N THR B 434 31.54 34.02 20.99
CA THR B 434 31.13 32.64 21.35
C THR B 434 29.59 32.59 21.45
N PRO B 435 28.92 31.38 21.39
CA PRO B 435 27.49 31.24 21.69
C PRO B 435 27.19 31.50 23.16
N LEU B 436 25.97 31.97 23.49
CA LEU B 436 25.56 32.32 24.89
C LEU B 436 24.31 31.54 25.29
N ILE B 437 24.42 30.66 26.27
CA ILE B 437 23.26 29.89 26.80
C ILE B 437 22.68 30.71 27.95
N ILE B 438 21.77 31.63 27.61
CA ILE B 438 21.14 32.56 28.60
C ILE B 438 20.22 31.80 29.54
N TYR B 439 19.94 30.51 29.35
CA TYR B 439 18.99 29.77 30.24
C TYR B 439 19.06 28.27 29.92
N GLU B 440 19.02 27.43 30.97
CA GLU B 440 19.02 25.96 30.84
C GLU B 440 18.19 25.41 32.00
N GLU B 441 17.44 24.32 31.76
CA GLU B 441 16.57 23.65 32.75
C GLU B 441 16.52 22.18 32.36
N THR B 442 16.03 21.32 33.27
CA THR B 442 15.91 19.85 33.07
C THR B 442 14.74 19.31 33.87
N THR B 443 14.23 18.16 33.44
CA THR B 443 13.14 17.48 34.17
C THR B 443 13.36 15.97 34.04
N ASP B 444 12.81 15.21 34.96
CA ASP B 444 12.84 13.73 34.93
C ASP B 444 11.61 13.24 34.17
N ILE B 445 10.80 14.17 33.66
CA ILE B 445 9.54 13.85 32.93
C ILE B 445 9.72 14.19 31.43
N TRP B 446 9.47 15.44 31.02
CA TRP B 446 9.80 15.95 29.66
C TRP B 446 9.51 17.45 29.61
N ILE B 447 10.21 18.15 28.72
CA ILE B 447 9.94 19.57 28.31
C ILE B 447 8.75 19.57 27.34
N ASN B 448 7.69 20.31 27.66
CA ASN B 448 6.60 20.70 26.74
C ASN B 448 7.03 22.03 26.10
N ILE B 449 7.37 22.00 24.81
CA ILE B 449 7.73 23.25 24.06
C ILE B 449 6.50 24.16 23.96
N HIS B 450 6.69 25.47 23.90
CA HIS B 450 5.57 26.45 23.84
C HIS B 450 6.04 27.76 23.17
N ASP B 451 5.12 28.69 22.93
CA ASP B 451 5.37 29.87 22.05
C ASP B 451 5.64 31.13 22.88
N ILE B 452 5.68 31.02 24.22
CA ILE B 452 5.99 32.14 25.14
C ILE B 452 7.52 32.29 25.18
N PHE B 453 8.02 33.43 24.73
CA PHE B 453 9.40 33.94 24.99
C PHE B 453 9.47 35.40 24.53
N HIS B 454 9.56 36.32 25.50
CA HIS B 454 9.54 37.78 25.29
C HIS B 454 10.87 38.38 25.75
N VAL B 455 11.51 39.12 24.89
CA VAL B 455 12.82 39.76 25.18
C VAL B 455 12.61 41.27 25.27
N PHE B 456 13.07 41.85 26.39
CA PHE B 456 13.04 43.30 26.61
C PHE B 456 14.14 43.96 25.79
N PRO B 457 14.01 45.27 25.49
CA PRO B 457 15.12 46.03 24.90
C PRO B 457 16.35 45.91 25.82
N GLN B 458 17.56 45.83 25.23
CA GLN B 458 18.83 45.70 26.00
C GLN B 458 19.14 47.06 26.63
N SER B 459 19.13 47.13 27.97
CA SER B 459 19.49 48.36 28.71
C SER B 459 21.03 48.43 28.91
N HIS B 460 21.73 47.30 28.82
CA HIS B 460 23.18 47.16 29.16
C HIS B 460 23.80 46.02 28.33
N GLU B 461 24.90 46.29 27.61
CA GLU B 461 25.62 45.35 26.69
C GLU B 461 25.90 43.99 27.36
N GLU B 462 26.02 43.95 28.69
CA GLU B 462 26.55 42.79 29.46
C GLU B 462 25.38 41.93 29.97
N GLU B 463 24.14 42.25 29.58
CA GLU B 463 22.91 41.68 30.20
C GLU B 463 21.75 41.52 29.19
N ILE B 464 20.88 40.54 29.46
CA ILE B 464 19.59 40.36 28.74
C ILE B 464 18.51 39.98 29.76
N GLU B 465 17.34 40.60 29.58
CA GLU B 465 16.14 40.54 30.45
C GLU B 465 15.03 39.95 29.57
N PHE B 466 14.36 38.89 30.02
CA PHE B 466 13.34 38.18 29.21
C PHE B 466 12.31 37.48 30.10
N ILE B 467 11.11 37.28 29.57
CA ILE B 467 10.06 36.43 30.18
C ILE B 467 10.05 35.08 29.44
N PHE B 468 9.86 34.00 30.19
CA PHE B 468 9.79 32.60 29.69
C PHE B 468 8.83 31.86 30.62
N ALA B 469 8.33 30.72 30.17
CA ALA B 469 7.35 29.90 30.92
C ALA B 469 8.01 28.55 31.13
N SER B 470 7.75 27.90 32.25
CA SER B 470 8.40 26.61 32.58
C SER B 470 7.60 25.86 33.65
N GLU B 471 7.64 24.53 33.52
CA GLU B 471 7.06 23.57 34.47
C GLU B 471 8.20 22.97 35.34
N CYS B 472 9.46 23.29 35.02
CA CYS B 472 10.64 22.62 35.63
C CYS B 472 10.77 22.93 37.13
N LYS B 473 10.46 24.17 37.57
CA LYS B 473 10.47 24.56 39.02
C LYS B 473 9.33 23.84 39.79
N THR B 474 8.05 24.11 39.52
CA THR B 474 6.94 23.66 40.41
C THR B 474 6.14 22.49 39.82
N GLY B 475 6.32 22.16 38.54
CA GLY B 475 5.48 21.17 37.83
C GLY B 475 4.17 21.75 37.30
N PHE B 476 4.08 23.10 37.24
CA PHE B 476 3.01 23.88 36.57
C PHE B 476 3.61 25.03 35.76
N ARG B 477 3.07 25.26 34.57
CA ARG B 477 3.71 26.23 33.64
C ARG B 477 3.47 27.60 34.24
N HIS B 478 4.53 28.33 34.55
CA HIS B 478 4.43 29.65 35.20
C HIS B 478 5.39 30.59 34.49
N LEU B 479 5.10 31.89 34.53
CA LEU B 479 5.90 32.94 33.87
C LEU B 479 7.03 33.29 34.84
N TYR B 480 8.25 33.43 34.32
CA TYR B 480 9.45 33.78 35.10
C TYR B 480 10.15 34.92 34.34
N LYS B 481 10.42 36.05 35.01
CA LYS B 481 11.25 37.17 34.48
C LYS B 481 12.72 36.96 34.87
N ILE B 482 13.59 36.86 33.88
CA ILE B 482 15.00 36.41 34.04
C ILE B 482 15.92 37.48 33.48
N THR B 483 16.99 37.79 34.23
CA THR B 483 18.15 38.56 33.73
C THR B 483 19.33 37.59 33.74
N SER B 484 20.05 37.51 32.61
CA SER B 484 21.23 36.62 32.41
C SER B 484 22.41 37.45 31.93
N ILE B 485 23.61 37.13 32.43
CA ILE B 485 24.84 37.95 32.25
C ILE B 485 25.61 37.38 31.05
N LEU B 486 25.97 38.26 30.11
CA LEU B 486 26.67 37.91 28.84
C LEU B 486 28.18 37.97 29.08
N LYS B 487 28.66 37.09 29.97
CA LYS B 487 30.10 36.93 30.29
C LYS B 487 30.77 36.33 29.06
N GLU B 488 31.99 36.79 28.75
CA GLU B 488 32.89 36.18 27.74
C GLU B 488 33.22 34.77 28.21
N SER B 489 33.23 33.80 27.30
CA SER B 489 33.44 32.38 27.67
C SER B 489 34.92 32.15 28.02
N LYS B 490 35.14 31.17 28.90
CA LYS B 490 36.49 30.64 29.23
C LYS B 490 37.12 30.06 27.98
N TYR B 491 36.32 29.31 27.21
CA TYR B 491 36.75 28.60 25.97
C TYR B 491 37.25 29.62 24.95
N LYS B 492 38.37 29.29 24.30
CA LYS B 492 39.04 30.11 23.27
C LYS B 492 39.19 29.23 22.02
N ARG B 493 38.62 29.68 20.90
CA ARG B 493 38.73 28.96 19.61
C ARG B 493 40.18 28.93 19.15
N SER B 494 40.92 30.03 19.36
CA SER B 494 42.34 30.21 18.94
C SER B 494 43.19 29.02 19.40
N SER B 495 42.99 28.54 20.63
CA SER B 495 43.75 27.42 21.27
C SER B 495 43.62 26.12 20.49
N GLY B 496 42.55 25.91 19.71
CA GLY B 496 42.39 24.69 18.87
C GLY B 496 41.77 23.55 19.66
N GLY B 497 41.32 23.80 20.89
CA GLY B 497 40.66 22.78 21.73
C GLY B 497 39.16 22.71 21.45
N LEU B 498 38.48 21.71 22.02
CA LEU B 498 37.00 21.52 21.91
C LEU B 498 36.31 22.02 23.18
N PRO B 499 35.10 22.63 23.07
CA PRO B 499 34.44 23.24 24.22
C PRO B 499 33.80 22.21 25.17
N ALA B 500 33.91 22.45 26.47
CA ALA B 500 33.32 21.59 27.53
C ALA B 500 31.81 21.77 27.54
N PRO B 501 31.04 20.93 28.27
CA PRO B 501 29.58 21.08 28.33
C PRO B 501 29.12 22.47 28.79
N SER B 502 29.66 23.00 29.89
CA SER B 502 29.14 24.21 30.58
C SER B 502 29.97 25.46 30.24
N ASP B 503 30.71 25.43 29.13
CA ASP B 503 31.64 26.52 28.72
C ASP B 503 30.88 27.76 28.26
N PHE B 504 29.68 27.58 27.71
CA PHE B 504 28.87 28.70 27.16
C PHE B 504 27.72 29.05 28.09
N LYS B 505 27.62 28.42 29.27
CA LYS B 505 26.56 28.76 30.26
C LYS B 505 26.72 30.21 30.71
N CYS B 506 25.60 30.89 30.94
CA CYS B 506 25.56 32.30 31.38
C CYS B 506 25.08 32.31 32.82
N PRO B 507 25.64 33.17 33.69
CA PRO B 507 25.14 33.27 35.06
C PRO B 507 23.73 33.89 35.10
N ILE B 508 22.89 33.44 36.02
CA ILE B 508 21.51 33.96 36.26
C ILE B 508 21.63 35.07 37.32
N LYS B 509 21.58 36.34 36.91
CA LYS B 509 21.51 37.49 37.84
C LYS B 509 20.18 37.41 38.61
N GLU B 510 19.05 37.31 37.91
CA GLU B 510 17.69 37.43 38.49
C GLU B 510 16.79 36.34 37.87
N GLU B 511 15.97 35.68 38.68
CA GLU B 511 14.96 34.69 38.20
C GLU B 511 13.72 34.77 39.10
N ILE B 512 12.86 35.78 38.86
CA ILE B 512 11.61 36.06 39.64
C ILE B 512 10.43 35.31 39.02
N ALA B 513 9.70 34.56 39.83
CA ALA B 513 8.40 33.96 39.49
C ALA B 513 7.34 35.06 39.42
N ILE B 514 6.78 35.32 38.23
CA ILE B 514 5.66 36.28 38.03
C ILE B 514 4.36 35.62 38.45
N THR B 515 4.22 34.31 38.20
CA THR B 515 3.02 33.52 38.59
C THR B 515 3.45 32.27 39.35
N SER B 516 2.52 31.68 40.08
CA SER B 516 2.74 30.44 40.85
C SER B 516 1.37 29.92 41.25
N GLY B 517 1.27 28.66 41.67
CA GLY B 517 -0.03 28.06 41.99
C GLY B 517 -0.18 26.66 41.41
N GLU B 518 -1.30 26.05 41.77
CA GLU B 518 -1.69 24.69 41.33
C GLU B 518 -2.56 24.83 40.08
N TRP B 519 -2.00 25.47 39.06
CA TRP B 519 -2.66 25.76 37.76
C TRP B 519 -1.57 26.21 36.77
N GLU B 520 -1.82 26.08 35.47
CA GLU B 520 -0.82 26.42 34.41
C GLU B 520 -1.20 27.70 33.63
N VAL B 521 -0.16 28.44 33.27
CA VAL B 521 -0.15 29.42 32.15
C VAL B 521 -0.21 28.61 30.85
N LEU B 522 -1.03 29.02 29.88
CA LEU B 522 -1.17 28.36 28.55
C LEU B 522 -0.22 29.03 27.56
N GLY B 523 0.51 28.22 26.77
CA GLY B 523 1.55 28.72 25.85
C GLY B 523 1.54 28.05 24.47
N ARG B 524 0.44 27.41 24.09
CA ARG B 524 0.33 26.52 22.91
C ARG B 524 -0.98 26.79 22.15
N HIS B 525 -1.05 26.50 20.84
CA HIS B 525 -2.28 26.56 20.00
C HIS B 525 -2.91 27.96 19.97
N GLY B 526 -2.12 29.04 19.91
CA GLY B 526 -2.64 30.42 19.92
C GLY B 526 -2.42 31.13 21.24
N SER B 527 -2.50 30.38 22.35
CA SER B 527 -2.23 30.87 23.73
C SER B 527 -0.81 31.42 23.80
N ASN B 528 -0.69 32.70 24.09
CA ASN B 528 0.60 33.41 24.23
C ASN B 528 0.41 34.47 25.33
N ILE B 529 1.36 35.39 25.46
CA ILE B 529 1.33 36.52 26.43
C ILE B 529 1.44 37.83 25.63
N GLN B 530 1.05 38.93 26.24
CA GLN B 530 1.26 40.28 25.67
C GLN B 530 1.89 41.13 26.76
N VAL B 531 2.93 41.88 26.44
CA VAL B 531 3.68 42.65 27.46
C VAL B 531 3.45 44.14 27.19
N ASP B 532 2.75 44.79 28.12
CA ASP B 532 2.70 46.26 28.28
C ASP B 532 3.97 46.69 29.00
N GLU B 533 4.95 47.20 28.25
CA GLU B 533 6.26 47.64 28.79
C GLU B 533 6.10 48.99 29.51
N VAL B 534 5.05 49.77 29.22
CA VAL B 534 4.83 51.11 29.84
C VAL B 534 4.27 50.92 31.26
N ARG B 535 3.15 50.22 31.40
CA ARG B 535 2.52 49.90 32.71
C ARG B 535 3.20 48.71 33.39
N ARG B 536 4.17 48.07 32.72
CA ARG B 536 4.98 46.90 33.21
C ARG B 536 4.03 45.78 33.65
N LEU B 537 3.08 45.43 32.76
CA LEU B 537 2.10 44.33 32.94
C LEU B 537 2.29 43.25 31.84
N VAL B 538 1.70 42.08 32.07
CA VAL B 538 1.75 40.94 31.13
C VAL B 538 0.39 40.23 31.15
N TYR B 539 -0.26 40.13 29.99
CA TYR B 539 -1.54 39.43 29.83
C TYR B 539 -1.20 37.99 29.44
N PHE B 540 -1.89 37.01 30.00
CA PHE B 540 -1.63 35.55 29.78
C PHE B 540 -2.94 34.81 29.98
N GLU B 541 -3.08 33.61 29.43
CA GLU B 541 -4.28 32.74 29.60
C GLU B 541 -3.90 31.63 30.61
N GLY B 542 -4.85 31.11 31.38
CA GLY B 542 -4.52 30.09 32.38
C GLY B 542 -5.72 29.37 32.97
N THR B 543 -5.41 28.34 33.78
CA THR B 543 -6.37 27.37 34.39
C THR B 543 -6.67 27.69 35.87
N LYS B 544 -6.18 28.83 36.39
CA LYS B 544 -6.28 29.22 37.82
C LYS B 544 -7.71 29.10 38.37
N ASP B 545 -8.69 29.71 37.73
CA ASP B 545 -10.10 29.58 38.16
C ASP B 545 -10.57 28.12 38.03
N SER B 546 -10.16 27.38 37.00
CA SER B 546 -10.62 25.97 36.84
C SER B 546 -9.92 25.28 35.68
N PRO B 547 -9.59 23.99 35.85
CA PRO B 547 -8.92 23.25 34.78
C PRO B 547 -9.91 22.97 33.63
N LEU B 548 -11.20 23.24 33.86
CA LEU B 548 -12.29 23.08 32.86
C LEU B 548 -12.51 24.36 32.01
N GLU B 549 -11.78 25.45 32.28
CA GLU B 549 -12.02 26.76 31.62
C GLU B 549 -10.70 27.52 31.48
N HIS B 550 -10.49 28.10 30.30
CA HIS B 550 -9.36 29.01 30.00
C HIS B 550 -9.84 30.43 30.30
N HIS B 551 -9.07 31.23 31.03
CA HIS B 551 -9.40 32.65 31.25
C HIS B 551 -8.18 33.48 30.97
N LEU B 552 -8.41 34.76 30.70
CA LEU B 552 -7.34 35.74 30.48
C LEU B 552 -7.10 36.45 31.80
N TYR B 553 -5.85 36.76 32.09
CA TYR B 553 -5.37 37.36 33.36
C TYR B 553 -4.31 38.41 33.05
N VAL B 554 -4.12 39.34 33.97
CA VAL B 554 -3.02 40.34 33.92
C VAL B 554 -2.37 40.34 35.31
N VAL B 555 -1.11 40.73 35.35
CA VAL B 555 -0.28 40.74 36.56
C VAL B 555 0.92 41.63 36.24
N SER B 556 1.50 42.30 37.23
CA SER B 556 2.75 43.07 37.07
C SER B 556 3.90 42.06 37.01
N TYR B 557 4.90 42.33 36.19
CA TYR B 557 6.15 41.52 36.09
C TYR B 557 7.23 42.23 36.90
N VAL B 558 6.87 43.35 37.52
CA VAL B 558 7.81 44.21 38.30
C VAL B 558 7.67 43.88 39.79
N ASN B 559 6.44 43.84 40.33
CA ASN B 559 6.23 43.44 41.75
C ASN B 559 5.09 42.43 41.80
N PRO B 560 5.28 41.26 41.19
CA PRO B 560 4.15 40.39 40.92
C PRO B 560 3.39 40.12 42.23
N GLY B 561 2.07 40.31 42.21
CA GLY B 561 1.20 39.80 43.27
C GLY B 561 -0.15 39.46 42.74
N GLU B 562 -1.12 40.36 42.98
CA GLU B 562 -2.52 40.20 42.55
C GLU B 562 -2.50 39.80 41.07
N VAL B 563 -3.15 38.68 40.77
CA VAL B 563 -3.47 38.24 39.39
C VAL B 563 -4.93 38.63 39.14
N THR B 564 -5.18 39.62 38.29
CA THR B 564 -6.57 40.02 37.93
C THR B 564 -7.08 39.15 36.78
N ARG B 565 -8.21 38.46 36.97
CA ARG B 565 -8.94 37.73 35.90
C ARG B 565 -9.75 38.72 35.09
N LEU B 566 -9.65 38.71 33.75
CA LEU B 566 -10.35 39.71 32.90
C LEU B 566 -11.59 39.09 32.22
N THR B 567 -11.63 37.79 32.03
CA THR B 567 -12.75 37.13 31.32
C THR B 567 -13.75 36.67 32.39
N ASP B 568 -15.02 36.47 32.03
CA ASP B 568 -16.04 36.07 33.01
C ASP B 568 -16.15 34.56 33.14
N ARG B 569 -16.54 34.09 34.34
CA ARG B 569 -16.67 32.66 34.70
C ARG B 569 -17.86 32.12 33.94
N GLY B 570 -17.91 30.80 33.74
CA GLY B 570 -19.06 30.12 33.08
C GLY B 570 -18.84 29.94 31.60
N TYR B 571 -17.62 30.20 31.14
CA TYR B 571 -17.19 30.08 29.72
C TYR B 571 -15.69 29.73 29.71
N SER B 572 -15.24 28.92 28.74
CA SER B 572 -13.81 28.85 28.33
C SER B 572 -13.59 29.92 27.28
N HIS B 573 -12.47 30.61 27.38
CA HIS B 573 -12.09 31.76 26.53
C HIS B 573 -10.79 31.48 25.78
N SER B 574 -10.70 32.06 24.59
CA SER B 574 -9.52 32.05 23.71
C SER B 574 -9.35 33.48 23.23
N CYS B 575 -8.30 34.12 23.73
CA CYS B 575 -8.17 35.58 23.68
C CYS B 575 -6.93 36.02 22.92
N CYS B 576 -7.01 37.28 22.51
CA CYS B 576 -6.06 38.04 21.70
C CYS B 576 -6.00 39.43 22.36
N ILE B 577 -4.84 40.04 22.51
CA ILE B 577 -4.74 41.38 23.13
C ILE B 577 -4.18 42.37 22.10
N SER B 578 -4.77 43.52 21.94
CA SER B 578 -4.25 44.53 21.01
C SER B 578 -2.79 44.79 21.37
N GLN B 579 -1.95 45.01 20.37
CA GLN B 579 -0.54 45.43 20.58
C GLN B 579 -0.47 46.66 21.49
N HIS B 580 -1.48 47.55 21.41
CA HIS B 580 -1.56 48.81 22.20
C HIS B 580 -2.05 48.51 23.63
N CYS B 581 -2.52 47.30 23.88
CA CYS B 581 -2.94 46.79 25.21
C CYS B 581 -4.11 47.58 25.80
N ASP B 582 -4.96 48.17 24.97
CA ASP B 582 -6.14 48.91 25.47
C ASP B 582 -7.42 48.17 25.09
N PHE B 583 -7.32 46.93 24.61
CA PHE B 583 -8.48 46.12 24.20
C PHE B 583 -8.09 44.65 24.15
N PHE B 584 -9.08 43.76 24.21
CA PHE B 584 -8.86 42.31 24.00
C PHE B 584 -10.11 41.73 23.37
N ILE B 585 -9.93 40.61 22.69
CA ILE B 585 -11.04 39.91 22.02
C ILE B 585 -11.05 38.53 22.63
N SER B 586 -12.23 37.98 22.91
CA SER B 586 -12.35 36.61 23.42
C SER B 586 -13.28 35.79 22.50
N LYS B 587 -12.87 34.59 22.16
CA LYS B 587 -13.78 33.61 21.53
C LYS B 587 -14.15 32.62 22.63
N TYR B 588 -15.41 32.55 23.00
CA TYR B 588 -15.78 31.82 24.23
C TYR B 588 -17.05 31.01 23.99
N SER B 589 -17.20 29.98 24.80
CA SER B 589 -18.37 29.08 24.74
C SER B 589 -18.48 28.29 26.06
N ASN B 590 -19.54 27.53 26.19
CA ASN B 590 -19.76 26.59 27.32
C ASN B 590 -20.64 25.46 26.80
N GLN B 591 -20.86 24.42 27.59
CA GLN B 591 -21.55 23.21 27.08
C GLN B 591 -22.91 23.57 26.46
N LYS B 592 -23.62 24.54 27.04
CA LYS B 592 -25.01 24.93 26.60
C LYS B 592 -24.94 25.84 25.37
N ASN B 593 -23.95 26.73 25.25
CA ASN B 593 -23.95 27.82 24.21
C ASN B 593 -22.78 27.78 23.19
N PRO B 594 -23.04 27.76 21.85
CA PRO B 594 -22.07 27.79 20.70
C PRO B 594 -21.10 28.98 20.78
N HIS B 595 -19.94 28.92 20.09
CA HIS B 595 -18.84 29.89 20.27
C HIS B 595 -19.34 31.29 19.87
N CYS B 596 -18.76 32.30 20.51
CA CYS B 596 -19.11 33.72 20.36
C CYS B 596 -17.79 34.49 20.28
N VAL B 597 -17.73 35.60 19.56
CA VAL B 597 -16.50 36.45 19.61
C VAL B 597 -16.87 37.87 20.02
N SER B 598 -16.26 38.38 21.10
CA SER B 598 -16.60 39.72 21.64
C SER B 598 -15.34 40.56 21.85
N LEU B 599 -15.50 41.88 21.75
CA LEU B 599 -14.43 42.87 21.93
C LEU B 599 -14.65 43.57 23.27
N TYR B 600 -13.59 43.70 24.06
CA TYR B 600 -13.63 44.34 25.41
C TYR B 600 -12.59 45.47 25.47
N LYS B 601 -13.00 46.63 26.01
CA LYS B 601 -12.09 47.78 26.14
C LYS B 601 -11.46 47.67 27.51
N LEU B 602 -10.14 47.84 27.59
CA LEU B 602 -9.36 47.78 28.84
C LEU B 602 -9.15 49.22 29.31
N SER B 603 -9.38 49.50 30.60
CA SER B 603 -9.10 50.85 31.18
C SER B 603 -8.35 50.69 32.49
N SER B 604 -7.91 51.82 33.01
CA SER B 604 -7.22 51.95 34.32
C SER B 604 -7.91 53.03 35.14
N PRO B 605 -8.07 52.83 36.46
CA PRO B 605 -8.42 53.94 37.35
C PRO B 605 -7.24 54.91 37.31
N GLU B 606 -7.56 56.20 37.23
CA GLU B 606 -6.59 57.32 37.09
C GLU B 606 -5.50 57.23 38.18
N ASP B 607 -5.79 56.64 39.34
CA ASP B 607 -4.87 56.68 40.50
C ASP B 607 -3.82 55.57 40.42
N ASP B 608 -4.08 54.50 39.68
CA ASP B 608 -3.16 53.33 39.63
C ASP B 608 -3.17 52.72 38.23
N PRO B 609 -2.14 53.02 37.39
CA PRO B 609 -2.08 52.48 36.03
C PRO B 609 -1.97 50.95 36.00
N THR B 610 -1.39 50.35 37.04
CA THR B 610 -1.12 48.89 37.13
C THR B 610 -2.42 48.12 37.34
N CYS B 611 -3.45 48.75 37.88
CA CYS B 611 -4.76 48.09 38.07
C CYS B 611 -5.54 48.13 36.75
N LYS B 612 -6.32 47.10 36.43
CA LYS B 612 -6.97 47.03 35.09
C LYS B 612 -8.42 46.58 35.20
N THR B 613 -9.29 47.25 34.45
CA THR B 613 -10.75 46.93 34.36
C THR B 613 -11.13 46.68 32.90
N LYS B 614 -12.17 45.91 32.67
CA LYS B 614 -12.62 45.60 31.29
C LYS B 614 -14.08 46.00 31.16
N GLU B 615 -14.44 46.56 30.02
CA GLU B 615 -15.84 46.89 29.69
C GLU B 615 -16.17 46.26 28.34
N PHE B 616 -17.32 45.60 28.21
CA PHE B 616 -17.81 45.12 26.90
C PHE B 616 -17.96 46.31 25.92
N TRP B 617 -17.54 46.13 24.68
CA TRP B 617 -17.51 47.20 23.67
C TRP B 617 -18.40 46.85 22.48
N ALA B 618 -18.24 45.65 21.92
CA ALA B 618 -18.97 45.19 20.71
C ALA B 618 -18.82 43.67 20.53
N THR B 619 -19.84 43.09 19.88
CA THR B 619 -19.83 41.72 19.32
C THR B 619 -19.19 41.74 17.93
N ILE B 620 -18.32 40.76 17.66
CA ILE B 620 -17.69 40.50 16.33
C ILE B 620 -18.46 39.36 15.65
N LEU B 621 -18.88 38.35 16.42
CA LEU B 621 -19.59 37.17 15.87
C LEU B 621 -20.63 36.71 16.88
N ASP B 622 -21.90 36.80 16.50
CA ASP B 622 -22.99 36.51 17.45
C ASP B 622 -23.11 35.00 17.55
N SER B 623 -23.18 34.49 18.78
CA SER B 623 -23.42 33.06 18.99
C SER B 623 -24.68 32.70 18.20
N ALA B 624 -24.63 31.60 17.47
CA ALA B 624 -25.80 31.02 16.77
C ALA B 624 -26.98 30.84 17.74
N GLY B 625 -26.69 30.44 18.99
CA GLY B 625 -27.70 30.21 20.03
C GLY B 625 -27.78 28.71 20.30
N PRO B 626 -28.36 28.26 21.44
CA PRO B 626 -28.42 26.83 21.76
C PRO B 626 -29.07 26.03 20.62
N LEU B 627 -28.41 24.95 20.21
CA LEU B 627 -28.95 24.04 19.17
C LEU B 627 -30.23 23.40 19.69
N PRO B 628 -31.35 23.48 18.93
CA PRO B 628 -32.63 22.93 19.38
C PRO B 628 -32.63 21.41 19.54
N ASP B 629 -31.87 20.73 18.68
CA ASP B 629 -31.79 19.26 18.54
C ASP B 629 -30.72 18.69 19.46
N TYR B 630 -29.94 19.54 20.14
CA TYR B 630 -28.75 19.10 20.92
C TYR B 630 -28.96 19.24 22.43
N THR B 631 -28.79 18.13 23.16
CA THR B 631 -28.79 18.08 24.64
C THR B 631 -27.33 17.89 25.13
N PRO B 632 -26.73 18.91 25.83
CA PRO B 632 -25.33 19.00 26.35
C PRO B 632 -25.17 17.91 27.37
N PRO B 633 -23.95 17.34 27.60
CA PRO B 633 -23.76 16.39 28.69
C PRO B 633 -23.51 17.17 29.98
N GLU B 634 -23.61 16.52 31.12
CA GLU B 634 -23.24 17.13 32.41
C GLU B 634 -21.77 16.80 32.68
N ILE B 635 -21.02 17.76 33.18
CA ILE B 635 -19.63 17.48 33.65
C ILE B 635 -19.73 16.91 35.06
N PHE B 636 -19.02 15.83 35.31
CA PHE B 636 -18.90 15.16 36.62
C PHE B 636 -17.41 15.06 36.98
N SER B 637 -17.11 14.82 38.26
CA SER B 637 -15.75 14.49 38.76
C SER B 637 -15.83 13.43 39.87
N PHE B 638 -14.68 12.93 40.31
CA PHE B 638 -14.59 11.87 41.34
C PHE B 638 -13.14 11.82 41.82
N GLU B 639 -12.95 11.86 43.14
CA GLU B 639 -11.59 11.69 43.70
C GLU B 639 -11.15 10.26 43.38
N SER B 640 -9.97 10.09 42.80
CA SER B 640 -9.50 8.77 42.30
C SER B 640 -8.54 8.19 43.32
N THR B 641 -8.39 6.86 43.29
CA THR B 641 -7.49 6.09 44.18
C THR B 641 -6.04 6.51 43.91
N THR B 642 -5.78 7.07 42.73
CA THR B 642 -4.45 7.57 42.26
C THR B 642 -4.09 8.90 42.93
N GLY B 643 -5.05 9.53 43.59
CA GLY B 643 -4.79 10.73 44.41
C GLY B 643 -5.17 12.02 43.73
N PHE B 644 -5.86 11.95 42.58
CA PHE B 644 -6.22 13.16 41.79
C PHE B 644 -7.73 13.21 41.61
N THR B 645 -8.26 14.41 41.41
CA THR B 645 -9.60 14.57 40.81
C THR B 645 -9.50 14.14 39.34
N LEU B 646 -10.52 13.46 38.83
CA LEU B 646 -10.64 13.08 37.41
C LEU B 646 -11.96 13.64 36.90
N TYR B 647 -11.95 14.33 35.75
CA TYR B 647 -13.18 14.97 35.21
C TYR B 647 -13.72 14.13 34.04
N GLY B 648 -15.04 14.16 33.87
CA GLY B 648 -15.79 13.32 32.93
C GLY B 648 -16.97 14.07 32.34
N MET B 649 -17.51 13.58 31.24
CA MET B 649 -18.76 14.11 30.67
C MET B 649 -19.67 12.90 30.63
N LEU B 650 -20.92 13.10 31.01
CA LEU B 650 -21.95 12.03 30.99
C LEU B 650 -23.10 12.52 30.13
N TYR B 651 -23.37 11.82 29.04
CA TYR B 651 -24.51 12.08 28.13
C TYR B 651 -25.62 11.14 28.58
N LYS B 652 -26.64 11.65 29.29
CA LYS B 652 -27.76 10.81 29.81
C LYS B 652 -28.60 10.37 28.61
N PRO B 653 -29.07 9.11 28.59
CA PRO B 653 -30.04 8.65 27.59
C PRO B 653 -31.23 9.61 27.56
N HIS B 654 -31.58 10.08 26.37
CA HIS B 654 -32.82 10.84 26.13
C HIS B 654 -33.99 9.98 26.63
N ASP B 655 -35.08 10.62 27.07
CA ASP B 655 -36.38 9.95 27.36
C ASP B 655 -36.18 8.84 28.41
N LEU B 656 -35.24 9.05 29.34
CA LEU B 656 -34.86 8.05 30.38
C LEU B 656 -36.11 7.40 30.98
N GLN B 657 -36.14 6.07 31.09
CA GLN B 657 -37.23 5.30 31.75
C GLN B 657 -36.76 4.91 33.16
N PRO B 658 -37.66 4.87 34.18
CA PRO B 658 -37.28 4.38 35.52
C PRO B 658 -37.28 2.84 35.52
N GLY B 659 -36.44 2.21 36.34
CA GLY B 659 -36.34 0.74 36.47
C GLY B 659 -35.48 0.09 35.39
N LYS B 660 -35.34 0.72 34.22
CA LYS B 660 -34.63 0.20 33.02
C LYS B 660 -33.15 0.60 33.01
N LYS B 661 -32.23 -0.36 32.83
CA LYS B 661 -30.75 -0.15 32.67
C LYS B 661 -30.36 -0.17 31.17
N TYR B 662 -29.44 0.72 30.78
CA TYR B 662 -29.19 1.11 29.38
C TYR B 662 -27.76 0.76 28.97
N PRO B 663 -27.51 0.47 27.68
CA PRO B 663 -26.18 0.13 27.20
C PRO B 663 -25.33 1.41 27.13
N THR B 664 -24.04 1.27 27.41
CA THR B 664 -23.09 2.39 27.65
C THR B 664 -21.97 2.38 26.59
N VAL B 665 -21.69 3.55 26.03
CA VAL B 665 -20.55 3.81 25.10
C VAL B 665 -19.56 4.76 25.79
N LEU B 666 -18.33 4.29 25.97
CA LEU B 666 -17.20 5.13 26.42
C LEU B 666 -16.50 5.65 25.17
N PHE B 667 -16.57 6.96 24.93
CA PHE B 667 -15.77 7.62 23.89
C PHE B 667 -14.45 8.03 24.53
N ILE B 668 -13.34 7.78 23.86
CA ILE B 668 -11.99 7.93 24.47
C ILE B 668 -11.01 8.50 23.44
N TYR B 669 -10.21 9.45 23.92
CA TYR B 669 -8.90 9.79 23.31
C TYR B 669 -7.84 9.34 24.32
N GLY B 670 -7.72 10.02 25.46
CA GLY B 670 -6.91 9.58 26.61
C GLY B 670 -5.39 9.69 26.42
N GLY B 671 -4.91 10.38 25.38
CA GLY B 671 -3.46 10.51 25.13
C GLY B 671 -2.95 11.88 25.55
N PRO B 672 -1.62 12.07 25.51
CA PRO B 672 -1.02 13.36 25.83
C PRO B 672 -1.46 14.54 24.95
N GLN B 673 -1.24 15.75 25.47
CA GLN B 673 -1.43 17.05 24.76
C GLN B 673 -2.90 17.36 24.47
N VAL B 674 -3.84 16.63 25.07
CA VAL B 674 -5.28 16.76 24.74
C VAL B 674 -6.14 16.60 26.00
N GLN B 675 -7.15 17.47 26.10
CA GLN B 675 -8.24 17.42 27.11
C GLN B 675 -9.60 17.42 26.41
N LEU B 676 -10.34 16.33 26.50
CA LEU B 676 -11.73 16.25 25.99
C LEU B 676 -12.72 16.95 26.92
N VAL B 677 -12.45 16.93 28.24
CA VAL B 677 -13.47 17.31 29.27
C VAL B 677 -13.14 18.71 29.77
N ASN B 678 -14.01 19.65 29.41
CA ASN B 678 -13.89 21.07 29.78
C ASN B 678 -15.21 21.78 29.46
N ASN B 679 -15.36 23.01 29.95
CA ASN B 679 -16.61 23.79 29.79
C ASN B 679 -16.55 24.50 28.43
N ARG B 680 -16.81 23.76 27.36
CA ARG B 680 -16.83 24.30 25.97
C ARG B 680 -17.98 23.69 25.19
N PHE B 681 -18.41 24.33 24.12
CA PHE B 681 -19.52 23.76 23.33
C PHE B 681 -18.98 22.50 22.63
N LYS B 682 -19.61 21.36 22.86
CA LYS B 682 -19.20 20.07 22.26
C LYS B 682 -20.21 19.69 21.19
N GLY B 683 -21.16 20.58 20.95
CA GLY B 683 -22.29 20.29 20.05
C GLY B 683 -21.91 20.24 18.59
N VAL B 684 -20.77 20.79 18.18
CA VAL B 684 -20.37 20.69 16.75
C VAL B 684 -19.59 19.39 16.54
N LYS B 685 -18.41 19.29 17.12
CA LYS B 685 -17.50 18.13 16.95
C LYS B 685 -18.12 16.84 17.49
N TYR B 686 -18.72 16.85 18.69
CA TYR B 686 -19.21 15.61 19.34
C TYR B 686 -20.76 15.59 19.35
N PHE B 687 -21.33 16.12 18.28
CA PHE B 687 -22.80 16.16 18.10
C PHE B 687 -23.36 14.73 18.09
N ARG B 688 -22.57 13.76 17.65
CA ARG B 688 -23.08 12.37 17.46
C ARG B 688 -23.05 11.59 18.77
N LEU B 689 -22.39 12.10 19.82
CA LEU B 689 -22.50 11.52 21.17
C LEU B 689 -23.92 11.79 21.67
N ASN B 690 -24.49 12.90 21.20
CA ASN B 690 -25.89 13.30 21.44
C ASN B 690 -26.81 12.37 20.66
N THR B 691 -26.60 12.24 19.34
CA THR B 691 -27.32 11.24 18.51
C THR B 691 -27.32 9.88 19.23
N LEU B 692 -26.18 9.40 19.71
CA LEU B 692 -26.13 8.10 20.44
C LEU B 692 -27.12 8.14 21.62
N ALA B 693 -26.96 9.09 22.54
CA ALA B 693 -27.87 9.32 23.68
C ALA B 693 -29.33 9.21 23.23
N SER B 694 -29.64 9.81 22.08
CA SER B 694 -31.01 9.85 21.51
C SER B 694 -31.49 8.43 21.17
N LEU B 695 -30.61 7.49 20.81
CA LEU B 695 -31.02 6.10 20.43
C LEU B 695 -31.17 5.21 21.67
N GLY B 696 -30.65 5.63 22.83
CA GLY B 696 -30.73 4.89 24.11
C GLY B 696 -29.38 4.44 24.67
N TYR B 697 -28.27 5.10 24.33
CA TYR B 697 -26.96 4.72 24.90
C TYR B 697 -26.56 5.79 25.92
N VAL B 698 -26.12 5.34 27.09
CA VAL B 698 -25.33 6.19 28.01
C VAL B 698 -24.02 6.46 27.28
N VAL B 699 -23.63 7.72 27.12
CA VAL B 699 -22.30 8.04 26.55
C VAL B 699 -21.46 8.67 27.67
N VAL B 700 -20.20 8.29 27.72
CA VAL B 700 -19.27 8.64 28.84
C VAL B 700 -17.92 8.97 28.21
N VAL B 701 -17.34 10.07 28.65
CA VAL B 701 -15.97 10.50 28.32
C VAL B 701 -15.28 10.80 29.65
N ILE B 702 -13.99 10.50 29.75
CA ILE B 702 -13.19 10.63 30.98
C ILE B 702 -11.77 11.01 30.55
N ASP B 703 -11.25 12.16 31.00
CA ASP B 703 -9.82 12.52 30.85
C ASP B 703 -8.99 11.77 31.92
N ASN B 704 -8.51 10.57 31.58
CA ASN B 704 -7.54 9.78 32.41
C ASN B 704 -6.22 10.54 32.59
N ARG B 705 -5.37 10.04 33.47
CA ARG B 705 -4.03 10.61 33.70
C ARG B 705 -3.31 10.62 32.34
N GLY B 706 -2.37 11.54 32.16
CA GLY B 706 -1.64 11.74 30.89
C GLY B 706 -2.25 12.86 30.06
N SER B 707 -3.57 13.07 30.19
CA SER B 707 -4.31 14.20 29.59
C SER B 707 -3.73 15.53 30.10
N CYS B 708 -3.97 16.66 29.40
CA CYS B 708 -3.31 17.98 29.69
C CYS B 708 -4.21 18.89 30.55
N HIS B 709 -3.67 20.07 30.87
CA HIS B 709 -4.29 21.18 31.64
C HIS B 709 -4.31 20.85 33.14
N ARG B 710 -3.54 19.84 33.55
CA ARG B 710 -3.53 19.35 34.96
C ARG B 710 -2.10 19.36 35.55
N GLY B 711 -1.14 19.99 34.88
CA GLY B 711 0.25 20.12 35.36
C GLY B 711 1.10 18.94 34.91
N LEU B 712 2.43 19.05 35.04
CA LEU B 712 3.37 17.97 34.63
C LEU B 712 3.23 16.66 35.41
N LYS B 713 2.96 16.69 36.71
CA LYS B 713 3.00 15.46 37.54
C LYS B 713 1.88 14.55 37.04
N PHE B 714 0.72 15.15 36.78
CA PHE B 714 -0.51 14.45 36.28
C PHE B 714 -0.25 13.90 34.87
N GLU B 715 0.46 14.68 34.07
CA GLU B 715 0.82 14.29 32.69
C GLU B 715 1.87 13.16 32.70
N GLY B 716 2.84 13.19 33.63
CA GLY B 716 4.00 12.28 33.72
C GLY B 716 3.65 10.87 34.18
N ALA B 717 2.44 10.63 34.66
CA ALA B 717 2.00 9.34 35.22
C ALA B 717 2.34 8.16 34.29
N PHE B 718 2.19 8.28 32.96
CA PHE B 718 2.37 7.13 32.03
C PHE B 718 3.76 7.17 31.41
N LYS B 719 4.66 8.04 31.88
CA LYS B 719 6.03 8.07 31.27
C LYS B 719 6.63 6.65 31.30
N TYR B 720 7.02 6.11 30.15
CA TYR B 720 7.60 4.76 29.95
C TYR B 720 6.51 3.67 30.03
N LYS B 721 5.27 4.02 30.41
CA LYS B 721 4.18 3.04 30.70
C LYS B 721 2.92 3.38 29.88
N MET B 722 3.06 3.98 28.70
CA MET B 722 1.90 4.21 27.80
C MET B 722 1.11 2.91 27.63
N GLY B 723 -0.21 2.97 27.82
CA GLY B 723 -1.16 1.84 27.62
C GLY B 723 -1.45 1.07 28.90
N GLN B 724 -0.65 1.28 29.95
CA GLN B 724 -0.67 0.43 31.17
C GLN B 724 -1.57 1.02 32.26
N ILE B 725 -1.90 2.32 32.24
CA ILE B 725 -2.65 2.97 33.35
C ILE B 725 -3.99 3.52 32.86
N GLU B 726 -4.09 3.92 31.61
CA GLU B 726 -5.23 4.76 31.11
C GLU B 726 -6.55 4.02 31.38
N ILE B 727 -6.58 2.71 31.15
CA ILE B 727 -7.85 1.92 31.24
C ILE B 727 -8.28 1.74 32.71
N ASP B 728 -7.36 1.66 33.68
CA ASP B 728 -7.76 1.72 35.12
C ASP B 728 -8.65 2.97 35.32
N ASP B 729 -8.10 4.16 35.00
CA ASP B 729 -8.77 5.46 35.23
C ASP B 729 -10.14 5.45 34.53
N GLN B 730 -10.28 4.79 33.38
CA GLN B 730 -11.54 4.84 32.59
C GLN B 730 -12.56 3.93 33.27
N VAL B 731 -12.09 2.76 33.69
CA VAL B 731 -12.90 1.74 34.42
C VAL B 731 -13.31 2.33 35.78
N GLU B 732 -12.35 2.91 36.53
CA GLU B 732 -12.62 3.55 37.84
C GLU B 732 -13.80 4.51 37.71
N GLY B 733 -13.75 5.41 36.73
CA GLY B 733 -14.79 6.42 36.48
C GLY B 733 -16.10 5.76 36.09
N LEU B 734 -16.04 4.60 35.46
CA LEU B 734 -17.25 3.94 34.93
C LEU B 734 -17.98 3.31 36.11
N GLN B 735 -17.22 2.69 37.02
CA GLN B 735 -17.72 2.14 38.30
C GLN B 735 -18.18 3.29 39.22
N TYR B 736 -17.45 4.41 39.31
CA TYR B 736 -17.98 5.60 40.04
C TYR B 736 -19.42 5.82 39.56
N LEU B 737 -19.63 6.03 38.27
CA LEU B 737 -20.96 6.39 37.72
C LEU B 737 -21.98 5.26 37.96
N ALA B 738 -21.56 3.99 37.94
CA ALA B 738 -22.50 2.84 37.92
C ALA B 738 -23.12 2.64 39.31
N SER B 739 -22.36 2.93 40.37
CA SER B 739 -22.85 2.88 41.78
C SER B 739 -23.72 4.10 42.06
N ARG B 740 -23.46 5.22 41.37
CA ARG B 740 -24.18 6.51 41.58
C ARG B 740 -25.39 6.63 40.64
N TYR B 741 -25.43 5.90 39.54
CA TYR B 741 -26.62 5.81 38.63
C TYR B 741 -26.82 4.33 38.31
N ASP B 742 -28.06 3.87 38.17
CA ASP B 742 -28.33 2.43 37.93
C ASP B 742 -28.99 2.25 36.56
N PHE B 743 -29.18 3.34 35.81
CA PHE B 743 -29.53 3.27 34.36
C PHE B 743 -28.31 2.76 33.57
N ILE B 744 -27.10 2.83 34.14
CA ILE B 744 -25.85 2.26 33.55
C ILE B 744 -25.85 0.73 33.73
N ASP B 745 -25.92 0.01 32.60
CA ASP B 745 -25.86 -1.47 32.49
C ASP B 745 -24.42 -1.89 32.21
N LEU B 746 -23.65 -2.22 33.25
CA LEU B 746 -22.22 -2.59 33.13
C LEU B 746 -22.00 -3.87 32.30
N ASP B 747 -23.06 -4.66 32.03
CA ASP B 747 -22.91 -5.92 31.26
C ASP B 747 -22.73 -5.58 29.76
N ARG B 748 -23.06 -4.35 29.38
CA ARG B 748 -23.19 -3.93 27.96
C ARG B 748 -22.45 -2.61 27.73
N VAL B 749 -21.13 -2.59 27.97
CA VAL B 749 -20.25 -1.41 27.71
C VAL B 749 -19.45 -1.59 26.42
N GLY B 750 -19.60 -0.64 25.49
CA GLY B 750 -18.72 -0.46 24.31
C GLY B 750 -17.73 0.68 24.48
N ILE B 751 -16.55 0.59 23.86
CA ILE B 751 -15.55 1.69 23.84
C ILE B 751 -15.17 2.00 22.38
N HIS B 752 -14.91 3.28 22.07
CA HIS B 752 -14.61 3.80 20.72
C HIS B 752 -13.74 5.05 20.80
N GLY B 753 -12.81 5.19 19.86
CA GLY B 753 -11.81 6.28 19.86
C GLY B 753 -10.97 6.24 18.59
N TRP B 754 -10.37 7.37 18.22
CA TRP B 754 -9.51 7.52 17.04
C TRP B 754 -8.08 7.79 17.51
N SER B 755 -7.09 7.22 16.84
CA SER B 755 -5.68 7.54 17.12
C SER B 755 -5.34 6.98 18.49
N TYR B 756 -4.86 7.78 19.42
CA TYR B 756 -4.57 7.28 20.79
C TYR B 756 -5.82 6.60 21.35
N GLY B 757 -6.99 7.12 21.02
CA GLY B 757 -8.27 6.50 21.42
C GLY B 757 -8.46 5.14 20.78
N GLY B 758 -8.14 5.01 19.50
CA GLY B 758 -8.17 3.71 18.83
C GLY B 758 -7.29 2.72 19.58
N TYR B 759 -6.08 3.17 19.92
CA TYR B 759 -5.11 2.40 20.73
C TYR B 759 -5.78 1.98 22.05
N LEU B 760 -6.28 2.94 22.83
CA LEU B 760 -6.87 2.64 24.15
C LEU B 760 -8.09 1.75 23.96
N SER B 761 -8.84 1.89 22.87
CA SER B 761 -10.02 1.03 22.63
C SER B 761 -9.55 -0.42 22.46
N LEU B 762 -8.40 -0.63 21.83
CA LEU B 762 -7.83 -1.99 21.67
C LEU B 762 -7.31 -2.48 23.03
N MET B 763 -6.51 -1.64 23.71
CA MET B 763 -5.96 -1.97 25.04
C MET B 763 -7.13 -2.36 25.97
N ALA B 764 -8.25 -1.66 25.87
CA ALA B 764 -9.46 -1.91 26.71
C ALA B 764 -9.92 -3.35 26.49
N LEU B 765 -10.20 -3.74 25.25
CA LEU B 765 -10.71 -5.11 24.95
C LEU B 765 -9.67 -6.17 25.34
N MET B 766 -8.40 -5.81 25.34
CA MET B 766 -7.26 -6.74 25.59
C MET B 766 -7.12 -6.97 27.11
N GLN B 767 -6.93 -5.88 27.88
CA GLN B 767 -6.75 -5.91 29.35
C GLN B 767 -8.09 -6.21 30.04
N ARG B 768 -9.14 -5.41 29.78
CA ARG B 768 -10.40 -5.43 30.56
C ARG B 768 -11.56 -5.99 29.72
N SER B 769 -11.34 -7.18 29.21
CA SER B 769 -12.31 -8.00 28.43
C SER B 769 -13.63 -8.16 29.22
N ASP B 770 -13.54 -8.15 30.56
CA ASP B 770 -14.66 -8.42 31.50
C ASP B 770 -15.57 -7.19 31.55
N ILE B 771 -15.01 -5.98 31.38
CA ILE B 771 -15.76 -4.68 31.33
C ILE B 771 -16.33 -4.44 29.93
N PHE B 772 -15.51 -4.53 28.90
CA PHE B 772 -15.84 -4.03 27.54
C PHE B 772 -16.28 -5.15 26.61
N ARG B 773 -17.56 -5.15 26.21
CA ARG B 773 -18.15 -6.12 25.24
C ARG B 773 -17.60 -5.90 23.83
N VAL B 774 -17.62 -4.65 23.33
CA VAL B 774 -17.09 -4.28 21.97
C VAL B 774 -16.08 -3.13 22.08
N ALA B 775 -15.15 -3.09 21.14
CA ALA B 775 -14.13 -2.01 20.99
C ALA B 775 -14.07 -1.66 19.52
N ILE B 776 -14.19 -0.37 19.20
CA ILE B 776 -14.10 0.13 17.81
C ILE B 776 -12.90 1.06 17.75
N ALA B 777 -11.82 0.62 17.10
CA ALA B 777 -10.53 1.34 17.05
C ALA B 777 -10.38 2.05 15.70
N GLY B 778 -10.44 3.37 15.74
CA GLY B 778 -10.15 4.28 14.61
C GLY B 778 -8.67 4.59 14.54
N ALA B 779 -8.07 4.29 13.39
CA ALA B 779 -6.67 4.62 13.04
C ALA B 779 -5.80 4.50 14.28
N PRO B 780 -5.70 3.30 14.88
CA PRO B 780 -4.95 3.16 16.12
C PRO B 780 -3.45 2.93 15.95
N VAL B 781 -2.67 3.49 16.89
CA VAL B 781 -1.25 3.07 17.17
C VAL B 781 -1.26 1.65 17.75
N THR B 782 -0.61 0.71 17.08
CA THR B 782 -0.56 -0.72 17.46
C THR B 782 0.90 -1.19 17.66
N LEU B 783 1.89 -0.33 17.44
CA LEU B 783 3.30 -0.70 17.50
C LEU B 783 4.15 0.57 17.54
N TRP B 784 4.48 1.03 18.74
CA TRP B 784 5.23 2.30 18.94
C TRP B 784 6.53 2.35 18.14
N ILE B 785 7.19 1.24 17.82
CA ILE B 785 8.44 1.33 16.99
C ILE B 785 8.12 1.85 15.57
N PHE B 786 6.85 1.85 15.13
CA PHE B 786 6.39 2.36 13.80
C PHE B 786 5.99 3.85 13.83
N TYR B 787 6.28 4.53 14.94
CA TYR B 787 5.84 5.92 15.21
C TYR B 787 7.07 6.81 15.38
N ASP B 788 6.88 8.12 15.23
CA ASP B 788 8.00 9.05 14.94
C ASP B 788 8.85 9.27 16.21
N THR B 789 9.97 9.95 16.06
CA THR B 789 10.91 10.20 17.17
C THR B 789 10.33 11.24 18.13
N GLY B 790 9.98 12.40 17.60
CA GLY B 790 9.65 13.58 18.43
C GLY B 790 8.60 13.23 19.46
N TYR B 791 7.54 12.52 19.06
CA TYR B 791 6.40 12.13 19.95
C TYR B 791 6.77 10.92 20.84
N THR B 792 7.11 9.77 20.26
CA THR B 792 7.30 8.49 21.02
C THR B 792 8.41 8.62 22.08
N GLU B 793 9.59 9.13 21.73
CA GLU B 793 10.76 9.16 22.65
C GLU B 793 10.49 10.08 23.84
N ARG B 794 9.69 11.13 23.64
CA ARG B 794 9.29 12.11 24.66
C ARG B 794 8.59 11.35 25.79
N TYR B 795 7.62 10.50 25.46
CA TYR B 795 6.76 9.78 26.42
C TYR B 795 7.27 8.36 26.77
N MET B 796 8.07 7.71 25.91
CA MET B 796 8.36 6.25 26.05
C MET B 796 9.88 5.99 26.02
N GLY B 797 10.70 7.03 25.97
CA GLY B 797 12.17 6.95 25.84
C GLY B 797 12.58 6.38 24.49
N HIS B 798 13.89 6.37 24.21
CA HIS B 798 14.55 5.51 23.19
C HIS B 798 14.07 4.07 23.42
N PRO B 799 13.71 3.31 22.37
CA PRO B 799 13.21 1.95 22.57
C PRO B 799 14.29 1.02 23.17
N ASP B 800 15.56 1.23 22.79
CA ASP B 800 16.72 0.46 23.31
C ASP B 800 16.65 0.38 24.84
N GLN B 801 16.35 1.50 25.51
CA GLN B 801 16.36 1.59 26.99
C GLN B 801 14.94 1.42 27.54
N ASN B 802 13.99 0.90 26.74
CA ASN B 802 12.63 0.66 27.29
C ASN B 802 11.91 -0.42 26.46
N GLU B 803 12.61 -1.51 26.12
CA GLU B 803 11.99 -2.67 25.40
C GLU B 803 10.73 -3.15 26.13
N GLN B 804 10.71 -3.14 27.45
CA GLN B 804 9.58 -3.78 28.19
C GLN B 804 8.33 -2.89 28.09
N GLY B 805 8.47 -1.57 28.17
CA GLY B 805 7.35 -0.62 27.99
C GLY B 805 6.83 -0.60 26.55
N TYR B 806 7.73 -0.51 25.57
CA TYR B 806 7.40 -0.58 24.13
C TYR B 806 6.62 -1.87 23.88
N TYR B 807 7.10 -2.97 24.44
CA TYR B 807 6.42 -4.28 24.28
C TYR B 807 5.03 -4.23 24.92
N LEU B 808 4.92 -3.76 26.16
CA LEU B 808 3.62 -3.87 26.90
C LEU B 808 2.61 -2.87 26.33
N GLY B 809 3.09 -1.76 25.76
CA GLY B 809 2.26 -0.70 25.14
C GLY B 809 1.91 -0.93 23.68
N SER B 810 2.49 -1.94 23.03
CA SER B 810 2.24 -2.24 21.60
C SER B 810 1.23 -3.38 21.50
N VAL B 811 0.03 -3.07 21.03
CA VAL B 811 -1.09 -4.06 20.97
C VAL B 811 -0.74 -5.14 19.91
N ALA B 812 0.05 -4.82 18.89
CA ALA B 812 0.40 -5.78 17.80
C ALA B 812 1.16 -6.97 18.38
N MET B 813 1.96 -6.72 19.43
CA MET B 813 2.87 -7.72 20.04
C MET B 813 2.11 -8.65 21.00
N GLN B 814 0.82 -8.39 21.23
CA GLN B 814 0.02 -9.04 22.31
C GLN B 814 -1.31 -9.53 21.71
N ALA B 815 -1.29 -9.83 20.41
CA ALA B 815 -2.47 -10.29 19.64
C ALA B 815 -3.18 -11.40 20.40
N GLU B 816 -2.43 -12.31 21.02
CA GLU B 816 -2.95 -13.52 21.72
C GLU B 816 -3.97 -13.12 22.81
N LYS B 817 -3.89 -11.90 23.38
CA LYS B 817 -4.79 -11.48 24.48
C LYS B 817 -6.17 -11.02 24.00
N PHE B 818 -6.44 -10.92 22.70
CA PHE B 818 -7.78 -10.47 22.20
C PHE B 818 -8.77 -11.61 22.42
N PRO B 819 -10.09 -11.36 22.45
CA PRO B 819 -11.08 -12.43 22.54
C PRO B 819 -11.08 -13.41 21.37
N SER B 820 -11.33 -14.70 21.64
CA SER B 820 -11.71 -15.74 20.65
C SER B 820 -13.23 -15.84 20.58
N GLU B 821 -13.94 -14.72 20.49
CA GLU B 821 -15.31 -14.70 19.93
C GLU B 821 -15.50 -13.40 19.15
N PRO B 822 -16.10 -13.45 17.95
CA PRO B 822 -16.09 -12.29 17.04
C PRO B 822 -17.11 -11.23 17.46
N ASN B 823 -17.34 -10.24 16.61
CA ASN B 823 -18.39 -9.21 16.84
C ASN B 823 -18.01 -8.38 18.09
N ARG B 824 -16.74 -8.32 18.47
CA ARG B 824 -16.28 -7.56 19.67
C ARG B 824 -15.13 -6.62 19.32
N LEU B 825 -14.48 -6.80 18.17
CA LEU B 825 -13.33 -5.96 17.77
C LEU B 825 -13.58 -5.43 16.36
N LEU B 826 -13.68 -4.11 16.22
CA LEU B 826 -13.88 -3.43 14.91
C LEU B 826 -12.73 -2.43 14.70
N LEU B 827 -12.00 -2.61 13.59
CA LEU B 827 -10.89 -1.69 13.19
C LEU B 827 -11.33 -0.83 12.00
N LEU B 828 -11.10 0.48 12.08
CA LEU B 828 -11.48 1.46 11.03
C LEU B 828 -10.20 2.16 10.66
N HIS B 829 -9.85 2.29 9.39
CA HIS B 829 -8.63 3.05 9.08
C HIS B 829 -8.73 3.75 7.73
N GLY B 830 -8.28 5.01 7.68
CA GLY B 830 -7.97 5.64 6.39
C GLY B 830 -6.74 4.96 5.80
N PHE B 831 -6.77 4.57 4.53
CA PHE B 831 -5.63 3.95 3.81
C PHE B 831 -4.44 4.94 3.66
N LEU B 832 -4.72 6.21 3.35
CA LEU B 832 -3.68 7.22 3.00
C LEU B 832 -3.28 8.04 4.22
N ASP B 833 -3.54 7.51 5.43
CA ASP B 833 -3.14 8.19 6.69
C ASP B 833 -1.62 8.39 6.71
N GLU B 834 -1.19 9.60 6.97
CA GLU B 834 0.24 9.97 6.97
C GLU B 834 0.74 10.20 8.39
N ASN B 835 -0.18 10.24 9.37
CA ASN B 835 0.21 10.41 10.79
C ASN B 835 0.31 9.02 11.43
N VAL B 836 -0.81 8.30 11.47
CA VAL B 836 -0.85 6.88 11.93
C VAL B 836 -0.97 6.01 10.67
N HIS B 837 0.14 5.50 10.15
CA HIS B 837 0.13 4.76 8.88
C HIS B 837 -0.84 3.57 8.97
N PHE B 838 -1.36 3.18 7.81
CA PHE B 838 -2.17 1.94 7.67
C PHE B 838 -1.34 0.75 8.14
N ALA B 839 0.00 0.87 8.01
CA ALA B 839 1.00 -0.09 8.54
C ALA B 839 0.57 -0.60 9.92
N HIS B 840 0.26 0.29 10.87
CA HIS B 840 -0.24 -0.10 12.22
C HIS B 840 -1.39 -1.10 12.08
N THR B 841 -2.36 -0.83 11.21
CA THR B 841 -3.54 -1.73 11.12
C THR B 841 -3.11 -3.03 10.44
N SER B 842 -2.27 -2.99 9.39
CA SER B 842 -1.93 -4.25 8.67
C SER B 842 -1.08 -5.16 9.57
N ILE B 843 -0.09 -4.61 10.26
CA ILE B 843 0.77 -5.40 11.18
C ILE B 843 -0.10 -6.01 12.29
N LEU B 844 -1.06 -5.28 12.86
CA LEU B 844 -2.03 -5.85 13.83
C LEU B 844 -2.77 -7.00 13.15
N LEU B 845 -3.17 -6.80 11.90
CA LEU B 845 -3.98 -7.82 11.18
C LEU B 845 -3.17 -9.11 11.01
N SER B 846 -1.89 -9.02 10.64
CA SER B 846 -1.05 -10.24 10.46
C SER B 846 -0.90 -10.94 11.81
N PHE B 847 -0.70 -10.20 12.89
CA PHE B 847 -0.60 -10.80 14.26
C PHE B 847 -1.95 -11.35 14.72
N LEU B 848 -3.09 -10.72 14.40
CA LEU B 848 -4.41 -11.27 14.77
C LEU B 848 -4.60 -12.61 14.04
N VAL B 849 -4.14 -12.70 12.80
CA VAL B 849 -4.30 -13.94 11.98
C VAL B 849 -3.39 -15.04 12.53
N ARG B 850 -2.11 -14.74 12.80
CA ARG B 850 -1.18 -15.72 13.44
C ARG B 850 -1.79 -16.24 14.74
N ALA B 851 -2.46 -15.38 15.49
CA ALA B 851 -3.00 -15.71 16.82
C ALA B 851 -4.37 -16.37 16.67
N GLY B 852 -4.82 -16.62 15.44
CA GLY B 852 -6.15 -17.20 15.19
C GLY B 852 -7.28 -16.43 15.86
N LYS B 853 -7.16 -15.10 15.98
CA LYS B 853 -8.23 -14.22 16.56
C LYS B 853 -9.14 -13.61 15.50
N PRO B 854 -10.46 -13.48 15.78
CA PRO B 854 -11.39 -12.78 14.89
C PRO B 854 -11.32 -11.26 14.97
N TYR B 855 -11.78 -10.60 13.91
CA TYR B 855 -11.76 -9.12 13.76
C TYR B 855 -12.72 -8.69 12.67
N ASP B 856 -13.27 -7.50 12.81
CA ASP B 856 -14.05 -6.80 11.75
C ASP B 856 -13.20 -5.62 11.28
N LEU B 857 -13.29 -5.25 10.00
CA LEU B 857 -12.47 -4.16 9.44
C LEU B 857 -13.32 -3.32 8.51
N GLN B 858 -13.02 -2.04 8.42
CA GLN B 858 -13.69 -1.08 7.50
C GLN B 858 -12.58 -0.22 6.93
N ILE B 859 -12.65 0.15 5.67
CA ILE B 859 -11.61 1.01 5.04
C ILE B 859 -12.29 2.11 4.25
N TYR B 860 -11.72 3.32 4.35
CA TYR B 860 -12.16 4.53 3.62
C TYR B 860 -11.04 4.94 2.68
N PRO B 861 -10.95 4.37 1.46
CA PRO B 861 -9.77 4.52 0.60
C PRO B 861 -9.34 5.95 0.23
N GLN B 862 -10.27 6.91 0.13
CA GLN B 862 -9.90 8.32 -0.13
C GLN B 862 -10.58 9.22 0.90
N VAL B 869 -13.50 14.02 2.72
CA VAL B 869 -14.59 13.70 1.75
C VAL B 869 -15.85 13.36 2.55
N PRO B 870 -16.96 14.12 2.39
CA PRO B 870 -18.20 13.87 3.14
C PRO B 870 -18.76 12.43 3.13
N GLU B 871 -18.60 11.69 2.03
CA GLU B 871 -19.23 10.36 1.80
C GLU B 871 -18.68 9.31 2.79
N SER B 872 -17.37 9.37 3.07
CA SER B 872 -16.65 8.50 4.03
C SER B 872 -17.22 8.73 5.45
N GLY B 873 -17.25 9.98 5.93
CA GLY B 873 -17.85 10.37 7.22
C GLY B 873 -19.23 9.75 7.41
N GLU B 874 -20.11 9.92 6.43
CA GLU B 874 -21.50 9.37 6.50
C GLU B 874 -21.44 7.84 6.64
N HIS B 875 -20.54 7.16 5.94
CA HIS B 875 -20.47 5.68 5.95
C HIS B 875 -19.97 5.22 7.33
N TYR B 876 -18.97 5.92 7.87
CA TYR B 876 -18.40 5.68 9.23
C TYR B 876 -19.54 5.65 10.27
N GLU B 877 -20.27 6.77 10.38
CA GLU B 877 -21.35 7.02 11.37
C GLU B 877 -22.47 5.98 11.21
N LEU B 878 -22.86 5.69 9.97
CA LEU B 878 -23.86 4.63 9.66
C LEU B 878 -23.34 3.28 10.17
N HIS B 879 -22.11 2.89 9.78
CA HIS B 879 -21.49 1.61 10.18
C HIS B 879 -21.33 1.57 11.70
N LEU B 880 -20.86 2.66 12.30
CA LEU B 880 -20.66 2.72 13.78
C LEU B 880 -22.01 2.48 14.48
N LEU B 881 -23.05 3.23 14.11
CA LEU B 881 -24.36 3.11 14.79
C LEU B 881 -24.88 1.68 14.57
N HIS B 882 -24.75 1.18 13.36
CA HIS B 882 -25.30 -0.15 13.01
C HIS B 882 -24.53 -1.23 13.78
N TYR B 883 -23.21 -1.11 13.90
CA TYR B 883 -22.41 -2.08 14.64
C TYR B 883 -22.83 -2.08 16.11
N LEU B 884 -22.94 -0.89 16.73
CA LEU B 884 -23.29 -0.74 18.17
C LEU B 884 -24.68 -1.36 18.38
N GLN B 885 -25.61 -1.14 17.45
CA GLN B 885 -27.00 -1.68 17.52
C GLN B 885 -26.91 -3.22 17.53
N GLU B 886 -26.42 -3.80 16.43
CA GLU B 886 -26.39 -5.27 16.20
C GLU B 886 -25.42 -5.99 17.16
N ASN B 887 -24.52 -5.29 17.87
CA ASN B 887 -23.48 -6.00 18.67
C ASN B 887 -23.44 -5.51 20.12
N LEU B 888 -24.20 -4.46 20.49
CA LEU B 888 -24.23 -3.96 21.89
C LEU B 888 -25.68 -3.71 22.34
N GLY B 889 -26.36 -2.83 21.63
CA GLY B 889 -27.55 -2.12 22.12
C GLY B 889 -28.80 -2.98 22.05
N SER B 890 -29.05 -3.57 20.89
CA SER B 890 -30.38 -4.05 20.45
C SER B 890 -30.74 -5.37 21.15
N ARG B 891 -31.98 -5.80 20.93
CA ARG B 891 -32.50 -7.10 21.39
C ARG B 891 -31.57 -8.19 20.83
N ILE B 892 -31.45 -8.23 19.49
CA ILE B 892 -30.71 -9.29 18.74
C ILE B 892 -29.27 -9.39 19.24
N ALA B 893 -28.69 -8.30 19.73
CA ALA B 893 -27.30 -8.27 20.24
C ALA B 893 -27.14 -9.23 21.43
N ALA B 894 -28.04 -9.18 22.41
CA ALA B 894 -27.95 -10.02 23.64
C ALA B 894 -28.24 -11.49 23.30
N LEU B 895 -29.15 -11.77 22.35
CA LEU B 895 -29.45 -13.14 21.84
C LEU B 895 -28.18 -13.80 21.30
N LYS B 896 -27.41 -13.04 20.52
CA LYS B 896 -26.21 -13.45 19.72
C LYS B 896 -25.09 -14.10 20.54
N VAL B 897 -24.91 -13.77 21.83
CA VAL B 897 -23.78 -14.36 22.63
C VAL B 897 -23.81 -15.88 22.49
#